data_1AFJ
#
_entry.id   1AFJ
#
_cell.length_a   1.000
_cell.length_b   1.000
_cell.length_c   1.000
_cell.angle_alpha   90.00
_cell.angle_beta   90.00
_cell.angle_gamma   90.00
#
_symmetry.space_group_name_H-M   'P 1'
#
loop_
_entity.id
_entity.type
_entity.pdbx_description
1 polymer MERP
2 non-polymer 'MERCURY (II) ION'
#
_entity_poly.entity_id   1
_entity_poly.type   'polypeptide(L)'
_entity_poly.pdbx_seq_one_letter_code
;ATQTVTLAVPGMTCAACPITVKKALSKVEGVSKVDVGFEKREAVVTFDDTKASVQKLTKATADAGYPSSVKQ
;
_entity_poly.pdbx_strand_id   A
#
loop_
_chem_comp.id
_chem_comp.type
_chem_comp.name
_chem_comp.formula
HG non-polymer 'MERCURY (II) ION' 'Hg 2'
#
# COMPACT_ATOMS: atom_id res chain seq x y z
N ALA A 1 13.27 3.17 11.65
CA ALA A 1 12.52 2.04 11.01
C ALA A 1 11.01 2.29 11.12
N THR A 2 10.55 3.40 10.65
CA THR A 2 9.11 3.73 10.71
C THR A 2 8.83 4.78 9.66
N GLN A 3 8.45 4.39 8.49
CA GLN A 3 8.21 5.39 7.41
C GLN A 3 6.76 5.37 6.93
N THR A 4 6.34 6.43 6.29
CA THR A 4 4.95 6.53 5.77
C THR A 4 4.98 7.13 4.36
N VAL A 5 4.46 6.43 3.40
CA VAL A 5 4.46 6.95 2.01
C VAL A 5 3.09 6.80 1.38
N THR A 6 2.93 7.32 0.20
CA THR A 6 1.63 7.20 -0.50
C THR A 6 1.81 6.20 -1.63
N LEU A 7 0.75 5.68 -2.18
CA LEU A 7 0.94 4.69 -3.27
C LEU A 7 0.00 4.96 -4.44
N ALA A 8 0.49 4.71 -5.63
CA ALA A 8 -0.34 4.92 -6.85
C ALA A 8 -0.59 3.56 -7.51
N VAL A 9 -1.74 2.98 -7.28
CA VAL A 9 -2.02 1.64 -7.89
C VAL A 9 -3.11 1.71 -8.96
N PRO A 10 -2.74 2.13 -10.14
CA PRO A 10 -3.71 2.22 -11.26
C PRO A 10 -4.17 0.83 -11.72
N GLY A 11 -3.64 -0.22 -11.13
CA GLY A 11 -4.03 -1.60 -11.55
C GLY A 11 -5.56 -1.71 -11.65
N MET A 12 -6.28 -0.90 -10.91
CA MET A 12 -7.76 -0.97 -10.97
C MET A 12 -8.37 0.42 -10.71
N THR A 13 -9.64 0.48 -10.43
CA THR A 13 -10.28 1.81 -10.16
C THR A 13 -11.78 1.66 -9.86
N CYS A 14 -12.11 1.07 -8.74
CA CYS A 14 -13.55 0.90 -8.39
C CYS A 14 -13.67 0.50 -6.91
N ALA A 15 -14.86 0.38 -6.42
CA ALA A 15 -15.03 -0.01 -4.98
C ALA A 15 -14.82 -1.52 -4.82
N ALA A 16 -13.60 -1.97 -4.88
CA ALA A 16 -13.33 -3.43 -4.73
C ALA A 16 -11.84 -3.75 -4.85
N CYS A 17 -11.19 -3.26 -5.88
CA CYS A 17 -9.73 -3.58 -6.07
C CYS A 17 -8.81 -2.57 -5.37
N PRO A 18 -9.10 -1.29 -5.47
CA PRO A 18 -8.21 -0.30 -4.83
C PRO A 18 -8.29 -0.51 -3.32
N ILE A 19 -9.47 -0.75 -2.82
CA ILE A 19 -9.61 -1.03 -1.36
C ILE A 19 -8.80 -2.28 -1.01
N THR A 20 -8.63 -3.17 -1.97
CA THR A 20 -7.85 -4.40 -1.71
C THR A 20 -6.40 -4.01 -1.48
N VAL A 21 -5.99 -2.92 -2.07
CA VAL A 21 -4.62 -2.45 -1.86
C VAL A 21 -4.46 -2.08 -0.40
N LYS A 22 -5.53 -1.63 0.20
CA LYS A 22 -5.47 -1.29 1.63
C LYS A 22 -5.23 -2.57 2.39
N LYS A 23 -5.86 -3.63 1.96
CA LYS A 23 -5.66 -4.92 2.64
C LYS A 23 -4.24 -5.42 2.37
N ALA A 24 -3.66 -4.97 1.30
CA ALA A 24 -2.28 -5.38 0.94
C ALA A 24 -1.27 -4.75 1.90
N LEU A 25 -1.27 -3.45 2.01
CA LEU A 25 -0.31 -2.78 2.94
C LEU A 25 -0.57 -3.25 4.37
N SER A 26 -1.79 -3.57 4.67
CA SER A 26 -2.11 -4.04 6.04
C SER A 26 -1.58 -5.46 6.21
N LYS A 27 -1.43 -6.16 5.12
CA LYS A 27 -0.91 -7.54 5.19
C LYS A 27 0.52 -7.58 4.63
N VAL A 28 1.09 -6.45 4.33
CA VAL A 28 2.47 -6.43 3.76
C VAL A 28 3.48 -7.02 4.76
N GLU A 29 3.46 -6.60 5.99
CA GLU A 29 4.43 -7.16 7.00
C GLU A 29 4.48 -6.28 8.26
N GLY A 30 5.28 -5.25 8.24
CA GLY A 30 5.42 -4.37 9.44
C GLY A 30 4.43 -3.21 9.39
N VAL A 31 3.57 -3.18 8.40
CA VAL A 31 2.58 -2.06 8.32
C VAL A 31 2.02 -1.74 9.70
N SER A 32 2.06 -0.49 10.06
CA SER A 32 1.53 -0.09 11.40
C SER A 32 0.24 0.68 11.21
N LYS A 33 0.01 1.14 10.01
CA LYS A 33 -1.25 1.90 9.75
C LYS A 33 -1.52 1.94 8.23
N VAL A 34 -2.75 2.12 7.85
CA VAL A 34 -3.07 2.14 6.39
C VAL A 34 -4.29 3.04 6.11
N ASP A 35 -4.29 3.70 4.99
CA ASP A 35 -5.44 4.58 4.64
C ASP A 35 -5.39 4.87 3.15
N VAL A 36 -6.08 4.09 2.36
CA VAL A 36 -6.04 4.31 0.89
C VAL A 36 -7.36 4.87 0.38
N GLY A 37 -7.55 4.82 -0.91
CA GLY A 37 -8.81 5.33 -1.51
C GLY A 37 -9.23 4.37 -2.62
N PHE A 38 -10.39 3.79 -2.49
CA PHE A 38 -10.89 2.82 -3.51
C PHE A 38 -10.73 3.36 -4.95
N GLU A 39 -11.83 3.55 -5.65
CA GLU A 39 -11.76 4.06 -7.06
C GLU A 39 -10.61 5.06 -7.24
N LYS A 40 -10.24 5.77 -6.21
CA LYS A 40 -9.13 6.76 -6.33
C LYS A 40 -7.76 6.08 -6.20
N ARG A 41 -7.67 4.83 -6.61
CA ARG A 41 -6.39 4.04 -6.53
C ARG A 41 -5.26 4.80 -5.81
N GLU A 42 -5.40 5.01 -4.54
CA GLU A 42 -4.31 5.73 -3.81
C GLU A 42 -4.16 5.18 -2.39
N ALA A 43 -3.06 4.55 -2.09
CA ALA A 43 -2.89 3.99 -0.72
C ALA A 43 -1.82 4.75 0.08
N VAL A 44 -2.19 5.32 1.19
CA VAL A 44 -1.18 6.02 2.04
C VAL A 44 -0.97 5.15 3.28
N VAL A 45 0.21 4.63 3.46
CA VAL A 45 0.40 3.73 4.63
C VAL A 45 1.65 4.05 5.44
N THR A 46 1.61 3.69 6.69
CA THR A 46 2.76 3.90 7.60
C THR A 46 3.24 2.54 8.02
N PHE A 47 4.46 2.41 8.46
CA PHE A 47 4.93 1.07 8.86
C PHE A 47 6.30 1.16 9.53
N ASP A 48 6.84 0.03 9.88
CA ASP A 48 8.18 0.00 10.50
C ASP A 48 9.15 -0.56 9.48
N ASP A 49 10.03 0.26 8.98
CA ASP A 49 10.99 -0.21 7.95
C ASP A 49 11.82 -1.39 8.48
N THR A 50 11.78 -1.64 9.76
CA THR A 50 12.55 -2.78 10.32
C THR A 50 12.08 -4.10 9.69
N LYS A 51 10.83 -4.20 9.36
CA LYS A 51 10.32 -5.46 8.75
C LYS A 51 9.59 -5.15 7.43
N ALA A 52 9.46 -3.90 7.09
CA ALA A 52 8.76 -3.54 5.82
C ALA A 52 9.46 -2.34 5.17
N SER A 53 8.84 -1.75 4.19
CA SER A 53 9.47 -0.57 3.52
C SER A 53 8.57 -0.07 2.39
N VAL A 54 8.68 1.18 2.04
CA VAL A 54 7.84 1.72 0.95
C VAL A 54 7.80 0.72 -0.21
N GLN A 55 8.89 0.04 -0.46
CA GLN A 55 8.90 -0.95 -1.55
C GLN A 55 7.95 -2.09 -1.20
N LYS A 56 8.02 -2.58 0.00
CA LYS A 56 7.12 -3.69 0.42
C LYS A 56 5.66 -3.22 0.38
N LEU A 57 5.42 -1.94 0.51
CA LEU A 57 4.00 -1.45 0.46
C LEU A 57 3.49 -1.60 -0.97
N THR A 58 4.18 -1.03 -1.91
CA THR A 58 3.78 -1.13 -3.33
C THR A 58 3.85 -2.60 -3.76
N LYS A 59 4.63 -3.39 -3.05
CA LYS A 59 4.73 -4.81 -3.40
C LYS A 59 3.55 -5.56 -2.79
N ALA A 60 3.00 -5.07 -1.72
CA ALA A 60 1.83 -5.75 -1.11
C ALA A 60 0.62 -5.59 -2.01
N THR A 61 0.41 -4.41 -2.55
CA THR A 61 -0.73 -4.23 -3.47
C THR A 61 -0.35 -4.87 -4.80
N ALA A 62 0.89 -4.74 -5.17
CA ALA A 62 1.34 -5.38 -6.42
C ALA A 62 1.16 -6.88 -6.26
N ASP A 63 1.14 -7.34 -5.02
CA ASP A 63 0.94 -8.78 -4.77
C ASP A 63 -0.55 -9.08 -4.72
N ALA A 64 -1.36 -8.09 -4.42
CA ALA A 64 -2.82 -8.32 -4.39
C ALA A 64 -3.33 -8.41 -5.82
N GLY A 65 -2.53 -7.95 -6.74
CA GLY A 65 -2.96 -8.01 -8.17
C GLY A 65 -3.14 -6.59 -8.69
N TYR A 66 -2.42 -5.65 -8.12
CA TYR A 66 -2.55 -4.25 -8.56
C TYR A 66 -1.17 -3.58 -8.63
N PRO A 67 -0.49 -3.83 -9.73
CA PRO A 67 0.87 -3.25 -9.91
C PRO A 67 0.83 -1.74 -9.69
N SER A 68 1.18 -1.30 -8.52
CA SER A 68 1.15 0.16 -8.22
C SER A 68 2.56 0.74 -8.11
N SER A 69 2.66 1.89 -7.51
CA SER A 69 4.00 2.54 -7.34
C SER A 69 4.01 3.28 -6.02
N VAL A 70 5.00 4.09 -5.77
CA VAL A 70 5.03 4.80 -4.49
C VAL A 70 5.50 6.24 -4.67
N LYS A 71 5.10 7.12 -3.79
CA LYS A 71 5.50 8.55 -3.92
C LYS A 71 5.41 9.26 -2.58
N GLN A 72 6.15 8.82 -1.61
CA GLN A 72 6.13 9.47 -0.27
C GLN A 72 6.02 10.98 -0.42
HG HG B . -12.74 -3.15 -8.45
N ALA A 1 -12.68 2.37 -13.07
CA ALA A 1 -12.29 1.43 -11.98
C ALA A 1 -10.81 1.07 -12.11
N THR A 2 -9.96 2.06 -12.18
CA THR A 2 -8.51 1.82 -12.30
C THR A 2 -7.79 3.09 -11.88
N GLN A 3 -7.45 3.19 -10.63
CA GLN A 3 -6.77 4.45 -10.17
C GLN A 3 -5.47 4.15 -9.42
N THR A 4 -4.65 5.15 -9.27
CA THR A 4 -3.35 4.97 -8.56
C THR A 4 -3.25 6.01 -7.43
N VAL A 5 -2.85 5.58 -6.27
CA VAL A 5 -2.73 6.53 -5.13
C VAL A 5 -1.43 6.29 -4.37
N THR A 6 -1.09 7.17 -3.49
CA THR A 6 0.16 7.00 -2.69
C THR A 6 -0.24 6.66 -1.27
N LEU A 7 0.64 6.12 -0.50
CA LEU A 7 0.24 5.74 0.89
C LEU A 7 1.28 6.22 1.91
N ALA A 8 0.84 6.41 3.11
CA ALA A 8 1.76 6.84 4.19
C ALA A 8 1.73 5.82 5.33
N VAL A 9 2.70 4.95 5.39
CA VAL A 9 2.70 3.90 6.46
C VAL A 9 3.84 4.13 7.48
N PRO A 10 3.55 4.90 8.49
CA PRO A 10 4.55 5.18 9.56
C PRO A 10 4.84 3.92 10.38
N GLY A 11 4.11 2.87 10.16
CA GLY A 11 4.34 1.62 10.93
C GLY A 11 5.60 0.92 10.42
N MET A 12 6.26 1.48 9.45
CA MET A 12 7.50 0.84 8.92
C MET A 12 8.72 1.38 9.64
N THR A 13 9.90 0.87 9.35
CA THR A 13 11.12 1.38 10.05
C THR A 13 12.42 0.68 9.60
N CYS A 14 12.38 -0.39 8.83
CA CYS A 14 13.68 -1.03 8.44
C CYS A 14 13.48 -1.98 7.25
N ALA A 15 14.35 -2.93 7.08
CA ALA A 15 14.19 -3.87 5.94
C ALA A 15 13.23 -5.02 6.33
N ALA A 16 12.01 -4.70 6.67
CA ALA A 16 11.05 -5.76 7.04
C ALA A 16 9.62 -5.21 7.16
N CYS A 17 9.45 -4.03 7.69
CA CYS A 17 8.05 -3.48 7.82
C CYS A 17 7.68 -2.58 6.63
N PRO A 18 8.56 -1.70 6.23
CA PRO A 18 8.27 -0.80 5.08
C PRO A 18 8.06 -1.63 3.81
N ILE A 19 9.04 -2.40 3.45
CA ILE A 19 8.92 -3.26 2.22
C ILE A 19 7.67 -4.15 2.29
N THR A 20 7.23 -4.52 3.47
CA THR A 20 6.03 -5.39 3.57
C THR A 20 4.82 -4.64 3.04
N VAL A 21 4.88 -3.34 3.12
CA VAL A 21 3.76 -2.53 2.62
C VAL A 21 3.71 -2.68 1.10
N LYS A 22 4.85 -2.90 0.50
CA LYS A 22 4.86 -3.08 -0.98
C LYS A 22 4.22 -4.40 -1.31
N LYS A 23 4.57 -5.42 -0.58
CA LYS A 23 3.99 -6.75 -0.85
C LYS A 23 2.51 -6.75 -0.47
N ALA A 24 2.13 -5.87 0.40
CA ALA A 24 0.70 -5.80 0.82
C ALA A 24 -0.17 -5.26 -0.32
N LEU A 25 0.22 -4.17 -0.92
CA LEU A 25 -0.58 -3.60 -2.04
C LEU A 25 -0.66 -4.61 -3.18
N SER A 26 0.44 -5.24 -3.48
CA SER A 26 0.45 -6.24 -4.58
C SER A 26 -0.33 -7.48 -4.14
N LYS A 27 -0.50 -7.64 -2.86
CA LYS A 27 -1.25 -8.82 -2.36
C LYS A 27 -2.71 -8.45 -2.15
N VAL A 28 -3.03 -7.19 -2.28
CA VAL A 28 -4.44 -6.75 -2.08
C VAL A 28 -5.37 -7.59 -2.96
N GLU A 29 -5.41 -7.31 -4.23
CA GLU A 29 -6.28 -8.06 -5.16
C GLU A 29 -6.37 -7.34 -6.51
N GLY A 30 -7.18 -6.32 -6.58
CA GLY A 30 -7.31 -5.57 -7.85
C GLY A 30 -6.01 -4.84 -8.17
N VAL A 31 -5.09 -4.83 -7.25
CA VAL A 31 -3.79 -4.13 -7.50
C VAL A 31 -3.23 -4.55 -8.86
N SER A 32 -2.95 -3.59 -9.69
CA SER A 32 -2.40 -3.90 -11.04
C SER A 32 -0.94 -3.47 -11.09
N LYS A 33 -0.51 -2.70 -10.13
CA LYS A 33 0.90 -2.25 -10.12
C LYS A 33 1.26 -1.73 -8.72
N VAL A 34 2.52 -1.67 -8.40
CA VAL A 34 2.91 -1.18 -7.05
C VAL A 34 4.28 -0.50 -7.11
N ASP A 35 4.51 0.47 -6.26
CA ASP A 35 5.80 1.18 -6.24
C ASP A 35 5.88 2.02 -4.96
N VAL A 36 6.42 1.46 -3.93
CA VAL A 36 6.47 2.22 -2.63
C VAL A 36 7.90 2.66 -2.32
N GLY A 37 8.16 2.89 -1.06
CA GLY A 37 9.50 3.31 -0.62
C GLY A 37 9.68 2.89 0.84
N PHE A 38 10.21 1.71 1.06
CA PHE A 38 10.39 1.21 2.44
C PHE A 38 10.82 2.34 3.39
N GLU A 39 12.09 2.44 3.69
CA GLU A 39 12.58 3.51 4.60
C GLU A 39 11.76 4.79 4.43
N LYS A 40 11.43 5.14 3.22
CA LYS A 40 10.61 6.37 2.99
C LYS A 40 9.12 6.03 3.09
N ARG A 41 8.76 5.28 4.12
CA ARG A 41 7.34 4.84 4.35
C ARG A 41 6.34 5.47 3.38
N GLU A 42 6.35 5.04 2.15
CA GLU A 42 5.39 5.62 1.16
C GLU A 42 5.04 4.57 0.10
N ALA A 43 3.79 4.18 0.03
CA ALA A 43 3.41 3.15 -0.99
C ALA A 43 2.57 3.77 -2.11
N VAL A 44 3.08 3.73 -3.32
CA VAL A 44 2.32 4.28 -4.47
C VAL A 44 1.86 3.10 -5.33
N VAL A 45 0.60 2.82 -5.34
CA VAL A 45 0.12 1.64 -6.11
C VAL A 45 -1.03 1.97 -7.05
N THR A 46 -1.11 1.24 -8.12
CA THR A 46 -2.21 1.41 -9.10
C THR A 46 -3.11 0.19 -8.99
N PHE A 47 -4.35 0.28 -9.38
CA PHE A 47 -5.21 -0.92 -9.27
C PHE A 47 -6.54 -0.72 -9.93
N ASP A 48 -7.38 -1.70 -9.87
CA ASP A 48 -8.74 -1.59 -10.45
C ASP A 48 -9.74 -1.49 -9.31
N ASP A 49 -10.38 -0.37 -9.18
CA ASP A 49 -11.35 -0.20 -8.06
C ASP A 49 -12.46 -1.25 -8.12
N THR A 50 -12.56 -2.00 -9.19
CA THR A 50 -13.63 -3.02 -9.28
C THR A 50 -13.41 -4.12 -8.23
N LYS A 51 -12.20 -4.31 -7.79
CA LYS A 51 -11.93 -5.36 -6.76
C LYS A 51 -11.18 -4.76 -5.57
N ALA A 52 -10.35 -3.80 -5.84
CA ALA A 52 -9.57 -3.14 -4.74
C ALA A 52 -9.95 -1.66 -4.66
N SER A 53 -9.19 -0.90 -3.93
CA SER A 53 -9.50 0.56 -3.80
C SER A 53 -8.44 1.24 -2.95
N VAL A 54 -8.23 2.51 -3.15
CA VAL A 54 -7.21 3.23 -2.35
C VAL A 54 -7.32 2.82 -0.88
N GLN A 55 -8.52 2.60 -0.41
CA GLN A 55 -8.67 2.17 1.01
C GLN A 55 -8.09 0.76 1.17
N LYS A 56 -8.41 -0.11 0.25
CA LYS A 56 -7.86 -1.50 0.33
C LYS A 56 -6.33 -1.47 0.26
N LEU A 57 -5.75 -0.47 -0.37
CA LEU A 57 -4.27 -0.40 -0.43
C LEU A 57 -3.74 -0.11 0.98
N THR A 58 -4.26 0.92 1.59
CA THR A 58 -3.84 1.27 2.97
C THR A 58 -4.29 0.15 3.90
N LYS A 59 -5.22 -0.66 3.44
CA LYS A 59 -5.70 -1.79 4.27
C LYS A 59 -4.74 -2.96 4.10
N ALA A 60 -4.04 -3.00 2.99
CA ALA A 60 -3.08 -4.11 2.77
C ALA A 60 -1.87 -3.90 3.69
N THR A 61 -1.40 -2.69 3.80
CA THR A 61 -0.27 -2.43 4.72
C THR A 61 -0.83 -2.43 6.14
N ALA A 62 -2.00 -1.88 6.30
CA ALA A 62 -2.64 -1.88 7.63
C ALA A 62 -2.81 -3.33 8.07
N ASP A 63 -2.94 -4.21 7.10
CA ASP A 63 -3.09 -5.65 7.43
C ASP A 63 -1.70 -6.26 7.62
N ALA A 64 -0.70 -5.66 7.02
CA ALA A 64 0.67 -6.19 7.20
C ALA A 64 1.12 -5.88 8.63
N GLY A 65 0.43 -4.98 9.27
CA GLY A 65 0.80 -4.62 10.66
C GLY A 65 1.36 -3.21 10.67
N TYR A 66 0.95 -2.38 9.73
CA TYR A 66 1.48 -0.99 9.68
C TYR A 66 0.33 0.00 9.42
N PRO A 67 -0.16 0.58 10.49
CA PRO A 67 -1.26 1.56 10.36
C PRO A 67 -0.84 2.72 9.45
N SER A 68 -1.18 2.63 8.19
CA SER A 68 -0.79 3.71 7.24
C SER A 68 -2.00 4.53 6.82
N SER A 69 -1.87 5.30 5.78
CA SER A 69 -3.01 6.15 5.31
C SER A 69 -2.90 6.30 3.79
N VAL A 70 -3.72 7.12 3.20
CA VAL A 70 -3.64 7.28 1.73
C VAL A 70 -3.79 8.75 1.32
N LYS A 71 -3.22 9.13 0.21
CA LYS A 71 -3.33 10.56 -0.21
C LYS A 71 -3.01 10.72 -1.69
N GLN A 72 -3.50 9.84 -2.50
CA GLN A 72 -3.25 9.93 -3.97
C GLN A 72 -1.83 10.39 -4.26
HG HG B . 11.21 -3.48 10.05
N ALA A 1 11.46 3.62 14.04
CA ALA A 1 11.18 2.77 12.84
C ALA A 1 9.67 2.79 12.52
N THR A 2 9.19 3.88 11.99
CA THR A 2 7.77 4.00 11.63
C THR A 2 7.65 5.02 10.50
N GLN A 3 7.61 4.54 9.31
CA GLN A 3 7.54 5.46 8.14
C GLN A 3 6.16 5.41 7.49
N THR A 4 5.81 6.43 6.75
CA THR A 4 4.48 6.45 6.08
C THR A 4 4.62 7.02 4.67
N VAL A 5 4.13 6.31 3.69
CA VAL A 5 4.23 6.80 2.28
C VAL A 5 2.89 6.65 1.59
N THR A 6 2.76 7.22 0.43
CA THR A 6 1.48 7.10 -0.32
C THR A 6 1.73 6.17 -1.50
N LEU A 7 0.71 5.60 -2.07
CA LEU A 7 0.95 4.67 -3.19
C LEU A 7 0.01 4.96 -4.37
N ALA A 8 0.51 4.76 -5.56
CA ALA A 8 -0.33 4.98 -6.77
C ALA A 8 -0.47 3.65 -7.51
N VAL A 9 -1.57 2.97 -7.36
CA VAL A 9 -1.71 1.64 -8.03
C VAL A 9 -2.72 1.67 -9.18
N PRO A 10 -2.27 2.16 -10.33
CA PRO A 10 -3.14 2.21 -11.53
C PRO A 10 -3.44 0.79 -12.04
N GLY A 11 -2.86 -0.22 -11.43
CA GLY A 11 -3.11 -1.62 -11.89
C GLY A 11 -4.60 -1.78 -12.21
N MET A 12 -5.43 -1.07 -11.50
CA MET A 12 -6.90 -1.17 -11.76
C MET A 12 -7.54 0.19 -11.49
N THR A 13 -8.84 0.22 -11.29
CA THR A 13 -9.51 1.53 -11.02
C THR A 13 -11.00 1.34 -10.81
N CYS A 14 -11.40 0.76 -9.71
CA CYS A 14 -12.86 0.57 -9.45
C CYS A 14 -13.06 0.13 -8.00
N ALA A 15 -14.27 -0.12 -7.59
CA ALA A 15 -14.50 -0.55 -6.18
C ALA A 15 -14.16 -2.03 -6.03
N ALA A 16 -12.91 -2.38 -6.03
CA ALA A 16 -12.54 -3.83 -5.89
C ALA A 16 -11.02 -4.03 -5.93
N CYS A 17 -10.35 -3.50 -6.92
CA CYS A 17 -8.87 -3.71 -7.02
C CYS A 17 -8.07 -2.67 -6.23
N PRO A 18 -8.43 -1.40 -6.31
CA PRO A 18 -7.66 -0.38 -5.57
C PRO A 18 -7.81 -0.64 -4.07
N ILE A 19 -8.99 -0.92 -3.63
CA ILE A 19 -9.19 -1.22 -2.18
C ILE A 19 -8.43 -2.50 -1.80
N THR A 20 -8.19 -3.37 -2.75
CA THR A 20 -7.44 -4.62 -2.43
C THR A 20 -6.04 -4.23 -2.01
N VAL A 21 -5.61 -3.08 -2.43
CA VAL A 21 -4.27 -2.61 -2.07
C VAL A 21 -4.30 -2.24 -0.58
N LYS A 22 -5.42 -1.76 -0.11
CA LYS A 22 -5.51 -1.42 1.32
C LYS A 22 -5.34 -2.70 2.11
N LYS A 23 -5.89 -3.77 1.61
CA LYS A 23 -5.75 -5.06 2.33
C LYS A 23 -4.30 -5.51 2.24
N ALA A 24 -3.65 -5.18 1.18
CA ALA A 24 -2.22 -5.56 1.00
C ALA A 24 -1.36 -4.91 2.09
N LEU A 25 -1.47 -3.62 2.26
CA LEU A 25 -0.65 -2.94 3.31
C LEU A 25 -1.17 -3.35 4.68
N SER A 26 -2.43 -3.67 4.77
CA SER A 26 -2.99 -4.08 6.08
C SER A 26 -2.37 -5.40 6.50
N LYS A 27 -1.92 -6.16 5.55
CA LYS A 27 -1.29 -7.46 5.89
C LYS A 27 0.09 -7.57 5.23
N VAL A 28 0.65 -6.47 4.80
CA VAL A 28 1.98 -6.52 4.14
C VAL A 28 3.03 -7.08 5.10
N GLU A 29 3.07 -6.59 6.32
CA GLU A 29 4.08 -7.10 7.29
C GLU A 29 4.01 -6.31 8.60
N GLY A 30 4.69 -5.20 8.67
CA GLY A 30 4.69 -4.40 9.92
C GLY A 30 3.71 -3.22 9.82
N VAL A 31 2.93 -3.17 8.78
CA VAL A 31 1.96 -2.05 8.63
C VAL A 31 1.33 -1.71 9.98
N SER A 32 1.33 -0.46 10.32
CA SER A 32 0.72 -0.03 11.60
C SER A 32 -0.55 0.75 11.31
N LYS A 33 -0.70 1.19 10.10
CA LYS A 33 -1.93 1.95 9.73
C LYS A 33 -2.11 1.94 8.21
N VAL A 34 -3.29 2.18 7.73
CA VAL A 34 -3.51 2.16 6.25
C VAL A 34 -4.76 2.97 5.87
N ASP A 35 -4.77 3.51 4.69
CA ASP A 35 -5.94 4.31 4.24
C ASP A 35 -5.77 4.59 2.74
N VAL A 36 -6.40 3.82 1.90
CA VAL A 36 -6.23 4.04 0.42
C VAL A 36 -7.47 4.63 -0.22
N GLY A 37 -7.61 4.43 -1.51
CA GLY A 37 -8.78 4.96 -2.24
C GLY A 37 -9.13 3.99 -3.38
N PHE A 38 -10.33 3.50 -3.39
CA PHE A 38 -10.78 2.55 -4.45
C PHE A 38 -10.53 3.10 -5.86
N GLU A 39 -11.52 3.08 -6.72
CA GLU A 39 -11.37 3.59 -8.13
C GLU A 39 -10.23 4.61 -8.28
N LYS A 40 -10.03 5.47 -7.32
CA LYS A 40 -8.92 6.47 -7.44
C LYS A 40 -7.57 5.85 -7.05
N ARG A 41 -7.38 4.57 -7.31
CA ARG A 41 -6.09 3.86 -6.99
C ARG A 41 -5.12 4.71 -6.16
N GLU A 42 -5.24 4.68 -4.86
CA GLU A 42 -4.30 5.49 -4.03
C GLU A 42 -4.21 4.90 -2.62
N ALA A 43 -3.09 4.32 -2.26
CA ALA A 43 -2.99 3.72 -0.90
C ALA A 43 -1.96 4.46 -0.04
N VAL A 44 -2.40 5.05 1.03
CA VAL A 44 -1.45 5.76 1.94
C VAL A 44 -1.33 4.92 3.20
N VAL A 45 -0.15 4.49 3.54
CA VAL A 45 -0.04 3.62 4.75
C VAL A 45 1.19 3.93 5.60
N THR A 46 1.06 3.66 6.87
CA THR A 46 2.18 3.86 7.83
C THR A 46 2.65 2.48 8.29
N PHE A 47 3.81 2.36 8.84
CA PHE A 47 4.26 1.02 9.28
C PHE A 47 5.55 1.12 10.06
N ASP A 48 6.08 0.01 10.45
CA ASP A 48 7.36 0.01 11.18
C ASP A 48 8.42 -0.50 10.22
N ASP A 49 9.44 0.28 9.98
CA ASP A 49 10.47 -0.17 8.99
C ASP A 49 11.22 -1.40 9.52
N THR A 50 10.94 -1.83 10.72
CA THR A 50 11.63 -3.02 11.27
C THR A 50 11.04 -4.30 10.65
N LYS A 51 9.81 -4.25 10.23
CA LYS A 51 9.18 -5.46 9.62
C LYS A 51 8.62 -5.14 8.24
N ALA A 52 8.62 -3.89 7.86
CA ALA A 52 8.10 -3.51 6.52
C ALA A 52 8.87 -2.32 5.97
N SER A 53 8.38 -1.72 4.93
CA SER A 53 9.10 -0.56 4.34
C SER A 53 8.31 0.00 3.15
N VAL A 54 8.47 1.26 2.88
CA VAL A 54 7.74 1.88 1.73
C VAL A 54 7.78 0.91 0.54
N GLN A 55 8.90 0.27 0.34
CA GLN A 55 8.98 -0.71 -0.79
C GLN A 55 8.03 -1.87 -0.51
N LYS A 56 8.04 -2.37 0.70
CA LYS A 56 7.13 -3.50 1.05
C LYS A 56 5.67 -3.09 0.88
N LEU A 57 5.37 -1.82 0.94
CA LEU A 57 3.94 -1.40 0.76
C LEU A 57 3.60 -1.52 -0.73
N THR A 58 4.41 -0.93 -1.57
CA THR A 58 4.16 -1.04 -3.03
C THR A 58 4.32 -2.49 -3.44
N LYS A 59 4.96 -3.27 -2.61
CA LYS A 59 5.14 -4.71 -2.93
C LYS A 59 3.87 -5.45 -2.53
N ALA A 60 3.15 -4.95 -1.57
CA ALA A 60 1.89 -5.63 -1.16
C ALA A 60 0.85 -5.46 -2.25
N THR A 61 0.76 -4.29 -2.83
CA THR A 61 -0.22 -4.10 -3.93
C THR A 61 0.36 -4.76 -5.17
N ALA A 62 1.64 -4.61 -5.35
CA ALA A 62 2.30 -5.25 -6.51
C ALA A 62 2.09 -6.76 -6.37
N ASP A 63 1.92 -7.22 -5.16
CA ASP A 63 1.68 -8.67 -4.95
C ASP A 63 0.18 -8.95 -4.97
N ALA A 64 -0.61 -7.93 -4.77
CA ALA A 64 -2.09 -8.13 -4.82
C ALA A 64 -2.49 -8.32 -6.28
N GLY A 65 -1.63 -7.92 -7.18
CA GLY A 65 -1.95 -8.06 -8.62
C GLY A 65 -2.18 -6.68 -9.21
N TYR A 66 -1.55 -5.69 -8.65
CA TYR A 66 -1.74 -4.30 -9.19
C TYR A 66 -0.40 -3.57 -9.26
N PRO A 67 0.16 -3.50 -10.45
CA PRO A 67 1.45 -2.79 -10.64
C PRO A 67 1.32 -1.34 -10.20
N SER A 68 1.68 -1.05 -8.98
CA SER A 68 1.56 0.34 -8.47
C SER A 68 2.93 1.01 -8.32
N SER A 69 2.96 2.15 -7.67
CA SER A 69 4.24 2.87 -7.46
C SER A 69 4.21 3.51 -6.07
N VAL A 70 5.25 4.17 -5.67
CA VAL A 70 5.24 4.76 -4.31
C VAL A 70 5.84 6.17 -4.28
N LYS A 71 5.34 7.00 -3.40
CA LYS A 71 5.86 8.37 -3.31
C LYS A 71 6.06 8.75 -1.84
N GLN A 72 7.09 8.27 -1.23
CA GLN A 72 7.35 8.60 0.21
C GLN A 72 7.50 10.10 0.39
HG HG B . -11.74 -3.38 -9.59
N ALA A 1 -12.62 1.88 -13.18
CA ALA A 1 -12.23 1.04 -12.01
C ALA A 1 -10.72 0.80 -12.01
N THR A 2 -9.95 1.85 -12.04
CA THR A 2 -8.49 1.74 -12.04
C THR A 2 -7.94 3.03 -11.47
N GLN A 3 -7.69 3.07 -10.20
CA GLN A 3 -7.22 4.35 -9.59
C GLN A 3 -5.78 4.23 -9.06
N THR A 4 -5.34 5.23 -8.35
CA THR A 4 -3.96 5.21 -7.79
C THR A 4 -3.92 6.07 -6.52
N VAL A 5 -2.98 5.83 -5.65
CA VAL A 5 -2.89 6.62 -4.39
C VAL A 5 -1.60 6.32 -3.66
N THR A 6 -1.33 7.10 -2.67
CA THR A 6 -0.11 6.89 -1.87
C THR A 6 -0.55 6.39 -0.50
N LEU A 7 0.34 5.86 0.28
CA LEU A 7 -0.08 5.35 1.61
C LEU A 7 0.86 5.80 2.71
N ALA A 8 0.30 6.04 3.87
CA ALA A 8 1.15 6.47 5.02
C ALA A 8 1.19 5.35 6.05
N VAL A 9 2.24 4.57 6.07
CA VAL A 9 2.31 3.44 7.04
C VAL A 9 3.37 3.67 8.12
N PRO A 10 3.04 4.47 9.10
CA PRO A 10 3.98 4.76 10.22
C PRO A 10 4.20 3.50 11.07
N GLY A 11 3.52 2.43 10.78
CA GLY A 11 3.70 1.17 11.57
C GLY A 11 5.19 0.96 11.85
N MET A 12 6.01 1.17 10.84
CA MET A 12 7.47 0.99 11.04
C MET A 12 8.23 2.10 10.31
N THR A 13 9.48 1.90 10.00
CA THR A 13 10.25 2.96 9.29
C THR A 13 11.68 2.50 9.01
N CYS A 14 11.87 1.70 8.00
CA CYS A 14 13.25 1.23 7.68
C CYS A 14 13.21 0.34 6.43
N ALA A 15 14.32 -0.21 6.04
CA ALA A 15 14.32 -1.07 4.83
C ALA A 15 13.85 -2.48 5.18
N ALA A 16 12.59 -2.65 5.48
CA ALA A 16 12.08 -4.01 5.83
C ALA A 16 10.57 -4.01 6.07
N CYS A 17 10.05 -3.06 6.81
CA CYS A 17 8.58 -3.06 7.09
C CYS A 17 7.78 -2.21 6.09
N PRO A 18 8.26 -1.04 5.75
CA PRO A 18 7.52 -0.19 4.79
C PRO A 18 7.50 -0.89 3.43
N ILE A 19 8.60 -1.52 3.09
CA ILE A 19 8.66 -2.26 1.80
C ILE A 19 7.66 -3.43 1.84
N THR A 20 7.48 -4.00 3.00
CA THR A 20 6.52 -5.12 3.14
C THR A 20 5.15 -4.63 2.76
N VAL A 21 4.97 -3.34 2.80
CA VAL A 21 3.66 -2.79 2.42
C VAL A 21 3.53 -2.86 0.91
N LYS A 22 4.63 -2.65 0.23
CA LYS A 22 4.61 -2.72 -1.25
C LYS A 22 4.17 -4.12 -1.63
N LYS A 23 4.56 -5.08 -0.85
CA LYS A 23 4.16 -6.47 -1.16
C LYS A 23 2.65 -6.62 -0.95
N ALA A 24 2.17 -6.12 0.14
CA ALA A 24 0.72 -6.21 0.44
C ALA A 24 -0.13 -5.68 -0.71
N LEU A 25 0.09 -4.45 -1.10
CA LEU A 25 -0.72 -3.88 -2.22
C LEU A 25 -0.39 -4.62 -3.51
N SER A 26 0.81 -5.08 -3.64
CA SER A 26 1.20 -5.83 -4.87
C SER A 26 0.37 -7.10 -4.94
N LYS A 27 -0.17 -7.52 -3.83
CA LYS A 27 -0.99 -8.75 -3.83
C LYS A 27 -2.34 -8.51 -3.14
N VAL A 28 -2.70 -7.26 -2.96
CA VAL A 28 -4.00 -6.97 -2.28
C VAL A 28 -5.17 -7.68 -3.00
N GLU A 29 -5.36 -7.44 -4.28
CA GLU A 29 -6.47 -8.11 -5.01
C GLU A 29 -6.63 -7.51 -6.42
N GLY A 30 -6.71 -6.22 -6.52
CA GLY A 30 -6.88 -5.59 -7.87
C GLY A 30 -5.68 -4.69 -8.18
N VAL A 31 -4.71 -4.67 -7.32
CA VAL A 31 -3.51 -3.81 -7.57
C VAL A 31 -2.96 -4.05 -8.96
N SER A 32 -2.65 -2.99 -9.66
CA SER A 32 -2.06 -3.13 -11.00
C SER A 32 -0.66 -2.54 -10.98
N LYS A 33 -0.31 -1.90 -9.90
CA LYS A 33 1.05 -1.31 -9.80
C LYS A 33 1.47 -1.17 -8.33
N VAL A 34 2.74 -1.03 -8.10
CA VAL A 34 3.23 -0.88 -6.70
C VAL A 34 4.55 -0.10 -6.69
N ASP A 35 4.69 0.79 -5.76
CA ASP A 35 5.94 1.60 -5.66
C ASP A 35 5.93 2.34 -4.32
N VAL A 36 6.51 1.75 -3.31
CA VAL A 36 6.48 2.40 -1.97
C VAL A 36 7.85 2.96 -1.59
N GLY A 37 8.09 3.06 -0.31
CA GLY A 37 9.39 3.58 0.18
C GLY A 37 9.74 2.89 1.49
N PHE A 38 10.77 2.07 1.46
CA PHE A 38 11.21 1.34 2.69
C PHE A 38 12.08 2.22 3.58
N GLU A 39 11.50 3.25 4.10
CA GLU A 39 12.27 4.19 4.98
C GLU A 39 11.35 5.29 5.48
N LYS A 40 10.86 6.11 4.59
CA LYS A 40 9.92 7.18 5.01
C LYS A 40 8.49 6.63 4.92
N ARG A 41 8.32 5.40 5.36
CA ARG A 41 6.98 4.72 5.33
C ARG A 41 6.06 5.31 4.28
N GLU A 42 6.16 4.88 3.05
CA GLU A 42 5.24 5.46 2.02
C GLU A 42 4.93 4.45 0.91
N ALA A 43 3.69 4.04 0.77
CA ALA A 43 3.35 3.05 -0.30
C ALA A 43 2.50 3.70 -1.40
N VAL A 44 3.01 3.75 -2.60
CA VAL A 44 2.22 4.33 -3.72
C VAL A 44 1.81 3.21 -4.66
N VAL A 45 0.55 2.94 -4.75
CA VAL A 45 0.13 1.80 -5.62
C VAL A 45 -1.10 2.13 -6.47
N THR A 46 -1.20 1.50 -7.61
CA THR A 46 -2.39 1.70 -8.50
C THR A 46 -3.18 0.40 -8.45
N PHE A 47 -4.39 0.39 -8.92
CA PHE A 47 -5.17 -0.86 -8.87
C PHE A 47 -6.48 -0.72 -9.61
N ASP A 48 -7.32 -1.70 -9.48
CA ASP A 48 -8.65 -1.64 -10.13
C ASP A 48 -9.69 -1.40 -9.05
N ASP A 49 -10.29 -0.24 -9.04
CA ASP A 49 -11.29 0.07 -7.97
C ASP A 49 -12.47 -0.91 -8.04
N THR A 50 -12.57 -1.70 -9.06
CA THR A 50 -13.70 -2.67 -9.14
C THR A 50 -13.45 -3.85 -8.19
N LYS A 51 -12.20 -4.18 -7.97
CA LYS A 51 -11.87 -5.31 -7.07
C LYS A 51 -11.01 -4.81 -5.90
N ALA A 52 -10.73 -3.53 -5.87
CA ALA A 52 -9.89 -2.97 -4.76
C ALA A 52 -10.19 -1.49 -4.59
N SER A 53 -9.39 -0.80 -3.81
CA SER A 53 -9.64 0.65 -3.58
C SER A 53 -8.58 1.21 -2.65
N VAL A 54 -8.32 2.48 -2.70
CA VAL A 54 -7.31 3.09 -1.80
C VAL A 54 -7.46 2.51 -0.39
N GLN A 55 -8.67 2.29 0.04
CA GLN A 55 -8.88 1.72 1.40
C GLN A 55 -8.29 0.30 1.45
N LYS A 56 -8.57 -0.49 0.45
CA LYS A 56 -8.02 -1.88 0.43
C LYS A 56 -6.48 -1.83 0.38
N LEU A 57 -5.93 -0.80 -0.21
CA LEU A 57 -4.44 -0.70 -0.26
C LEU A 57 -3.93 -0.53 1.16
N THR A 58 -4.46 0.43 1.87
CA THR A 58 -4.05 0.65 3.28
C THR A 58 -4.46 -0.58 4.09
N LYS A 59 -5.37 -1.35 3.56
CA LYS A 59 -5.81 -2.58 4.28
C LYS A 59 -4.80 -3.68 4.04
N ALA A 60 -4.11 -3.64 2.94
CA ALA A 60 -3.08 -4.69 2.66
C ALA A 60 -1.89 -4.47 3.59
N THR A 61 -1.47 -3.25 3.75
CA THR A 61 -0.35 -2.97 4.68
C THR A 61 -0.88 -3.12 6.10
N ALA A 62 -2.12 -2.72 6.29
CA ALA A 62 -2.73 -2.87 7.62
C ALA A 62 -2.70 -4.35 7.99
N ASP A 63 -2.80 -5.21 7.01
CA ASP A 63 -2.75 -6.66 7.29
C ASP A 63 -1.30 -7.16 7.22
N ALA A 64 -0.43 -6.38 6.64
CA ALA A 64 1.00 -6.79 6.57
C ALA A 64 1.60 -6.63 7.96
N GLY A 65 0.97 -5.86 8.80
CA GLY A 65 1.49 -5.65 10.17
C GLY A 65 1.91 -4.19 10.32
N TYR A 66 1.34 -3.32 9.53
CA TYR A 66 1.72 -1.89 9.63
C TYR A 66 0.47 -1.00 9.49
N PRO A 67 -0.11 -0.65 10.62
CA PRO A 67 -1.31 0.21 10.62
C PRO A 67 -1.01 1.49 9.84
N SER A 68 -1.36 1.54 8.59
CA SER A 68 -1.07 2.74 7.78
C SER A 68 -2.34 3.53 7.46
N SER A 69 -2.29 4.34 6.44
CA SER A 69 -3.47 5.15 6.05
C SER A 69 -3.41 5.42 4.56
N VAL A 70 -4.21 6.32 4.08
CA VAL A 70 -4.21 6.59 2.62
C VAL A 70 -4.33 8.10 2.36
N LYS A 71 -3.70 8.60 1.31
CA LYS A 71 -3.78 10.06 1.06
C LYS A 71 -3.43 10.39 -0.40
N GLN A 72 -4.05 9.70 -1.31
CA GLN A 72 -3.79 9.95 -2.75
C GLN A 72 -3.61 11.45 -3.01
HG HG B . 11.75 -2.29 9.15
N ALA A 1 -12.61 0.19 -13.36
CA ALA A 1 -11.79 1.36 -12.94
C ALA A 1 -10.32 0.96 -12.76
N THR A 2 -9.42 1.89 -12.94
CA THR A 2 -7.98 1.61 -12.78
C THR A 2 -7.35 2.87 -12.19
N GLN A 3 -7.36 2.98 -10.90
CA GLN A 3 -6.82 4.23 -10.27
C GLN A 3 -5.66 3.93 -9.32
N THR A 4 -4.76 4.86 -9.21
CA THR A 4 -3.59 4.69 -8.31
C THR A 4 -3.58 5.76 -7.22
N VAL A 5 -3.26 5.38 -6.03
CA VAL A 5 -3.22 6.35 -4.91
C VAL A 5 -1.91 6.20 -4.16
N THR A 6 -1.62 7.10 -3.29
CA THR A 6 -0.36 7.00 -2.51
C THR A 6 -0.75 6.60 -1.09
N LEU A 7 0.16 6.07 -0.34
CA LEU A 7 -0.22 5.65 1.03
C LEU A 7 0.81 6.11 2.06
N ALA A 8 0.36 6.29 3.26
CA ALA A 8 1.28 6.72 4.35
C ALA A 8 1.21 5.70 5.49
N VAL A 9 2.21 4.88 5.65
CA VAL A 9 2.16 3.87 6.74
C VAL A 9 3.26 4.13 7.80
N PRO A 10 3.02 5.09 8.66
CA PRO A 10 3.99 5.43 9.73
C PRO A 10 4.01 4.36 10.83
N GLY A 11 3.25 3.30 10.67
CA GLY A 11 3.26 2.25 11.72
C GLY A 11 4.69 1.77 11.94
N MET A 12 5.51 1.83 10.93
CA MET A 12 6.92 1.40 11.05
C MET A 12 7.68 1.76 9.77
N THR A 13 8.69 2.56 9.87
CA THR A 13 9.45 2.93 8.63
C THR A 13 10.95 3.05 8.93
N CYS A 14 11.74 2.14 8.43
CA CYS A 14 13.21 2.22 8.67
C CYS A 14 13.94 1.63 7.47
N ALA A 15 13.71 0.37 7.20
CA ALA A 15 14.38 -0.29 6.04
C ALA A 15 13.75 -1.65 5.78
N ALA A 16 12.49 -1.82 6.13
CA ALA A 16 11.84 -3.14 5.89
C ALA A 16 10.32 -3.06 6.11
N CYS A 17 9.87 -2.35 7.11
CA CYS A 17 8.39 -2.28 7.36
C CYS A 17 7.66 -1.52 6.24
N PRO A 18 8.18 -0.40 5.80
CA PRO A 18 7.50 0.36 4.73
C PRO A 18 7.51 -0.49 3.47
N ILE A 19 8.61 -1.13 3.21
CA ILE A 19 8.70 -2.03 2.03
C ILE A 19 7.70 -3.20 2.18
N THR A 20 7.47 -3.61 3.40
CA THR A 20 6.51 -4.72 3.63
C THR A 20 5.14 -4.26 3.13
N VAL A 21 4.96 -2.97 3.08
CA VAL A 21 3.67 -2.45 2.58
C VAL A 21 3.62 -2.66 1.09
N LYS A 22 4.74 -2.57 0.43
CA LYS A 22 4.79 -2.78 -1.03
C LYS A 22 4.34 -4.20 -1.30
N LYS A 23 4.68 -5.10 -0.43
CA LYS A 23 4.27 -6.51 -0.62
C LYS A 23 2.75 -6.61 -0.52
N ALA A 24 2.19 -5.94 0.43
CA ALA A 24 0.71 -5.97 0.61
C ALA A 24 -0.01 -5.55 -0.67
N LEU A 25 0.24 -4.36 -1.14
CA LEU A 25 -0.44 -3.89 -2.39
C LEU A 25 0.00 -4.75 -3.58
N SER A 26 1.20 -5.28 -3.53
CA SER A 26 1.68 -6.13 -4.63
C SER A 26 0.74 -7.31 -4.79
N LYS A 27 0.15 -7.73 -3.70
CA LYS A 27 -0.77 -8.88 -3.79
C LYS A 27 -2.05 -8.60 -2.99
N VAL A 28 -2.37 -7.36 -2.74
CA VAL A 28 -3.60 -7.05 -1.97
C VAL A 28 -4.81 -7.72 -2.62
N GLU A 29 -4.94 -7.63 -3.93
CA GLU A 29 -6.09 -8.26 -4.61
C GLU A 29 -6.11 -7.87 -6.10
N GLY A 30 -6.62 -6.72 -6.40
CA GLY A 30 -6.69 -6.27 -7.83
C GLY A 30 -5.51 -5.36 -8.16
N VAL A 31 -4.63 -5.12 -7.23
CA VAL A 31 -3.46 -4.23 -7.52
C VAL A 31 -2.89 -4.56 -8.90
N SER A 32 -2.73 -3.56 -9.71
CA SER A 32 -2.17 -3.79 -11.07
C SER A 32 -0.76 -3.23 -11.14
N LYS A 33 -0.35 -2.50 -10.14
CA LYS A 33 1.02 -1.92 -10.15
C LYS A 33 1.38 -1.40 -8.76
N VAL A 34 2.64 -1.18 -8.48
CA VAL A 34 3.02 -0.69 -7.12
C VAL A 34 4.29 0.17 -7.17
N ASP A 35 4.53 0.92 -6.14
CA ASP A 35 5.73 1.80 -6.09
C ASP A 35 5.84 2.38 -4.68
N VAL A 36 6.44 1.66 -3.77
CA VAL A 36 6.51 2.15 -2.36
C VAL A 36 7.92 2.61 -2.01
N GLY A 37 8.09 3.12 -0.82
CA GLY A 37 9.42 3.60 -0.38
C GLY A 37 9.71 3.05 1.02
N PHE A 38 10.77 2.25 1.11
CA PHE A 38 11.17 1.64 2.42
C PHE A 38 12.09 2.60 3.18
N GLU A 39 11.56 3.73 3.54
CA GLU A 39 12.36 4.74 4.29
C GLU A 39 11.48 5.96 4.57
N LYS A 40 11.05 6.62 3.52
CA LYS A 40 10.15 7.78 3.71
C LYS A 40 8.77 7.28 4.11
N ARG A 41 8.59 5.98 4.15
CA ARG A 41 7.27 5.39 4.54
C ARG A 41 6.18 5.85 3.58
N GLU A 42 6.14 5.30 2.40
CA GLU A 42 5.06 5.74 1.46
C GLU A 42 4.77 4.68 0.40
N ALA A 43 3.55 4.22 0.31
CA ALA A 43 3.22 3.18 -0.71
C ALA A 43 2.35 3.76 -1.83
N VAL A 44 2.85 3.80 -3.02
CA VAL A 44 2.06 4.34 -4.16
C VAL A 44 1.68 3.17 -5.06
N VAL A 45 0.41 2.93 -5.23
CA VAL A 45 0.02 1.75 -6.06
C VAL A 45 -1.11 2.07 -7.05
N THR A 46 -1.18 1.28 -8.09
CA THR A 46 -2.25 1.42 -9.11
C THR A 46 -3.12 0.17 -8.99
N PHE A 47 -4.35 0.22 -9.37
CA PHE A 47 -5.18 -1.01 -9.25
C PHE A 47 -6.52 -0.85 -9.92
N ASP A 48 -7.30 -1.90 -9.91
CA ASP A 48 -8.64 -1.83 -10.51
C ASP A 48 -9.65 -1.78 -9.36
N ASP A 49 -10.48 -0.79 -9.34
CA ASP A 49 -11.45 -0.68 -8.21
C ASP A 49 -12.50 -1.80 -8.27
N THR A 50 -12.44 -2.64 -9.25
CA THR A 50 -13.44 -3.75 -9.36
C THR A 50 -13.17 -4.82 -8.30
N LYS A 51 -11.94 -5.05 -7.96
CA LYS A 51 -11.63 -6.10 -6.93
C LYS A 51 -10.88 -5.48 -5.75
N ALA A 52 -10.39 -4.28 -5.91
CA ALA A 52 -9.65 -3.63 -4.80
C ALA A 52 -10.00 -2.14 -4.76
N SER A 53 -9.28 -1.38 -3.98
CA SER A 53 -9.58 0.08 -3.90
C SER A 53 -8.62 0.76 -2.93
N VAL A 54 -8.45 2.05 -3.06
CA VAL A 54 -7.54 2.80 -2.16
C VAL A 54 -7.70 2.29 -0.74
N GLN A 55 -8.92 2.03 -0.33
CA GLN A 55 -9.14 1.52 1.05
C GLN A 55 -8.41 0.19 1.21
N LYS A 56 -8.61 -0.71 0.27
CA LYS A 56 -7.94 -2.04 0.34
C LYS A 56 -6.42 -1.90 0.29
N LEU A 57 -5.91 -0.84 -0.30
CA LEU A 57 -4.43 -0.68 -0.36
C LEU A 57 -3.92 -0.34 1.04
N THR A 58 -4.50 0.67 1.64
CA THR A 58 -4.09 1.05 3.02
C THR A 58 -4.49 -0.09 3.97
N LYS A 59 -5.40 -0.93 3.54
CA LYS A 59 -5.80 -2.06 4.38
C LYS A 59 -4.79 -3.19 4.22
N ALA A 60 -4.10 -3.22 3.11
CA ALA A 60 -3.09 -4.29 2.92
C ALA A 60 -1.89 -4.02 3.82
N THR A 61 -1.47 -2.78 3.90
CA THR A 61 -0.34 -2.46 4.81
C THR A 61 -0.87 -2.48 6.23
N ALA A 62 -2.06 -1.98 6.42
CA ALA A 62 -2.66 -2.01 7.77
C ALA A 62 -2.76 -3.46 8.21
N ASP A 63 -2.92 -4.37 7.28
CA ASP A 63 -2.99 -5.80 7.64
C ASP A 63 -1.58 -6.36 7.70
N ALA A 64 -0.64 -5.71 7.07
CA ALA A 64 0.76 -6.20 7.12
C ALA A 64 1.29 -5.95 8.53
N GLY A 65 0.64 -5.06 9.24
CA GLY A 65 1.09 -4.76 10.63
C GLY A 65 1.53 -3.30 10.70
N TYR A 66 1.03 -2.47 9.82
CA TYR A 66 1.44 -1.04 9.85
C TYR A 66 0.22 -0.14 9.60
N PRO A 67 -0.33 0.39 10.68
CA PRO A 67 -1.51 1.28 10.56
C PRO A 67 -1.19 2.46 9.64
N SER A 68 -1.54 2.36 8.38
CA SER A 68 -1.25 3.46 7.44
C SER A 68 -2.52 4.21 7.02
N SER A 69 -2.43 4.95 5.96
CA SER A 69 -3.61 5.70 5.46
C SER A 69 -3.44 5.97 3.97
N VAL A 70 -4.30 6.73 3.38
CA VAL A 70 -4.17 7.00 1.92
C VAL A 70 -4.38 8.48 1.61
N LYS A 71 -3.85 8.94 0.52
CA LYS A 71 -4.04 10.40 0.20
C LYS A 71 -3.84 10.69 -1.28
N GLN A 72 -4.55 10.01 -2.13
CA GLN A 72 -4.42 10.25 -3.59
C GLN A 72 -5.21 9.21 -4.38
HG HG B . 10.75 -0.45 10.60
N ALA A 1 -12.37 1.11 -13.93
CA ALA A 1 -11.88 1.09 -12.51
C ALA A 1 -10.37 0.86 -12.48
N THR A 2 -9.60 1.93 -12.53
CA THR A 2 -8.13 1.82 -12.48
C THR A 2 -7.61 3.02 -11.71
N GLN A 3 -7.55 2.91 -10.42
CA GLN A 3 -7.11 4.07 -9.61
C GLN A 3 -5.79 3.80 -8.88
N THR A 4 -4.96 4.79 -8.80
CA THR A 4 -3.66 4.64 -8.10
C THR A 4 -3.51 5.73 -7.03
N VAL A 5 -3.33 5.33 -5.81
CA VAL A 5 -3.19 6.33 -4.71
C VAL A 5 -1.82 6.19 -4.08
N THR A 6 -1.46 7.10 -3.24
CA THR A 6 -0.15 7.00 -2.57
C THR A 6 -0.42 6.62 -1.12
N LEU A 7 0.50 6.01 -0.46
CA LEU A 7 0.21 5.60 0.94
C LEU A 7 1.34 6.01 1.87
N ALA A 8 1.04 6.09 3.12
CA ALA A 8 2.08 6.49 4.12
C ALA A 8 2.14 5.45 5.23
N VAL A 9 3.30 4.89 5.48
CA VAL A 9 3.42 3.86 6.56
C VAL A 9 4.28 4.37 7.73
N PRO A 10 3.69 5.22 8.55
CA PRO A 10 4.42 5.76 9.73
C PRO A 10 4.57 4.70 10.83
N GLY A 11 3.72 3.71 10.83
CA GLY A 11 3.82 2.65 11.89
C GLY A 11 5.27 2.20 12.03
N MET A 12 5.89 1.88 10.94
CA MET A 12 7.31 1.42 11.01
C MET A 12 8.07 1.85 9.74
N THR A 13 9.37 1.93 9.81
CA THR A 13 10.15 2.34 8.62
C THR A 13 11.65 2.32 8.91
N CYS A 14 12.38 1.43 8.30
CA CYS A 14 13.85 1.38 8.55
C CYS A 14 14.55 0.50 7.49
N ALA A 15 13.98 -0.62 7.15
CA ALA A 15 14.63 -1.49 6.12
C ALA A 15 13.80 -2.76 5.90
N ALA A 16 12.51 -2.69 6.05
CA ALA A 16 11.66 -3.89 5.86
C ALA A 16 10.19 -3.56 6.12
N CYS A 17 9.91 -2.66 7.03
CA CYS A 17 8.48 -2.33 7.34
C CYS A 17 7.80 -1.56 6.19
N PRO A 18 8.49 -0.59 5.62
CA PRO A 18 7.91 0.16 4.49
C PRO A 18 7.90 -0.76 3.28
N ILE A 19 9.01 -1.40 3.05
CA ILE A 19 9.13 -2.36 1.92
C ILE A 19 8.03 -3.44 2.03
N THR A 20 7.65 -3.80 3.23
CA THR A 20 6.60 -4.84 3.40
C THR A 20 5.27 -4.29 2.91
N VAL A 21 5.13 -3.00 2.98
CA VAL A 21 3.87 -2.39 2.52
C VAL A 21 3.79 -2.55 1.02
N LYS A 22 4.92 -2.57 0.35
CA LYS A 22 4.90 -2.75 -1.11
C LYS A 22 4.43 -4.17 -1.40
N LYS A 23 4.91 -5.10 -0.65
CA LYS A 23 4.48 -6.50 -0.88
C LYS A 23 2.97 -6.63 -0.65
N ALA A 24 2.48 -5.91 0.33
CA ALA A 24 1.03 -5.96 0.64
C ALA A 24 0.18 -5.50 -0.55
N LEU A 25 0.39 -4.31 -1.04
CA LEU A 25 -0.43 -3.83 -2.19
C LEU A 25 -0.18 -4.72 -3.41
N SER A 26 1.01 -5.21 -3.54
CA SER A 26 1.32 -6.09 -4.70
C SER A 26 0.47 -7.35 -4.60
N LYS A 27 0.07 -7.70 -3.41
CA LYS A 27 -0.77 -8.91 -3.24
C LYS A 27 -2.08 -8.56 -2.52
N VAL A 28 -2.41 -7.30 -2.43
CA VAL A 28 -3.66 -6.91 -1.72
C VAL A 28 -4.90 -7.57 -2.35
N GLU A 29 -5.20 -7.27 -3.59
CA GLU A 29 -6.40 -7.89 -4.22
C GLU A 29 -6.37 -7.68 -5.75
N GLY A 30 -6.85 -6.56 -6.22
CA GLY A 30 -6.86 -6.32 -7.70
C GLY A 30 -5.67 -5.44 -8.08
N VAL A 31 -4.80 -5.16 -7.15
CA VAL A 31 -3.61 -4.30 -7.47
C VAL A 31 -3.05 -4.66 -8.84
N SER A 32 -2.81 -3.65 -9.63
CA SER A 32 -2.25 -3.89 -11.00
C SER A 32 -0.81 -3.42 -11.04
N LYS A 33 -0.40 -2.68 -10.04
CA LYS A 33 1.01 -2.19 -10.01
C LYS A 33 1.35 -1.66 -8.61
N VAL A 34 2.61 -1.55 -8.29
CA VAL A 34 2.98 -1.05 -6.94
C VAL A 34 4.35 -0.37 -6.98
N ASP A 35 4.57 0.59 -6.11
CA ASP A 35 5.89 1.29 -6.08
C ASP A 35 5.95 2.13 -4.80
N VAL A 36 6.54 1.61 -3.76
CA VAL A 36 6.58 2.35 -2.48
C VAL A 36 7.98 2.90 -2.17
N GLY A 37 8.21 3.17 -0.93
CA GLY A 37 9.54 3.70 -0.51
C GLY A 37 9.89 3.08 0.84
N PHE A 38 10.93 2.29 0.89
CA PHE A 38 11.34 1.64 2.15
C PHE A 38 11.48 2.67 3.29
N GLU A 39 12.67 2.88 3.79
CA GLU A 39 12.86 3.88 4.88
C GLU A 39 11.93 5.09 4.69
N LYS A 40 11.61 5.41 3.46
CA LYS A 40 10.71 6.56 3.20
C LYS A 40 9.26 6.08 3.20
N ARG A 41 8.88 5.35 4.22
CA ARG A 41 7.48 4.80 4.35
C ARG A 41 6.49 5.50 3.40
N GLU A 42 6.42 5.05 2.19
CA GLU A 42 5.46 5.66 1.21
C GLU A 42 5.11 4.64 0.13
N ALA A 43 3.89 4.16 0.11
CA ALA A 43 3.52 3.15 -0.91
C ALA A 43 2.56 3.71 -1.96
N VAL A 44 2.98 3.78 -3.18
CA VAL A 44 2.08 4.29 -4.25
C VAL A 44 1.67 3.10 -5.10
N VAL A 45 0.40 2.83 -5.18
CA VAL A 45 -0.04 1.63 -5.95
C VAL A 45 -1.17 1.93 -6.92
N THR A 46 -1.20 1.18 -7.99
CA THR A 46 -2.29 1.31 -9.01
C THR A 46 -3.14 0.06 -8.90
N PHE A 47 -4.37 0.11 -9.30
CA PHE A 47 -5.19 -1.13 -9.20
C PHE A 47 -6.52 -0.99 -9.89
N ASP A 48 -7.32 -2.01 -9.79
CA ASP A 48 -8.65 -1.97 -10.44
C ASP A 48 -9.68 -1.80 -9.34
N ASP A 49 -10.33 -0.67 -9.31
CA ASP A 49 -11.33 -0.43 -8.23
C ASP A 49 -12.52 -1.39 -8.36
N THR A 50 -12.56 -2.17 -9.41
CA THR A 50 -13.70 -3.11 -9.58
C THR A 50 -13.68 -4.15 -8.44
N LYS A 51 -12.56 -4.29 -7.77
CA LYS A 51 -12.48 -5.28 -6.66
C LYS A 51 -11.71 -4.69 -5.47
N ALA A 52 -10.68 -3.94 -5.75
CA ALA A 52 -9.89 -3.32 -4.65
C ALA A 52 -10.15 -1.82 -4.60
N SER A 53 -9.37 -1.09 -3.85
CA SER A 53 -9.59 0.38 -3.76
C SER A 53 -8.56 1.00 -2.81
N VAL A 54 -8.36 2.29 -2.92
CA VAL A 54 -7.39 2.97 -2.02
C VAL A 54 -7.54 2.44 -0.58
N GLN A 55 -8.76 2.29 -0.12
CA GLN A 55 -8.95 1.78 1.26
C GLN A 55 -8.36 0.37 1.36
N LYS A 56 -8.61 -0.46 0.38
CA LYS A 56 -8.06 -1.83 0.41
C LYS A 56 -6.52 -1.81 0.35
N LEU A 57 -5.94 -0.77 -0.20
CA LEU A 57 -4.45 -0.71 -0.25
C LEU A 57 -3.95 -0.41 1.16
N THR A 58 -4.50 0.60 1.77
CA THR A 58 -4.10 0.94 3.16
C THR A 58 -4.51 -0.22 4.07
N LYS A 59 -5.39 -1.05 3.58
CA LYS A 59 -5.83 -2.22 4.39
C LYS A 59 -4.77 -3.31 4.26
N ALA A 60 -4.08 -3.35 3.15
CA ALA A 60 -3.02 -4.38 2.98
C ALA A 60 -1.86 -4.06 3.92
N THR A 61 -1.46 -2.83 4.01
CA THR A 61 -0.35 -2.48 4.95
C THR A 61 -0.92 -2.53 6.36
N ALA A 62 -2.14 -2.10 6.50
CA ALA A 62 -2.79 -2.13 7.83
C ALA A 62 -2.83 -3.58 8.29
N ASP A 63 -2.89 -4.49 7.35
CA ASP A 63 -2.90 -5.93 7.74
C ASP A 63 -1.47 -6.43 7.83
N ALA A 64 -0.53 -5.74 7.23
CA ALA A 64 0.88 -6.17 7.34
C ALA A 64 1.40 -5.80 8.73
N GLY A 65 0.66 -4.98 9.42
CA GLY A 65 1.09 -4.56 10.77
C GLY A 65 1.68 -3.17 10.67
N TYR A 66 1.12 -2.36 9.81
CA TYR A 66 1.65 -0.99 9.64
C TYR A 66 0.51 0.04 9.51
N PRO A 67 0.17 0.65 10.61
CA PRO A 67 -0.91 1.67 10.60
C PRO A 67 -0.56 2.74 9.57
N SER A 68 -1.09 2.64 8.39
CA SER A 68 -0.75 3.64 7.34
C SER A 68 -1.92 4.60 7.06
N SER A 69 -1.73 5.48 6.12
CA SER A 69 -2.78 6.47 5.76
C SER A 69 -2.61 6.78 4.27
N VAL A 70 -3.67 6.77 3.52
CA VAL A 70 -3.51 7.03 2.07
C VAL A 70 -3.85 8.45 1.72
N LYS A 71 -3.36 8.92 0.62
CA LYS A 71 -3.65 10.32 0.23
C LYS A 71 -3.55 10.50 -1.29
N GLN A 72 -4.20 9.66 -2.03
CA GLN A 72 -4.15 9.77 -3.52
C GLN A 72 -4.23 11.23 -3.95
HG HG B . 11.66 -1.67 9.91
N ALA A 1 -12.69 0.96 -13.16
CA ALA A 1 -12.30 0.12 -12.00
C ALA A 1 -10.80 -0.15 -12.00
N THR A 2 -10.01 0.89 -12.05
CA THR A 2 -8.55 0.75 -12.06
C THR A 2 -7.95 2.03 -11.49
N GLN A 3 -7.73 2.08 -10.21
CA GLN A 3 -7.20 3.33 -9.61
C GLN A 3 -5.79 3.13 -9.04
N THR A 4 -5.04 4.19 -8.98
CA THR A 4 -3.66 4.11 -8.42
C THR A 4 -3.47 5.23 -7.41
N VAL A 5 -2.99 4.92 -6.23
CA VAL A 5 -2.80 5.99 -5.21
C VAL A 5 -1.44 5.85 -4.55
N THR A 6 -1.06 6.82 -3.79
CA THR A 6 0.23 6.75 -3.08
C THR A 6 -0.07 6.45 -1.63
N LEU A 7 0.87 5.95 -0.89
CA LEU A 7 0.54 5.63 0.51
C LEU A 7 1.66 6.07 1.45
N ALA A 8 1.31 6.32 2.68
CA ALA A 8 2.32 6.76 3.68
C ALA A 8 2.19 5.91 4.95
N VAL A 9 3.13 5.04 5.19
CA VAL A 9 3.04 4.16 6.39
C VAL A 9 4.13 4.50 7.41
N PRO A 10 3.87 5.49 8.23
CA PRO A 10 4.84 5.90 9.27
C PRO A 10 4.92 4.86 10.38
N GLY A 11 4.07 3.86 10.34
CA GLY A 11 4.11 2.82 11.41
C GLY A 11 5.55 2.40 11.63
N MET A 12 6.30 2.27 10.58
CA MET A 12 7.73 1.86 10.71
C MET A 12 8.54 2.33 9.50
N THR A 13 9.67 2.93 9.73
CA THR A 13 10.50 3.42 8.59
C THR A 13 11.96 3.03 8.80
N CYS A 14 12.39 1.91 8.25
CA CYS A 14 13.82 1.52 8.44
C CYS A 14 14.32 0.72 7.23
N ALA A 15 13.85 -0.49 7.08
CA ALA A 15 14.30 -1.33 5.93
C ALA A 15 13.61 -2.69 6.00
N ALA A 16 12.32 -2.69 6.17
CA ALA A 16 11.57 -3.98 6.25
C ALA A 16 10.08 -3.73 6.46
N CYS A 17 9.72 -2.87 7.37
CA CYS A 17 8.27 -2.59 7.60
C CYS A 17 7.66 -1.80 6.44
N PRO A 18 8.28 -0.70 6.04
CA PRO A 18 7.75 0.07 4.91
C PRO A 18 7.66 -0.86 3.70
N ILE A 19 8.68 -1.64 3.50
CA ILE A 19 8.69 -2.61 2.37
C ILE A 19 7.56 -3.64 2.56
N THR A 20 7.19 -3.90 3.78
CA THR A 20 6.09 -4.87 4.03
C THR A 20 4.80 -4.27 3.47
N VAL A 21 4.77 -2.97 3.38
CA VAL A 21 3.58 -2.30 2.83
C VAL A 21 3.51 -2.62 1.35
N LYS A 22 4.65 -2.87 0.75
CA LYS A 22 4.66 -3.24 -0.68
C LYS A 22 3.94 -4.56 -0.81
N LYS A 23 4.28 -5.48 0.08
CA LYS A 23 3.59 -6.78 0.04
C LYS A 23 2.14 -6.62 0.47
N ALA A 24 1.86 -5.56 1.16
CA ALA A 24 0.47 -5.31 1.62
C ALA A 24 -0.41 -4.89 0.44
N LEU A 25 0.10 -4.07 -0.45
CA LEU A 25 -0.70 -3.63 -1.62
C LEU A 25 -0.74 -4.75 -2.66
N SER A 26 0.33 -5.49 -2.77
CA SER A 26 0.37 -6.59 -3.75
C SER A 26 -0.53 -7.71 -3.27
N LYS A 27 -0.79 -7.75 -1.98
CA LYS A 27 -1.68 -8.82 -1.44
C LYS A 27 -3.02 -8.22 -0.99
N VAL A 28 -3.19 -6.94 -1.13
CA VAL A 28 -4.47 -6.31 -0.70
C VAL A 28 -5.65 -7.10 -1.29
N GLU A 29 -5.57 -7.44 -2.56
CA GLU A 29 -6.68 -8.24 -3.20
C GLU A 29 -6.62 -8.12 -4.73
N GLY A 30 -7.17 -7.08 -5.28
CA GLY A 30 -7.18 -6.93 -6.76
C GLY A 30 -6.00 -6.09 -7.24
N VAL A 31 -5.09 -5.76 -6.35
CA VAL A 31 -3.91 -4.95 -6.78
C VAL A 31 -3.40 -5.42 -8.13
N SER A 32 -3.12 -4.51 -8.99
CA SER A 32 -2.60 -4.87 -10.34
C SER A 32 -1.14 -4.45 -10.43
N LYS A 33 -0.72 -3.63 -9.52
CA LYS A 33 0.70 -3.16 -9.52
C LYS A 33 1.03 -2.61 -8.13
N VAL A 34 2.29 -2.55 -7.78
CA VAL A 34 2.65 -2.03 -6.44
C VAL A 34 4.03 -1.36 -6.45
N ASP A 35 4.29 -0.57 -5.44
CA ASP A 35 5.59 0.12 -5.35
C ASP A 35 5.84 0.46 -3.89
N VAL A 36 7.06 0.55 -3.45
CA VAL A 36 7.28 0.86 -2.02
C VAL A 36 8.63 1.52 -1.78
N GLY A 37 8.75 2.15 -0.65
CA GLY A 37 10.02 2.81 -0.30
C GLY A 37 10.31 2.52 1.16
N PHE A 38 11.34 1.74 1.43
CA PHE A 38 11.69 1.41 2.83
C PHE A 38 11.88 2.71 3.60
N GLU A 39 12.63 2.70 4.68
CA GLU A 39 12.85 3.94 5.52
C GLU A 39 11.99 5.15 5.07
N LYS A 40 12.24 5.70 3.91
CA LYS A 40 11.42 6.88 3.45
C LYS A 40 9.93 6.72 3.84
N ARG A 41 9.45 5.52 4.03
CA ARG A 41 8.04 5.29 4.41
C ARG A 41 7.08 5.78 3.33
N GLU A 42 6.94 5.03 2.27
CA GLU A 42 6.00 5.45 1.19
C GLU A 42 5.72 4.29 0.23
N ALA A 43 4.46 3.96 -0.01
CA ALA A 43 4.14 2.84 -0.94
C ALA A 43 3.19 3.32 -2.04
N VAL A 44 3.52 3.08 -3.27
CA VAL A 44 2.61 3.52 -4.37
C VAL A 44 1.98 2.28 -4.99
N VAL A 45 0.72 2.33 -5.33
CA VAL A 45 0.09 1.10 -5.89
C VAL A 45 -1.03 1.38 -6.89
N THR A 46 -1.26 0.43 -7.75
CA THR A 46 -2.35 0.53 -8.75
C THR A 46 -3.24 -0.70 -8.57
N PHE A 47 -4.46 -0.65 -8.99
CA PHE A 47 -5.33 -1.84 -8.80
C PHE A 47 -6.66 -1.66 -9.50
N ASP A 48 -7.49 -2.65 -9.40
CA ASP A 48 -8.83 -2.55 -10.00
C ASP A 48 -9.82 -2.38 -8.85
N ASP A 49 -10.60 -1.34 -8.87
CA ASP A 49 -11.54 -1.12 -7.75
C ASP A 49 -12.60 -2.24 -7.70
N THR A 50 -12.62 -3.11 -8.66
CA THR A 50 -13.62 -4.21 -8.66
C THR A 50 -13.41 -5.11 -7.43
N LYS A 51 -12.18 -5.35 -7.05
CA LYS A 51 -11.92 -6.20 -5.87
C LYS A 51 -10.97 -5.51 -4.89
N ALA A 52 -10.91 -4.21 -4.93
CA ALA A 52 -10.02 -3.46 -3.99
C ALA A 52 -10.31 -1.97 -4.06
N SER A 53 -9.49 -1.17 -3.43
CA SER A 53 -9.72 0.31 -3.45
C SER A 53 -8.64 1.01 -2.63
N VAL A 54 -8.39 2.25 -2.91
CA VAL A 54 -7.36 3.00 -2.14
C VAL A 54 -7.52 2.69 -0.64
N GLN A 55 -8.73 2.51 -0.20
CA GLN A 55 -8.96 2.19 1.23
C GLN A 55 -8.36 0.82 1.53
N LYS A 56 -8.62 -0.14 0.70
CA LYS A 56 -8.07 -1.51 0.91
C LYS A 56 -6.55 -1.51 0.79
N LEU A 57 -5.96 -0.56 0.10
CA LEU A 57 -4.48 -0.54 0.00
C LEU A 57 -3.92 -0.10 1.35
N THR A 58 -4.35 1.05 1.81
CA THR A 58 -3.88 1.55 3.12
C THR A 58 -4.37 0.59 4.20
N LYS A 59 -5.36 -0.19 3.88
CA LYS A 59 -5.89 -1.18 4.86
C LYS A 59 -5.00 -2.42 4.85
N ALA A 60 -4.35 -2.68 3.74
CA ALA A 60 -3.45 -3.86 3.68
C ALA A 60 -2.21 -3.58 4.51
N THR A 61 -1.67 -2.40 4.41
CA THR A 61 -0.47 -2.07 5.25
C THR A 61 -0.95 -1.84 6.67
N ALA A 62 -2.10 -1.24 6.79
CA ALA A 62 -2.67 -1.01 8.15
C ALA A 62 -2.87 -2.37 8.81
N ASP A 63 -3.13 -3.39 8.01
CA ASP A 63 -3.31 -4.75 8.58
C ASP A 63 -1.95 -5.45 8.59
N ALA A 64 -1.00 -4.92 7.86
CA ALA A 64 0.35 -5.54 7.85
C ALA A 64 1.02 -5.25 9.18
N GLY A 65 0.55 -4.24 9.86
CA GLY A 65 1.13 -3.88 11.18
C GLY A 65 1.72 -2.47 11.11
N TYR A 66 1.24 -1.67 10.21
CA TYR A 66 1.77 -0.29 10.10
C TYR A 66 0.65 0.71 9.84
N PRO A 67 0.29 1.47 10.86
CA PRO A 67 -0.78 2.48 10.71
C PRO A 67 -0.42 3.45 9.59
N SER A 68 -0.90 3.20 8.41
CA SER A 68 -0.55 4.09 7.26
C SER A 68 -1.78 4.89 6.81
N SER A 69 -1.62 5.65 5.76
CA SER A 69 -2.74 6.46 5.23
C SER A 69 -2.57 6.55 3.71
N VAL A 70 -3.40 7.27 3.03
CA VAL A 70 -3.26 7.34 1.57
C VAL A 70 -3.38 8.76 1.05
N LYS A 71 -2.88 9.02 -0.13
CA LYS A 71 -2.96 10.41 -0.68
C LYS A 71 -3.07 10.39 -2.20
N GLN A 72 -3.93 9.55 -2.74
CA GLN A 72 -4.11 9.48 -4.22
C GLN A 72 -2.80 9.77 -4.96
HG HG B . 10.93 -0.75 10.55
N ALA A 1 -12.82 1.38 -13.43
CA ALA A 1 -12.33 1.26 -12.03
C ALA A 1 -10.80 1.28 -12.00
N THR A 2 -10.22 2.43 -11.80
CA THR A 2 -8.75 2.54 -11.76
C THR A 2 -8.40 3.72 -10.84
N GLN A 3 -8.26 3.45 -9.59
CA GLN A 3 -7.98 4.57 -8.64
C GLN A 3 -6.59 4.44 -8.03
N THR A 4 -6.03 5.55 -7.61
CA THR A 4 -4.68 5.53 -6.98
C THR A 4 -4.74 6.24 -5.63
N VAL A 5 -3.78 5.99 -4.79
CA VAL A 5 -3.78 6.66 -3.45
C VAL A 5 -2.42 6.45 -2.78
N THR A 6 -2.22 7.14 -1.71
CA THR A 6 -0.94 7.01 -0.98
C THR A 6 -1.20 6.27 0.33
N LEU A 7 -0.18 5.77 0.97
CA LEU A 7 -0.42 5.03 2.23
C LEU A 7 0.58 5.44 3.31
N ALA A 8 0.14 5.48 4.53
CA ALA A 8 1.04 5.85 5.67
C ALA A 8 1.24 4.64 6.59
N VAL A 9 2.33 3.94 6.45
CA VAL A 9 2.53 2.73 7.31
C VAL A 9 3.68 2.94 8.32
N PRO A 10 3.33 3.52 9.45
CA PRO A 10 4.35 3.77 10.51
C PRO A 10 4.88 2.45 11.08
N GLY A 11 4.32 1.34 10.68
CA GLY A 11 4.81 0.02 11.20
C GLY A 11 6.14 -0.34 10.53
N MET A 12 6.63 0.52 9.68
CA MET A 12 7.91 0.23 8.97
C MET A 12 9.07 0.96 9.67
N THR A 13 10.28 0.69 9.23
CA THR A 13 11.45 1.39 9.88
C THR A 13 12.81 0.99 9.25
N CYS A 14 12.83 0.37 8.08
CA CYS A 14 14.14 0.01 7.47
C CYS A 14 13.91 -0.69 6.12
N ALA A 15 14.90 -1.39 5.62
CA ALA A 15 14.73 -2.09 4.31
C ALA A 15 14.08 -3.45 4.51
N ALA A 16 12.96 -3.49 5.19
CA ALA A 16 12.27 -4.79 5.43
C ALA A 16 10.89 -4.58 6.08
N CYS A 17 10.30 -3.42 5.90
CA CYS A 17 8.95 -3.15 6.48
C CYS A 17 8.18 -2.10 5.65
N PRO A 18 8.77 -0.96 5.35
CA PRO A 18 8.03 0.06 4.55
C PRO A 18 7.97 -0.42 3.11
N ILE A 19 9.10 -0.80 2.56
CA ILE A 19 9.12 -1.33 1.18
C ILE A 19 8.35 -2.66 1.14
N THR A 20 8.28 -3.34 2.26
CA THR A 20 7.52 -4.61 2.31
C THR A 20 6.07 -4.32 2.00
N VAL A 21 5.67 -3.10 2.24
CA VAL A 21 4.28 -2.70 1.95
C VAL A 21 4.13 -2.59 0.45
N LYS A 22 5.16 -2.20 -0.23
CA LYS A 22 5.09 -2.10 -1.70
C LYS A 22 4.77 -3.48 -2.23
N LYS A 23 5.28 -4.48 -1.57
CA LYS A 23 5.00 -5.88 -2.01
C LYS A 23 3.54 -6.21 -1.72
N ALA A 24 3.03 -5.74 -0.63
CA ALA A 24 1.62 -6.02 -0.26
C ALA A 24 0.65 -5.45 -1.31
N LEU A 25 0.73 -4.18 -1.59
CA LEU A 25 -0.19 -3.59 -2.62
C LEU A 25 0.06 -4.21 -3.98
N SER A 26 1.29 -4.56 -4.26
CA SER A 26 1.61 -5.18 -5.57
C SER A 26 0.98 -6.56 -5.63
N LYS A 27 0.66 -7.10 -4.49
CA LYS A 27 0.05 -8.45 -4.45
C LYS A 27 -1.33 -8.37 -3.78
N VAL A 28 -1.79 -7.18 -3.48
CA VAL A 28 -3.12 -7.05 -2.80
C VAL A 28 -4.22 -7.75 -3.62
N GLU A 29 -4.32 -7.49 -4.89
CA GLU A 29 -5.37 -8.14 -5.72
C GLU A 29 -5.43 -7.55 -7.13
N GLY A 30 -6.13 -6.47 -7.30
CA GLY A 30 -6.25 -5.86 -8.66
C GLY A 30 -5.20 -4.76 -8.83
N VAL A 31 -4.27 -4.65 -7.93
CA VAL A 31 -3.22 -3.60 -8.07
C VAL A 31 -2.76 -3.51 -9.52
N SER A 32 -2.66 -2.32 -10.02
CA SER A 32 -2.21 -2.13 -11.42
C SER A 32 -0.83 -1.49 -11.40
N LYS A 33 -0.48 -0.91 -10.30
CA LYS A 33 0.86 -0.27 -10.19
C LYS A 33 1.18 -0.04 -8.72
N VAL A 34 2.43 0.10 -8.37
CA VAL A 34 2.77 0.31 -6.93
C VAL A 34 4.12 1.01 -6.76
N ASP A 35 4.19 1.87 -5.78
CA ASP A 35 5.45 2.60 -5.48
C ASP A 35 5.56 2.70 -3.96
N VAL A 36 6.71 2.90 -3.40
CA VAL A 36 6.77 2.96 -1.92
C VAL A 36 7.94 3.78 -1.42
N GLY A 37 7.91 4.06 -0.14
CA GLY A 37 9.00 4.83 0.50
C GLY A 37 9.46 4.06 1.74
N PHE A 38 10.64 3.53 1.69
CA PHE A 38 11.19 2.73 2.83
C PHE A 38 11.07 3.50 4.16
N GLU A 39 12.14 3.55 4.94
CA GLU A 39 12.12 4.26 6.26
C GLU A 39 11.11 5.42 6.29
N LYS A 40 10.87 6.07 5.17
CA LYS A 40 9.89 7.20 5.15
C LYS A 40 8.44 6.66 5.07
N ARG A 41 8.21 5.47 5.58
CA ARG A 41 6.84 4.84 5.58
C ARG A 41 5.83 5.53 4.66
N GLU A 42 5.79 5.16 3.41
CA GLU A 42 4.78 5.80 2.50
C GLU A 42 4.62 5.00 1.20
N ALA A 43 3.50 4.35 1.01
CA ALA A 43 3.31 3.56 -0.24
C ALA A 43 2.23 4.20 -1.15
N VAL A 44 2.58 4.48 -2.39
CA VAL A 44 1.57 5.06 -3.32
C VAL A 44 1.21 4.00 -4.35
N VAL A 45 -0.01 3.55 -4.36
CA VAL A 45 -0.35 2.46 -5.33
C VAL A 45 -1.60 2.79 -6.16
N THR A 46 -1.62 2.27 -7.35
CA THR A 46 -2.79 2.44 -8.26
C THR A 46 -3.43 1.07 -8.43
N PHE A 47 -4.66 1.00 -8.83
CA PHE A 47 -5.28 -0.33 -8.98
C PHE A 47 -6.63 -0.23 -9.66
N ASP A 48 -7.33 -1.32 -9.69
CA ASP A 48 -8.68 -1.32 -10.28
C ASP A 48 -9.68 -1.39 -9.13
N ASP A 49 -10.57 -0.45 -9.06
CA ASP A 49 -11.53 -0.46 -7.91
C ASP A 49 -12.56 -1.60 -8.05
N THR A 50 -12.44 -2.43 -9.04
CA THR A 50 -13.40 -3.55 -9.20
C THR A 50 -12.94 -4.75 -8.35
N LYS A 51 -11.65 -4.93 -8.23
CA LYS A 51 -11.13 -6.07 -7.41
C LYS A 51 -10.30 -5.54 -6.24
N ALA A 52 -10.09 -4.25 -6.18
CA ALA A 52 -9.29 -3.67 -5.07
C ALA A 52 -9.83 -2.30 -4.69
N SER A 53 -9.14 -1.59 -3.83
CA SER A 53 -9.61 -0.25 -3.42
C SER A 53 -8.64 0.36 -2.39
N VAL A 54 -8.56 1.66 -2.32
CA VAL A 54 -7.65 2.29 -1.34
C VAL A 54 -7.74 1.55 0.01
N GLN A 55 -8.89 1.05 0.34
CA GLN A 55 -9.04 0.31 1.61
C GLN A 55 -8.25 -1.00 1.52
N LYS A 56 -8.42 -1.71 0.43
CA LYS A 56 -7.68 -3.00 0.25
C LYS A 56 -6.17 -2.73 0.21
N LEU A 57 -5.76 -1.56 -0.19
CA LEU A 57 -4.29 -1.27 -0.23
C LEU A 57 -3.79 -1.17 1.21
N THR A 58 -4.42 -0.34 2.01
CA THR A 58 -4.01 -0.19 3.42
C THR A 58 -4.20 -1.54 4.12
N LYS A 59 -5.08 -2.34 3.60
CA LYS A 59 -5.32 -3.67 4.22
C LYS A 59 -4.22 -4.63 3.78
N ALA A 60 -3.64 -4.41 2.63
CA ALA A 60 -2.54 -5.30 2.17
C ALA A 60 -1.32 -5.10 3.06
N THR A 61 -0.97 -3.88 3.35
CA THR A 61 0.18 -3.64 4.26
C THR A 61 -0.26 -4.02 5.65
N ALA A 62 -1.49 -3.71 5.97
CA ALA A 62 -2.01 -4.08 7.30
C ALA A 62 -1.90 -5.59 7.45
N ASP A 63 -1.96 -6.30 6.35
CA ASP A 63 -1.83 -7.78 6.41
C ASP A 63 -0.37 -8.17 6.28
N ALA A 64 0.45 -7.30 5.74
CA ALA A 64 1.90 -7.62 5.62
C ALA A 64 2.51 -7.58 7.01
N GLY A 65 1.83 -6.96 7.93
CA GLY A 65 2.36 -6.86 9.31
C GLY A 65 2.73 -5.41 9.61
N TYR A 66 2.08 -4.49 8.95
CA TYR A 66 2.39 -3.06 9.17
C TYR A 66 1.09 -2.24 9.22
N PRO A 67 0.58 -2.06 10.41
CA PRO A 67 -0.67 -1.27 10.58
C PRO A 67 -0.50 0.09 9.94
N SER A 68 -0.96 0.25 8.72
CA SER A 68 -0.80 1.56 8.02
C SER A 68 -2.14 2.28 7.90
N SER A 69 -2.17 3.31 7.09
CA SER A 69 -3.41 4.08 6.87
C SER A 69 -3.47 4.49 5.40
N VAL A 70 -4.34 5.38 5.05
CA VAL A 70 -4.42 5.76 3.62
C VAL A 70 -4.72 7.26 3.45
N LYS A 71 -4.35 7.82 2.33
CA LYS A 71 -4.62 9.27 2.11
C LYS A 71 -4.78 9.56 0.61
N GLN A 72 -5.65 8.86 -0.04
CA GLN A 72 -5.86 9.09 -1.50
C GLN A 72 -5.87 10.59 -1.81
HG HG B . 12.42 -3.29 8.52
N ALA A 1 12.55 2.96 12.91
CA ALA A 1 12.05 2.25 11.69
C ALA A 1 10.51 2.30 11.64
N THR A 2 9.97 3.43 11.31
CA THR A 2 8.51 3.60 11.22
C THR A 2 8.23 4.68 10.18
N GLN A 3 8.10 4.30 8.96
CA GLN A 3 7.89 5.31 7.89
C GLN A 3 6.47 5.28 7.32
N THR A 4 6.12 6.27 6.54
CA THR A 4 4.76 6.31 5.94
C THR A 4 4.85 6.89 4.53
N VAL A 5 4.34 6.18 3.56
CA VAL A 5 4.40 6.69 2.15
C VAL A 5 3.02 6.60 1.51
N THR A 6 2.87 7.19 0.37
CA THR A 6 1.57 7.13 -0.34
C THR A 6 1.77 6.23 -1.55
N LEU A 7 0.73 5.69 -2.09
CA LEU A 7 0.91 4.78 -3.25
C LEU A 7 -0.06 5.10 -4.38
N ALA A 8 0.34 4.81 -5.57
CA ALA A 8 -0.53 5.05 -6.75
C ALA A 8 -0.69 3.74 -7.53
N VAL A 9 -1.80 3.08 -7.37
CA VAL A 9 -1.99 1.78 -8.09
C VAL A 9 -3.06 1.92 -9.20
N PRO A 10 -2.61 2.26 -10.39
CA PRO A 10 -3.54 2.42 -11.54
C PRO A 10 -4.16 1.07 -11.90
N GLY A 11 -3.65 0.00 -11.35
CA GLY A 11 -4.22 -1.34 -11.67
C GLY A 11 -5.63 -1.45 -11.09
N MET A 12 -6.04 -0.48 -10.32
CA MET A 12 -7.41 -0.53 -9.74
C MET A 12 -8.09 0.83 -9.85
N THR A 13 -9.39 0.84 -9.80
CA THR A 13 -10.17 2.10 -9.90
C THR A 13 -11.66 1.78 -9.81
N CYS A 14 -12.02 0.79 -9.04
CA CYS A 14 -13.45 0.39 -8.90
C CYS A 14 -13.62 -0.45 -7.63
N ALA A 15 -14.53 -0.09 -6.76
CA ALA A 15 -14.73 -0.86 -5.49
C ALA A 15 -14.52 -2.37 -5.71
N ALA A 16 -13.28 -2.82 -5.66
CA ALA A 16 -12.98 -4.25 -5.86
C ALA A 16 -11.47 -4.47 -5.81
N CYS A 17 -10.77 -3.94 -6.79
CA CYS A 17 -9.27 -4.08 -6.82
C CYS A 17 -8.61 -3.02 -5.93
N PRO A 18 -9.07 -1.80 -6.00
CA PRO A 18 -8.48 -0.71 -5.18
C PRO A 18 -8.50 -1.13 -3.70
N ILE A 19 -9.66 -1.45 -3.21
CA ILE A 19 -9.78 -1.89 -1.79
C ILE A 19 -8.80 -3.05 -1.53
N THR A 20 -8.49 -3.82 -2.54
CA THR A 20 -7.55 -4.96 -2.34
C THR A 20 -6.16 -4.42 -2.07
N VAL A 21 -5.86 -3.29 -2.63
CA VAL A 21 -4.54 -2.67 -2.40
C VAL A 21 -4.45 -2.29 -0.93
N LYS A 22 -5.55 -1.90 -0.35
CA LYS A 22 -5.55 -1.53 1.08
C LYS A 22 -5.31 -2.79 1.90
N LYS A 23 -5.82 -3.90 1.43
CA LYS A 23 -5.62 -5.16 2.18
C LYS A 23 -4.19 -5.63 2.01
N ALA A 24 -3.60 -5.30 0.90
CA ALA A 24 -2.20 -5.69 0.61
C ALA A 24 -1.27 -5.05 1.65
N LEU A 25 -1.43 -3.78 1.90
CA LEU A 25 -0.57 -3.12 2.91
C LEU A 25 -0.98 -3.60 4.30
N SER A 26 -2.24 -3.85 4.49
CA SER A 26 -2.72 -4.33 5.80
C SER A 26 -2.10 -5.70 6.07
N LYS A 27 -1.63 -6.34 5.04
CA LYS A 27 -1.03 -7.68 5.24
C LYS A 27 0.38 -7.74 4.61
N VAL A 28 0.90 -6.62 4.16
CA VAL A 28 2.25 -6.64 3.53
C VAL A 28 3.25 -7.40 4.42
N GLU A 29 3.35 -7.04 5.68
CA GLU A 29 4.30 -7.74 6.60
C GLU A 29 4.53 -6.94 7.88
N GLY A 30 4.81 -5.67 7.76
CA GLY A 30 5.06 -4.85 8.98
C GLY A 30 4.14 -3.63 9.01
N VAL A 31 3.26 -3.49 8.05
CA VAL A 31 2.34 -2.31 8.05
C VAL A 31 1.82 -2.08 9.46
N SER A 32 1.89 -0.87 9.92
CA SER A 32 1.39 -0.56 11.28
C SER A 32 0.13 0.29 11.16
N LYS A 33 -0.11 0.79 9.98
CA LYS A 33 -1.33 1.62 9.78
C LYS A 33 -1.62 1.75 8.28
N VAL A 34 -2.80 2.17 7.91
CA VAL A 34 -3.12 2.29 6.46
C VAL A 34 -4.18 3.36 6.22
N ASP A 35 -4.29 3.82 5.00
CA ASP A 35 -5.31 4.85 4.66
C ASP A 35 -5.36 4.96 3.14
N VAL A 36 -6.05 4.06 2.50
CA VAL A 36 -6.12 4.07 1.01
C VAL A 36 -7.49 4.52 0.51
N GLY A 37 -7.56 4.86 -0.74
CA GLY A 37 -8.85 5.29 -1.34
C GLY A 37 -9.08 4.43 -2.57
N PHE A 38 -10.01 3.51 -2.50
CA PHE A 38 -10.27 2.61 -3.64
C PHE A 38 -10.51 3.40 -4.94
N GLU A 39 -11.74 3.52 -5.36
CA GLU A 39 -12.07 4.26 -6.63
C GLU A 39 -10.98 5.27 -7.03
N LYS A 40 -10.80 6.31 -6.25
CA LYS A 40 -9.74 7.31 -6.60
C LYS A 40 -8.47 6.60 -7.07
N ARG A 41 -7.94 5.71 -6.26
CA ARG A 41 -6.70 4.91 -6.57
C ARG A 41 -5.48 5.53 -5.88
N GLU A 42 -5.35 5.30 -4.61
CA GLU A 42 -4.16 5.87 -3.87
C GLU A 42 -4.08 5.25 -2.47
N ALA A 43 -3.04 4.50 -2.18
CA ALA A 43 -2.95 3.89 -0.82
C ALA A 43 -1.87 4.56 0.02
N VAL A 44 -2.23 5.13 1.14
CA VAL A 44 -1.22 5.77 2.02
C VAL A 44 -1.06 4.89 3.25
N VAL A 45 0.10 4.37 3.48
CA VAL A 45 0.27 3.46 4.64
C VAL A 45 1.51 3.77 5.47
N THR A 46 1.48 3.36 6.70
CA THR A 46 2.63 3.55 7.61
C THR A 46 3.12 2.17 8.00
N PHE A 47 4.33 2.05 8.47
CA PHE A 47 4.82 0.70 8.83
C PHE A 47 6.15 0.79 9.54
N ASP A 48 6.72 -0.34 9.83
CA ASP A 48 8.04 -0.37 10.49
C ASP A 48 9.08 -0.79 9.45
N ASP A 49 9.95 0.11 9.08
CA ASP A 49 10.95 -0.22 8.03
C ASP A 49 11.88 -1.34 8.51
N THR A 50 11.81 -1.70 9.75
CA THR A 50 12.69 -2.79 10.26
C THR A 50 12.37 -4.10 9.53
N LYS A 51 11.18 -4.21 9.01
CA LYS A 51 10.79 -5.46 8.29
C LYS A 51 10.18 -5.12 6.93
N ALA A 52 9.40 -4.08 6.89
CA ALA A 52 8.76 -3.68 5.61
C ALA A 52 9.41 -2.40 5.09
N SER A 53 8.82 -1.78 4.11
CA SER A 53 9.41 -0.54 3.54
C SER A 53 8.54 -0.01 2.41
N VAL A 54 8.62 1.26 2.14
CA VAL A 54 7.80 1.83 1.03
C VAL A 54 7.84 0.91 -0.18
N GLN A 55 8.99 0.36 -0.46
CA GLN A 55 9.10 -0.57 -1.62
C GLN A 55 8.21 -1.79 -1.38
N LYS A 56 8.24 -2.33 -0.20
CA LYS A 56 7.40 -3.52 0.10
C LYS A 56 5.91 -3.15 0.09
N LEU A 57 5.57 -1.89 0.30
CA LEU A 57 4.12 -1.51 0.27
C LEU A 57 3.64 -1.59 -1.18
N THR A 58 4.34 -0.95 -2.07
CA THR A 58 3.96 -1.00 -3.50
C THR A 58 4.11 -2.43 -4.00
N LYS A 59 4.88 -3.21 -3.29
CA LYS A 59 5.07 -4.63 -3.68
C LYS A 59 3.90 -5.44 -3.14
N ALA A 60 3.28 -4.98 -2.09
CA ALA A 60 2.11 -5.71 -1.53
C ALA A 60 0.93 -5.59 -2.49
N THR A 61 0.69 -4.41 -3.00
CA THR A 61 -0.42 -4.26 -3.98
C THR A 61 0.05 -4.83 -5.30
N ALA A 62 1.29 -4.60 -5.61
CA ALA A 62 1.84 -5.17 -6.87
C ALA A 62 1.75 -6.69 -6.76
N ASP A 63 1.72 -7.19 -5.55
CA ASP A 63 1.61 -8.67 -5.37
C ASP A 63 0.13 -9.05 -5.33
N ALA A 64 -0.73 -8.11 -5.03
CA ALA A 64 -2.18 -8.43 -5.01
C ALA A 64 -2.66 -8.53 -6.45
N GLY A 65 -1.88 -8.00 -7.36
CA GLY A 65 -2.27 -8.05 -8.79
C GLY A 65 -2.52 -6.64 -9.29
N TYR A 66 -1.87 -5.68 -8.69
CA TYR A 66 -2.08 -4.27 -9.12
C TYR A 66 -0.74 -3.54 -9.21
N PRO A 67 -0.15 -3.55 -10.38
CA PRO A 67 1.14 -2.88 -10.59
C PRO A 67 1.03 -1.40 -10.21
N SER A 68 1.36 -1.06 -9.00
CA SER A 68 1.24 0.35 -8.56
C SER A 68 2.64 0.98 -8.38
N SER A 69 2.69 2.09 -7.69
CA SER A 69 3.99 2.76 -7.46
C SER A 69 3.93 3.51 -6.14
N VAL A 70 4.91 4.31 -5.85
CA VAL A 70 4.88 5.03 -4.55
C VAL A 70 5.37 6.47 -4.71
N LYS A 71 5.04 7.31 -3.78
CA LYS A 71 5.50 8.73 -3.89
C LYS A 71 5.18 9.51 -2.62
N GLN A 72 5.53 8.97 -1.47
CA GLN A 72 5.28 9.65 -0.16
C GLN A 72 4.24 10.78 -0.28
HG HG B . -11.98 -3.31 -9.58
N ALA A 1 -12.31 0.78 -13.66
CA ALA A 1 -11.92 0.31 -12.31
C ALA A 1 -10.40 0.24 -12.19
N THR A 2 -9.77 1.37 -12.02
CA THR A 2 -8.30 1.42 -11.87
C THR A 2 -7.93 2.69 -11.13
N GLN A 3 -7.79 2.58 -9.85
CA GLN A 3 -7.46 3.78 -9.04
C GLN A 3 -6.04 3.70 -8.48
N THR A 4 -5.43 4.84 -8.29
CA THR A 4 -4.04 4.86 -7.73
C THR A 4 -3.99 5.84 -6.56
N VAL A 5 -3.64 5.36 -5.40
CA VAL A 5 -3.58 6.25 -4.21
C VAL A 5 -2.23 6.14 -3.52
N THR A 6 -1.98 7.00 -2.59
CA THR A 6 -0.70 6.94 -1.84
C THR A 6 -1.04 6.45 -0.44
N LEU A 7 -0.10 5.90 0.25
CA LEU A 7 -0.43 5.39 1.60
C LEU A 7 0.60 5.85 2.63
N ALA A 8 0.17 5.96 3.85
CA ALA A 8 1.10 6.38 4.93
C ALA A 8 1.16 5.29 6.00
N VAL A 9 2.26 4.60 6.10
CA VAL A 9 2.36 3.50 7.11
C VAL A 9 3.36 3.85 8.23
N PRO A 10 2.96 4.75 9.11
CA PRO A 10 3.84 5.15 10.24
C PRO A 10 4.05 4.00 11.23
N GLY A 11 3.34 2.91 11.06
CA GLY A 11 3.51 1.77 12.02
C GLY A 11 5.00 1.47 12.16
N MET A 12 5.72 1.47 11.06
CA MET A 12 7.17 1.19 11.12
C MET A 12 7.87 1.90 9.95
N THR A 13 9.15 2.06 10.00
CA THR A 13 9.85 2.76 8.88
C THR A 13 11.37 2.71 9.05
N CYS A 14 12.05 1.95 8.24
CA CYS A 14 13.53 1.88 8.35
C CYS A 14 14.13 1.18 7.13
N ALA A 15 13.56 0.10 6.71
CA ALA A 15 14.10 -0.61 5.51
C ALA A 15 13.32 -1.91 5.24
N ALA A 16 12.70 -2.46 6.25
CA ALA A 16 11.95 -3.73 6.05
C ALA A 16 10.49 -3.58 6.50
N CYS A 17 9.98 -2.37 6.54
CA CYS A 17 8.56 -2.18 6.96
C CYS A 17 7.76 -1.48 5.85
N PRO A 18 8.04 -0.23 5.52
CA PRO A 18 7.31 0.40 4.40
C PRO A 18 7.44 -0.50 3.19
N ILE A 19 8.61 -1.07 3.02
CA ILE A 19 8.84 -2.01 1.89
C ILE A 19 7.88 -3.21 2.01
N THR A 20 7.65 -3.66 3.21
CA THR A 20 6.73 -4.81 3.42
C THR A 20 5.35 -4.40 2.95
N VAL A 21 5.12 -3.13 2.89
CA VAL A 21 3.81 -2.63 2.43
C VAL A 21 3.76 -2.74 0.90
N LYS A 22 4.88 -2.59 0.26
CA LYS A 22 4.91 -2.70 -1.21
C LYS A 22 4.54 -4.12 -1.60
N LYS A 23 4.98 -5.07 -0.82
CA LYS A 23 4.64 -6.48 -1.13
C LYS A 23 3.19 -6.74 -0.79
N ALA A 24 2.71 -6.11 0.23
CA ALA A 24 1.31 -6.29 0.66
C ALA A 24 0.34 -5.83 -0.44
N LEU A 25 0.52 -4.66 -0.97
CA LEU A 25 -0.39 -4.17 -2.04
C LEU A 25 -0.24 -5.04 -3.29
N SER A 26 0.97 -5.31 -3.69
CA SER A 26 1.17 -6.16 -4.88
C SER A 26 0.57 -7.53 -4.63
N LYS A 27 0.33 -7.84 -3.38
CA LYS A 27 -0.26 -9.16 -3.05
C LYS A 27 -1.74 -9.01 -2.73
N VAL A 28 -2.18 -7.81 -2.51
CA VAL A 28 -3.62 -7.60 -2.20
C VAL A 28 -4.49 -8.38 -3.19
N GLU A 29 -4.32 -8.10 -4.46
CA GLU A 29 -5.12 -8.81 -5.52
C GLU A 29 -5.22 -7.94 -6.77
N GLY A 30 -6.11 -6.98 -6.75
CA GLY A 30 -6.30 -6.09 -7.93
C GLY A 30 -5.07 -5.21 -8.14
N VAL A 31 -4.29 -5.00 -7.12
CA VAL A 31 -3.08 -4.15 -7.27
C VAL A 31 -2.37 -4.51 -8.57
N SER A 32 -2.21 -3.54 -9.43
CA SER A 32 -1.54 -3.80 -10.73
C SER A 32 -0.17 -3.14 -10.76
N LYS A 33 0.06 -2.26 -9.84
CA LYS A 33 1.38 -1.57 -9.79
C LYS A 33 1.66 -1.11 -8.36
N VAL A 34 2.92 -0.94 -8.02
CA VAL A 34 3.24 -0.50 -6.63
C VAL A 34 4.53 0.33 -6.63
N ASP A 35 4.65 1.20 -5.66
CA ASP A 35 5.86 2.05 -5.55
C ASP A 35 5.80 2.76 -4.20
N VAL A 36 6.44 2.22 -3.20
CA VAL A 36 6.36 2.85 -1.85
C VAL A 36 7.67 3.52 -1.46
N GLY A 37 7.92 3.60 -0.19
CA GLY A 37 9.16 4.24 0.29
C GLY A 37 9.60 3.52 1.57
N PHE A 38 10.67 2.77 1.47
CA PHE A 38 11.22 2.00 2.63
C PHE A 38 12.07 2.90 3.52
N GLU A 39 11.49 3.92 4.08
CA GLU A 39 12.25 4.84 4.96
C GLU A 39 11.34 5.94 5.47
N LYS A 40 10.50 6.46 4.61
CA LYS A 40 9.55 7.52 5.02
C LYS A 40 8.13 6.94 4.98
N ARG A 41 8.01 5.71 5.42
CA ARG A 41 6.68 5.00 5.42
C ARG A 41 5.74 5.57 4.36
N GLU A 42 5.91 5.20 3.12
CA GLU A 42 4.99 5.74 2.08
C GLU A 42 4.72 4.71 0.98
N ALA A 43 3.51 4.22 0.87
CA ALA A 43 3.23 3.22 -0.20
C ALA A 43 2.28 3.80 -1.26
N VAL A 44 2.75 3.95 -2.46
CA VAL A 44 1.87 4.48 -3.54
C VAL A 44 1.54 3.34 -4.49
N VAL A 45 0.30 3.03 -4.67
CA VAL A 45 -0.03 1.87 -5.54
C VAL A 45 -1.19 2.14 -6.49
N THR A 46 -1.19 1.41 -7.58
CA THR A 46 -2.29 1.52 -8.59
C THR A 46 -2.99 0.17 -8.62
N PHE A 47 -4.21 0.10 -9.06
CA PHE A 47 -4.86 -1.23 -9.05
C PHE A 47 -6.21 -1.16 -9.74
N ASP A 48 -6.86 -2.27 -9.82
CA ASP A 48 -8.20 -2.30 -10.45
C ASP A 48 -9.22 -2.46 -9.33
N ASP A 49 -10.12 -1.53 -9.19
CA ASP A 49 -11.10 -1.63 -8.08
C ASP A 49 -11.98 -2.88 -8.24
N THR A 50 -11.87 -3.55 -9.36
CA THR A 50 -12.69 -4.77 -9.57
C THR A 50 -12.26 -5.87 -8.60
N LYS A 51 -11.03 -5.87 -8.16
CA LYS A 51 -10.57 -6.94 -7.22
C LYS A 51 -9.91 -6.34 -5.98
N ALA A 52 -9.68 -5.05 -5.98
CA ALA A 52 -9.05 -4.40 -4.81
C ALA A 52 -9.61 -2.99 -4.62
N SER A 53 -8.99 -2.20 -3.79
CA SER A 53 -9.48 -0.81 -3.57
C SER A 53 -8.56 -0.08 -2.58
N VAL A 54 -8.54 1.22 -2.65
CA VAL A 54 -7.66 1.99 -1.71
C VAL A 54 -7.77 1.38 -0.31
N GLN A 55 -8.95 1.00 0.07
CA GLN A 55 -9.12 0.40 1.42
C GLN A 55 -8.30 -0.88 1.52
N LYS A 56 -8.36 -1.71 0.52
CA LYS A 56 -7.57 -2.98 0.54
C LYS A 56 -6.07 -2.70 0.47
N LEU A 57 -5.67 -1.56 -0.03
CA LEU A 57 -4.21 -1.26 -0.07
C LEU A 57 -3.73 -0.94 1.34
N THR A 58 -4.34 0.03 1.96
CA THR A 58 -3.97 0.40 3.35
C THR A 58 -4.32 -0.78 4.26
N LYS A 59 -5.20 -1.62 3.81
CA LYS A 59 -5.59 -2.80 4.63
C LYS A 59 -4.54 -3.89 4.45
N ALA A 60 -3.90 -3.92 3.31
CA ALA A 60 -2.84 -4.95 3.09
C ALA A 60 -1.66 -4.65 4.01
N THR A 61 -1.29 -3.41 4.13
CA THR A 61 -0.18 -3.06 5.05
C THR A 61 -0.72 -3.15 6.47
N ALA A 62 -1.95 -2.76 6.65
CA ALA A 62 -2.55 -2.86 8.00
C ALA A 62 -2.54 -4.33 8.40
N ASP A 63 -2.57 -5.21 7.44
CA ASP A 63 -2.53 -6.66 7.75
C ASP A 63 -1.07 -7.13 7.80
N ALA A 64 -0.19 -6.37 7.20
CA ALA A 64 1.24 -6.75 7.24
C ALA A 64 1.77 -6.48 8.64
N GLY A 65 1.08 -5.68 9.39
CA GLY A 65 1.52 -5.36 10.77
C GLY A 65 1.89 -3.89 10.85
N TYR A 66 1.30 -3.08 10.02
CA TYR A 66 1.65 -1.63 10.05
C TYR A 66 0.39 -0.76 9.91
N PRO A 67 -0.11 -0.29 11.02
CA PRO A 67 -1.33 0.56 11.01
C PRO A 67 -1.07 1.80 10.14
N SER A 68 -1.44 1.74 8.89
CA SER A 68 -1.19 2.89 7.99
C SER A 68 -2.50 3.61 7.64
N SER A 69 -2.47 4.38 6.59
CA SER A 69 -3.68 5.13 6.17
C SER A 69 -3.55 5.45 4.68
N VAL A 70 -4.41 6.28 4.17
CA VAL A 70 -4.32 6.60 2.72
C VAL A 70 -4.48 8.09 2.47
N LYS A 71 -4.00 8.56 1.35
CA LYS A 71 -4.13 10.02 1.07
C LYS A 71 -3.72 10.34 -0.36
N GLN A 72 -4.22 9.59 -1.30
CA GLN A 72 -3.87 9.84 -2.73
C GLN A 72 -3.94 11.35 -3.03
HG HG B . 11.72 -1.55 9.53
N ALA A 1 12.70 1.70 11.64
CA ALA A 1 11.98 3.00 11.71
C ALA A 1 10.47 2.76 11.70
N THR A 2 9.70 3.81 11.54
CA THR A 2 8.23 3.69 11.50
C THR A 2 7.70 4.84 10.67
N GLN A 3 7.58 4.66 9.39
CA GLN A 3 7.11 5.78 8.53
C GLN A 3 5.84 5.41 7.76
N THR A 4 5.19 6.40 7.21
CA THR A 4 3.94 6.14 6.44
C THR A 4 4.04 6.82 5.07
N VAL A 5 3.65 6.14 4.04
CA VAL A 5 3.72 6.75 2.68
C VAL A 5 2.38 6.57 1.98
N THR A 6 2.19 7.25 0.90
CA THR A 6 0.93 7.11 0.16
C THR A 6 1.24 6.31 -1.09
N LEU A 7 0.28 5.68 -1.67
CA LEU A 7 0.59 4.86 -2.86
C LEU A 7 -0.42 5.10 -3.98
N ALA A 8 0.02 4.99 -5.19
CA ALA A 8 -0.89 5.20 -6.35
C ALA A 8 -0.96 3.93 -7.18
N VAL A 9 -2.10 3.29 -7.24
CA VAL A 9 -2.21 2.03 -8.04
C VAL A 9 -3.21 2.19 -9.19
N PRO A 10 -2.78 2.84 -10.24
CA PRO A 10 -3.65 3.06 -11.42
C PRO A 10 -3.69 1.81 -12.32
N GLY A 11 -3.75 0.64 -11.74
CA GLY A 11 -3.78 -0.60 -12.56
C GLY A 11 -5.03 -1.40 -12.24
N MET A 12 -5.87 -0.90 -11.37
CA MET A 12 -7.11 -1.66 -11.02
C MET A 12 -8.17 -0.73 -10.42
N THR A 13 -8.05 0.54 -10.68
CA THR A 13 -9.05 1.50 -10.13
C THR A 13 -10.48 1.00 -10.35
N CYS A 14 -11.05 0.34 -9.38
CA CYS A 14 -12.45 -0.17 -9.52
C CYS A 14 -12.84 -0.91 -8.23
N ALA A 15 -13.76 -0.35 -7.49
CA ALA A 15 -14.22 -0.96 -6.19
C ALA A 15 -14.02 -2.48 -6.14
N ALA A 16 -12.80 -2.92 -5.94
CA ALA A 16 -12.53 -4.37 -5.88
C ALA A 16 -11.03 -4.65 -5.76
N CYS A 17 -10.25 -4.02 -6.62
CA CYS A 17 -8.78 -4.27 -6.62
C CYS A 17 -7.97 -3.21 -5.84
N PRO A 18 -8.33 -1.94 -5.93
CA PRO A 18 -7.57 -0.93 -5.18
C PRO A 18 -7.66 -1.26 -3.69
N ILE A 19 -8.80 -1.72 -3.26
CA ILE A 19 -8.92 -2.13 -1.82
C ILE A 19 -7.98 -3.33 -1.60
N THR A 20 -7.76 -4.10 -2.62
CA THR A 20 -6.82 -5.26 -2.50
C THR A 20 -5.43 -4.72 -2.24
N VAL A 21 -5.19 -3.51 -2.65
CA VAL A 21 -3.87 -2.89 -2.43
C VAL A 21 -3.73 -2.62 -0.93
N LYS A 22 -4.83 -2.37 -0.27
CA LYS A 22 -4.76 -2.13 1.19
C LYS A 22 -4.34 -3.42 1.86
N LYS A 23 -4.84 -4.51 1.37
CA LYS A 23 -4.47 -5.82 1.96
C LYS A 23 -3.02 -6.14 1.60
N ALA A 24 -2.59 -5.67 0.47
CA ALA A 24 -1.20 -5.91 0.02
C ALA A 24 -0.20 -5.26 0.99
N LEU A 25 -0.46 -4.05 1.40
CA LEU A 25 0.47 -3.38 2.34
C LEU A 25 0.29 -3.97 3.74
N SER A 26 -0.91 -4.31 4.10
CA SER A 26 -1.14 -4.91 5.44
C SER A 26 -0.42 -6.24 5.50
N LYS A 27 -0.10 -6.79 4.36
CA LYS A 27 0.60 -8.10 4.34
C LYS A 27 1.99 -7.93 3.73
N VAL A 28 2.36 -6.72 3.37
CA VAL A 28 3.70 -6.50 2.76
C VAL A 28 4.79 -7.09 3.65
N GLU A 29 4.67 -6.93 4.95
CA GLU A 29 5.72 -7.48 5.87
C GLU A 29 5.58 -6.88 7.27
N GLY A 30 6.14 -5.72 7.49
CA GLY A 30 6.08 -5.09 8.84
C GLY A 30 4.98 -4.04 8.90
N VAL A 31 4.21 -3.91 7.85
CA VAL A 31 3.12 -2.88 7.85
C VAL A 31 2.45 -2.83 9.22
N SER A 32 2.32 -1.66 9.77
CA SER A 32 1.69 -1.52 11.09
C SER A 32 0.32 -0.87 10.95
N LYS A 33 0.02 -0.36 9.78
CA LYS A 33 -1.30 0.27 9.58
C LYS A 33 -1.58 0.45 8.08
N VAL A 34 -2.79 0.77 7.71
CA VAL A 34 -3.11 0.95 6.26
C VAL A 34 -4.45 1.65 6.08
N ASP A 35 -4.60 2.34 4.98
CA ASP A 35 -5.87 3.07 4.69
C ASP A 35 -5.91 3.42 3.20
N VAL A 36 -6.51 2.58 2.40
CA VAL A 36 -6.52 2.86 0.94
C VAL A 36 -7.91 3.29 0.46
N GLY A 37 -8.01 3.65 -0.79
CA GLY A 37 -9.31 4.08 -1.34
C GLY A 37 -9.56 3.33 -2.65
N PHE A 38 -10.65 2.62 -2.69
CA PHE A 38 -11.03 1.83 -3.90
C PHE A 38 -11.10 2.75 -5.13
N GLU A 39 -12.02 2.48 -6.04
CA GLU A 39 -12.18 3.32 -7.29
C GLU A 39 -11.16 4.46 -7.37
N LYS A 40 -11.24 5.43 -6.50
CA LYS A 40 -10.26 6.56 -6.54
C LYS A 40 -8.88 6.05 -6.96
N ARG A 41 -8.29 5.19 -6.15
CA ARG A 41 -6.94 4.57 -6.43
C ARG A 41 -5.86 5.22 -5.57
N GLU A 42 -5.78 4.85 -4.33
CA GLU A 42 -4.70 5.46 -3.48
C GLU A 42 -4.56 4.73 -2.14
N ALA A 43 -3.43 4.12 -1.87
CA ALA A 43 -3.26 3.40 -0.58
C ALA A 43 -2.24 4.10 0.32
N VAL A 44 -2.65 4.54 1.47
CA VAL A 44 -1.68 5.20 2.39
C VAL A 44 -1.41 4.24 3.55
N VAL A 45 -0.17 3.88 3.75
CA VAL A 45 0.12 2.89 4.81
C VAL A 45 1.23 3.34 5.77
N THR A 46 1.24 2.75 6.92
CA THR A 46 2.29 3.05 7.94
C THR A 46 3.04 1.75 8.18
N PHE A 47 4.27 1.80 8.60
CA PHE A 47 4.99 0.53 8.83
C PHE A 47 6.32 0.76 9.49
N ASP A 48 7.02 -0.30 9.75
CA ASP A 48 8.37 -0.16 10.37
C ASP A 48 9.40 -0.46 9.29
N ASP A 49 10.21 0.50 8.97
CA ASP A 49 11.22 0.28 7.89
C ASP A 49 12.23 -0.81 8.29
N THR A 50 12.17 -1.29 9.51
CA THR A 50 13.12 -2.36 9.93
C THR A 50 12.74 -3.69 9.28
N LYS A 51 11.49 -3.86 8.94
CA LYS A 51 11.05 -5.15 8.30
C LYS A 51 10.36 -4.87 6.96
N ALA A 52 10.25 -3.62 6.60
CA ALA A 52 9.58 -3.28 5.30
C ALA A 52 10.01 -1.87 4.86
N SER A 53 9.33 -1.31 3.91
CA SER A 53 9.71 0.05 3.45
C SER A 53 8.79 0.52 2.32
N VAL A 54 8.72 1.79 2.10
CA VAL A 54 7.85 2.32 1.02
C VAL A 54 7.97 1.44 -0.22
N GLN A 55 9.16 1.03 -0.56
CA GLN A 55 9.34 0.16 -1.75
C GLN A 55 8.55 -1.14 -1.55
N LYS A 56 8.68 -1.76 -0.40
CA LYS A 56 7.94 -3.02 -0.16
C LYS A 56 6.43 -2.77 -0.15
N LEU A 57 6.00 -1.56 0.12
CA LEU A 57 4.53 -1.31 0.10
C LEU A 57 4.06 -1.32 -1.35
N THR A 58 4.70 -0.54 -2.18
CA THR A 58 4.32 -0.52 -3.62
C THR A 58 4.62 -1.90 -4.20
N LYS A 59 5.47 -2.64 -3.56
CA LYS A 59 5.79 -4.02 -4.04
C LYS A 59 4.70 -4.97 -3.59
N ALA A 60 4.03 -4.67 -2.51
CA ALA A 60 2.95 -5.58 -2.03
C ALA A 60 1.77 -5.46 -2.98
N THR A 61 1.42 -4.28 -3.38
CA THR A 61 0.31 -4.12 -4.35
C THR A 61 0.82 -4.57 -5.70
N ALA A 62 2.04 -4.22 -6.00
CA ALA A 62 2.62 -4.65 -7.29
C ALA A 62 2.62 -6.17 -7.33
N ASP A 63 2.67 -6.79 -6.17
CA ASP A 63 2.64 -8.27 -6.12
C ASP A 63 1.18 -8.74 -6.03
N ALA A 64 0.30 -7.87 -5.62
CA ALA A 64 -1.13 -8.26 -5.53
C ALA A 64 -1.71 -8.31 -6.94
N GLY A 65 -1.02 -7.71 -7.87
CA GLY A 65 -1.51 -7.72 -9.27
C GLY A 65 -1.91 -6.29 -9.66
N TYR A 66 -1.30 -5.32 -9.05
CA TYR A 66 -1.64 -3.91 -9.38
C TYR A 66 -0.37 -3.05 -9.44
N PRO A 67 0.11 -2.83 -10.64
CA PRO A 67 1.31 -2.00 -10.83
C PRO A 67 1.10 -0.63 -10.19
N SER A 68 1.57 -0.46 -8.99
CA SER A 68 1.36 0.85 -8.30
C SER A 68 2.66 1.64 -8.18
N SER A 69 2.65 2.67 -7.38
CA SER A 69 3.85 3.52 -7.18
C SER A 69 3.72 4.21 -5.83
N VAL A 70 4.57 5.11 -5.51
CA VAL A 70 4.45 5.76 -4.18
C VAL A 70 4.59 7.28 -4.29
N LYS A 71 4.15 8.00 -3.29
CA LYS A 71 4.25 9.49 -3.38
C LYS A 71 4.46 10.12 -2.00
N GLN A 72 5.47 9.70 -1.29
CA GLN A 72 5.72 10.29 0.05
C GLN A 72 7.04 9.76 0.62
HG HG B . -11.35 -4.14 -9.73
N ALA A 1 -12.34 1.55 -13.47
CA ALA A 1 -11.90 0.82 -12.24
C ALA A 1 -10.38 0.63 -12.26
N THR A 2 -9.65 1.72 -12.28
CA THR A 2 -8.18 1.65 -12.29
C THR A 2 -7.63 2.93 -11.67
N GLN A 3 -7.49 2.95 -10.38
CA GLN A 3 -7.00 4.22 -9.73
C GLN A 3 -5.79 3.96 -8.84
N THR A 4 -4.97 4.97 -8.66
CA THR A 4 -3.77 4.83 -7.80
C THR A 4 -3.87 5.80 -6.63
N VAL A 5 -3.22 5.49 -5.55
CA VAL A 5 -3.26 6.40 -4.37
C VAL A 5 -1.93 6.36 -3.65
N THR A 6 -1.73 7.21 -2.71
CA THR A 6 -0.46 7.20 -1.96
C THR A 6 -0.77 6.69 -0.56
N LEU A 7 0.18 6.15 0.14
CA LEU A 7 -0.15 5.65 1.49
C LEU A 7 0.87 6.10 2.52
N ALA A 8 0.44 6.29 3.73
CA ALA A 8 1.36 6.72 4.81
C ALA A 8 1.40 5.64 5.89
N VAL A 9 2.51 4.98 6.05
CA VAL A 9 2.58 3.89 7.07
C VAL A 9 3.47 4.28 8.26
N PRO A 10 2.97 5.17 9.09
CA PRO A 10 3.73 5.60 10.28
C PRO A 10 4.05 4.39 11.17
N GLY A 11 3.41 3.28 10.92
CA GLY A 11 3.67 2.07 11.74
C GLY A 11 4.92 1.35 11.21
N MET A 12 5.70 2.01 10.40
CA MET A 12 6.94 1.36 9.88
C MET A 12 8.13 1.78 10.73
N THR A 13 9.33 1.57 10.25
CA THR A 13 10.51 1.97 11.06
C THR A 13 11.83 1.62 10.36
N CYS A 14 11.84 0.64 9.48
CA CYS A 14 13.13 0.29 8.81
C CYS A 14 12.86 -0.45 7.50
N ALA A 15 13.78 -1.25 7.07
CA ALA A 15 13.58 -2.01 5.80
C ALA A 15 12.80 -3.29 6.07
N ALA A 16 11.79 -3.22 6.89
CA ALA A 16 10.99 -4.45 7.19
C ALA A 16 9.52 -4.11 7.41
N CYS A 17 9.22 -2.99 8.01
CA CYS A 17 7.79 -2.64 8.25
C CYS A 17 7.19 -1.84 7.07
N PRO A 18 7.92 -0.87 6.57
CA PRO A 18 7.41 -0.08 5.43
C PRO A 18 7.56 -0.92 4.16
N ILE A 19 8.68 -1.56 4.02
CA ILE A 19 8.91 -2.46 2.85
C ILE A 19 7.80 -3.52 2.79
N THR A 20 7.38 -4.00 3.93
CA THR A 20 6.30 -5.03 3.96
C THR A 20 5.03 -4.42 3.39
N VAL A 21 4.94 -3.12 3.45
CA VAL A 21 3.75 -2.45 2.89
C VAL A 21 3.78 -2.59 1.39
N LYS A 22 4.95 -2.64 0.82
CA LYS A 22 5.07 -2.80 -0.64
C LYS A 22 4.59 -4.19 -0.99
N LYS A 23 4.96 -5.15 -0.21
CA LYS A 23 4.52 -6.53 -0.48
C LYS A 23 3.02 -6.64 -0.27
N ALA A 24 2.49 -5.78 0.54
CA ALA A 24 1.02 -5.80 0.82
C ALA A 24 0.24 -5.33 -0.41
N LEU A 25 0.54 -4.17 -0.93
CA LEU A 25 -0.21 -3.67 -2.12
C LEU A 25 -0.03 -4.65 -3.28
N SER A 26 1.11 -5.25 -3.39
CA SER A 26 1.35 -6.22 -4.49
C SER A 26 0.59 -7.50 -4.20
N LYS A 27 0.28 -7.74 -2.96
CA LYS A 27 -0.47 -8.97 -2.62
C LYS A 27 -1.96 -8.65 -2.41
N VAL A 28 -2.30 -7.38 -2.44
CA VAL A 28 -3.72 -7.00 -2.24
C VAL A 28 -4.62 -7.89 -3.10
N GLU A 29 -4.74 -7.57 -4.37
CA GLU A 29 -5.60 -8.38 -5.27
C GLU A 29 -5.77 -7.66 -6.61
N GLY A 30 -6.05 -6.39 -6.57
CA GLY A 30 -6.23 -5.63 -7.84
C GLY A 30 -5.01 -4.76 -8.11
N VAL A 31 -4.25 -4.45 -7.11
CA VAL A 31 -3.04 -3.61 -7.32
C VAL A 31 -2.32 -4.05 -8.59
N SER A 32 -2.08 -3.12 -9.47
CA SER A 32 -1.37 -3.46 -10.73
C SER A 32 -0.01 -2.79 -10.71
N LYS A 33 0.19 -1.92 -9.76
CA LYS A 33 1.49 -1.22 -9.67
C LYS A 33 1.82 -0.92 -8.21
N VAL A 34 3.08 -0.76 -7.91
CA VAL A 34 3.47 -0.49 -6.50
C VAL A 34 4.80 0.26 -6.44
N ASP A 35 4.83 1.34 -5.70
CA ASP A 35 6.09 2.13 -5.56
C ASP A 35 6.06 2.79 -4.18
N VAL A 36 6.57 2.13 -3.19
CA VAL A 36 6.53 2.73 -1.82
C VAL A 36 7.91 3.18 -1.36
N GLY A 37 8.06 3.33 -0.08
CA GLY A 37 9.37 3.75 0.48
C GLY A 37 9.56 3.06 1.81
N PHE A 38 10.48 2.13 1.87
CA PHE A 38 10.75 1.38 3.12
C PHE A 38 10.98 2.36 4.28
N GLU A 39 12.21 2.62 4.62
CA GLU A 39 12.49 3.57 5.74
C GLU A 39 11.80 4.93 5.54
N LYS A 40 11.30 5.20 4.35
CA LYS A 40 10.62 6.51 4.10
C LYS A 40 9.17 6.49 4.61
N ARG A 41 8.58 5.34 4.70
CA ARG A 41 7.17 5.22 5.17
C ARG A 41 6.20 5.83 4.15
N GLU A 42 6.13 5.28 2.98
CA GLU A 42 5.20 5.84 1.96
C GLU A 42 4.92 4.84 0.84
N ALA A 43 3.70 4.36 0.72
CA ALA A 43 3.40 3.38 -0.37
C ALA A 43 2.47 4.00 -1.41
N VAL A 44 2.93 4.20 -2.61
CA VAL A 44 2.06 4.79 -3.65
C VAL A 44 1.83 3.76 -4.74
N VAL A 45 0.61 3.41 -5.01
CA VAL A 45 0.37 2.36 -6.04
C VAL A 45 -0.79 2.68 -6.99
N THR A 46 -1.00 1.76 -7.90
CA THR A 46 -2.12 1.86 -8.88
C THR A 46 -2.87 0.55 -8.79
N PHE A 47 -4.10 0.50 -9.20
CA PHE A 47 -4.83 -0.79 -9.09
C PHE A 47 -6.16 -0.72 -9.80
N ASP A 48 -6.87 -1.81 -9.79
CA ASP A 48 -8.21 -1.83 -10.42
C ASP A 48 -9.25 -1.87 -9.32
N ASP A 49 -10.08 -0.87 -9.24
CA ASP A 49 -11.08 -0.83 -8.14
C ASP A 49 -12.06 -2.00 -8.25
N THR A 50 -12.01 -2.74 -9.33
CA THR A 50 -12.95 -3.89 -9.48
C THR A 50 -12.53 -5.06 -8.58
N LYS A 51 -11.27 -5.16 -8.26
CA LYS A 51 -10.81 -6.28 -7.38
C LYS A 51 -10.15 -5.73 -6.12
N ALA A 52 -9.84 -4.47 -6.11
CA ALA A 52 -9.20 -3.85 -4.91
C ALA A 52 -9.64 -2.39 -4.79
N SER A 53 -8.97 -1.63 -3.98
CA SER A 53 -9.36 -0.21 -3.83
C SER A 53 -8.46 0.51 -2.83
N VAL A 54 -8.40 1.81 -2.91
CA VAL A 54 -7.55 2.59 -1.97
C VAL A 54 -7.73 2.03 -0.55
N GLN A 55 -8.92 1.64 -0.20
CA GLN A 55 -9.15 1.08 1.16
C GLN A 55 -8.38 -0.23 1.31
N LYS A 56 -8.43 -1.07 0.31
CA LYS A 56 -7.70 -2.36 0.38
C LYS A 56 -6.18 -2.13 0.37
N LEU A 57 -5.72 -1.02 -0.13
CA LEU A 57 -4.24 -0.78 -0.13
C LEU A 57 -3.81 -0.45 1.29
N THR A 58 -4.36 0.59 1.85
CA THR A 58 -4.03 0.96 3.25
C THR A 58 -4.47 -0.19 4.15
N LYS A 59 -5.39 -0.99 3.69
CA LYS A 59 -5.85 -2.14 4.50
C LYS A 59 -4.83 -3.27 4.37
N ALA A 60 -4.14 -3.33 3.27
CA ALA A 60 -3.13 -4.41 3.09
C ALA A 60 -1.97 -4.17 4.06
N THR A 61 -1.52 -2.96 4.20
CA THR A 61 -0.43 -2.68 5.17
C THR A 61 -1.03 -2.75 6.56
N ALA A 62 -2.24 -2.26 6.69
CA ALA A 62 -2.91 -2.32 8.00
C ALA A 62 -3.01 -3.79 8.41
N ASP A 63 -3.05 -4.67 7.44
CA ASP A 63 -3.11 -6.12 7.77
C ASP A 63 -1.69 -6.65 7.96
N ALA A 64 -0.72 -6.00 7.39
CA ALA A 64 0.68 -6.45 7.58
C ALA A 64 1.10 -6.10 9.00
N GLY A 65 0.35 -5.27 9.65
CA GLY A 65 0.69 -4.87 11.04
C GLY A 65 1.20 -3.44 11.03
N TYR A 66 0.71 -2.65 10.11
CA TYR A 66 1.18 -1.24 10.04
C TYR A 66 -0.02 -0.30 9.84
N PRO A 67 -0.52 0.24 10.92
CA PRO A 67 -1.67 1.17 10.84
C PRO A 67 -1.32 2.36 9.95
N SER A 68 -1.64 2.28 8.70
CA SER A 68 -1.30 3.41 7.78
C SER A 68 -2.55 4.17 7.36
N SER A 69 -2.42 5.04 6.39
CA SER A 69 -3.58 5.83 5.92
C SER A 69 -3.42 6.07 4.41
N VAL A 70 -4.29 6.84 3.81
CA VAL A 70 -4.15 7.03 2.35
C VAL A 70 -4.43 8.47 1.93
N LYS A 71 -3.80 8.90 0.87
CA LYS A 71 -4.02 10.27 0.37
C LYS A 71 -4.22 10.25 -1.14
N GLN A 72 -5.37 9.87 -1.58
CA GLN A 72 -5.66 9.81 -3.05
C GLN A 72 -6.37 11.08 -3.50
HG HG B . 11.04 -2.49 10.20
N ALA A 1 -11.21 1.93 -14.45
CA ALA A 1 -11.07 1.05 -13.26
C ALA A 1 -9.61 0.64 -13.06
N THR A 2 -8.73 1.60 -13.08
CA THR A 2 -7.29 1.33 -12.90
C THR A 2 -6.68 2.56 -12.24
N GLN A 3 -6.67 2.60 -10.95
CA GLN A 3 -6.13 3.80 -10.26
C GLN A 3 -4.97 3.44 -9.33
N THR A 4 -4.13 4.39 -9.06
CA THR A 4 -2.98 4.14 -8.15
C THR A 4 -2.84 5.34 -7.19
N VAL A 5 -2.47 5.08 -5.97
CA VAL A 5 -2.33 6.21 -5.00
C VAL A 5 -1.05 6.03 -4.20
N THR A 6 -0.73 6.98 -3.39
CA THR A 6 0.49 6.83 -2.56
C THR A 6 0.01 6.59 -1.14
N LEU A 7 0.78 5.94 -0.34
CA LEU A 7 0.29 5.65 1.03
C LEU A 7 1.32 6.04 2.08
N ALA A 8 0.85 6.41 3.24
CA ALA A 8 1.77 6.79 4.34
C ALA A 8 1.56 5.82 5.51
N VAL A 9 2.54 5.06 5.86
CA VAL A 9 2.36 4.08 6.97
C VAL A 9 3.18 4.47 8.22
N PRO A 10 2.70 5.47 8.94
CA PRO A 10 3.40 5.94 10.16
C PRO A 10 3.47 4.83 11.22
N GLY A 11 2.68 3.79 11.09
CA GLY A 11 2.74 2.71 12.10
C GLY A 11 4.17 2.20 12.21
N MET A 12 4.95 2.43 11.19
CA MET A 12 6.37 1.96 11.21
C MET A 12 7.26 2.97 10.48
N THR A 13 8.52 2.67 10.31
CA THR A 13 9.41 3.62 9.59
C THR A 13 10.84 3.06 9.54
N CYS A 14 11.11 2.10 8.70
CA CYS A 14 12.50 1.56 8.62
C CYS A 14 12.57 0.47 7.55
N ALA A 15 13.73 -0.13 7.38
CA ALA A 15 13.85 -1.21 6.36
C ALA A 15 13.29 -2.51 6.91
N ALA A 16 11.99 -2.63 6.97
CA ALA A 16 11.39 -3.88 7.50
C ALA A 16 9.86 -3.82 7.50
N CYS A 17 9.29 -2.72 7.95
CA CYS A 17 7.80 -2.64 8.00
C CYS A 17 7.19 -1.92 6.78
N PRO A 18 7.75 -0.80 6.38
CA PRO A 18 7.17 -0.07 5.22
C PRO A 18 7.21 -1.00 4.01
N ILE A 19 8.26 -1.77 3.90
CA ILE A 19 8.36 -2.74 2.77
C ILE A 19 7.23 -3.78 2.94
N THR A 20 6.92 -4.11 4.16
CA THR A 20 5.82 -5.09 4.41
C THR A 20 4.53 -4.51 3.88
N VAL A 21 4.50 -3.22 3.72
CA VAL A 21 3.28 -2.58 3.20
C VAL A 21 3.19 -2.88 1.71
N LYS A 22 4.31 -2.99 1.06
CA LYS A 22 4.31 -3.31 -0.37
C LYS A 22 3.74 -4.70 -0.54
N LYS A 23 4.03 -5.56 0.39
CA LYS A 23 3.49 -6.94 0.30
C LYS A 23 1.96 -6.89 0.46
N ALA A 24 1.51 -6.03 1.32
CA ALA A 24 0.06 -5.88 1.56
C ALA A 24 -0.67 -5.55 0.26
N LEU A 25 -0.33 -4.46 -0.36
CA LEU A 25 -1.00 -4.09 -1.65
C LEU A 25 -0.67 -5.12 -2.71
N SER A 26 0.46 -5.77 -2.58
CA SER A 26 0.85 -6.79 -3.58
C SER A 26 -0.15 -7.93 -3.54
N LYS A 27 -0.79 -8.10 -2.42
CA LYS A 27 -1.79 -9.20 -2.32
C LYS A 27 -3.15 -8.65 -1.84
N VAL A 28 -3.29 -7.35 -1.73
CA VAL A 28 -4.60 -6.79 -1.29
C VAL A 28 -5.75 -7.41 -2.10
N GLU A 29 -5.65 -7.41 -3.40
CA GLU A 29 -6.73 -8.01 -4.24
C GLU A 29 -6.57 -7.62 -5.72
N GLY A 30 -7.10 -6.50 -6.11
CA GLY A 30 -7.00 -6.08 -7.54
C GLY A 30 -5.68 -5.38 -7.83
N VAL A 31 -4.82 -5.26 -6.86
CA VAL A 31 -3.52 -4.57 -7.10
C VAL A 31 -2.92 -5.03 -8.43
N SER A 32 -2.51 -4.09 -9.22
CA SER A 32 -1.90 -4.43 -10.53
C SER A 32 -0.43 -4.08 -10.48
N LYS A 33 -0.04 -3.30 -9.50
CA LYS A 33 1.40 -2.92 -9.38
C LYS A 33 1.67 -2.35 -7.99
N VAL A 34 2.91 -2.33 -7.57
CA VAL A 34 3.23 -1.80 -6.23
C VAL A 34 4.64 -1.21 -6.21
N ASP A 35 4.89 -0.25 -5.36
CA ASP A 35 6.23 0.37 -5.28
C ASP A 35 6.25 1.27 -4.04
N VAL A 36 6.74 0.78 -2.95
CA VAL A 36 6.71 1.60 -1.70
C VAL A 36 8.11 2.08 -1.31
N GLY A 37 8.30 2.34 -0.05
CA GLY A 37 9.61 2.83 0.43
C GLY A 37 9.86 2.24 1.82
N PHE A 38 10.81 1.32 1.89
CA PHE A 38 11.16 0.66 3.19
C PHE A 38 12.12 1.52 4.00
N GLU A 39 11.74 2.72 4.30
CA GLU A 39 12.62 3.63 5.08
C GLU A 39 11.91 4.96 5.31
N LYS A 40 11.57 5.63 4.25
CA LYS A 40 10.84 6.93 4.40
C LYS A 40 9.36 6.65 4.68
N ARG A 41 9.01 5.39 4.78
CA ARG A 41 7.59 5.02 5.07
C ARG A 41 6.67 5.51 3.97
N GLU A 42 6.52 4.77 2.91
CA GLU A 42 5.59 5.24 1.83
C GLU A 42 5.28 4.14 0.82
N ALA A 43 4.03 3.78 0.66
CA ALA A 43 3.69 2.72 -0.33
C ALA A 43 2.86 3.29 -1.48
N VAL A 44 3.37 3.22 -2.68
CA VAL A 44 2.59 3.73 -3.84
C VAL A 44 2.11 2.53 -4.65
N VAL A 45 0.83 2.43 -4.88
CA VAL A 45 0.33 1.23 -5.59
C VAL A 45 -0.68 1.56 -6.70
N THR A 46 -0.70 0.74 -7.71
CA THR A 46 -1.68 0.89 -8.82
C THR A 46 -2.61 -0.30 -8.75
N PHE A 47 -3.78 -0.22 -9.29
CA PHE A 47 -4.68 -1.39 -9.21
C PHE A 47 -5.91 -1.19 -10.07
N ASP A 48 -6.81 -2.13 -10.02
CA ASP A 48 -8.06 -1.99 -10.80
C ASP A 48 -9.18 -1.68 -9.81
N ASP A 49 -9.74 -0.52 -9.89
CA ASP A 49 -10.79 -0.13 -8.92
C ASP A 49 -11.99 -1.10 -8.99
N THR A 50 -12.03 -1.95 -9.98
CA THR A 50 -13.16 -2.91 -10.09
C THR A 50 -13.08 -3.97 -8.99
N LYS A 51 -11.91 -4.28 -8.51
CA LYS A 51 -11.79 -5.31 -7.43
C LYS A 51 -11.08 -4.75 -6.20
N ALA A 52 -10.43 -3.62 -6.35
CA ALA A 52 -9.72 -3.02 -5.19
C ALA A 52 -9.89 -1.49 -5.23
N SER A 53 -9.19 -0.79 -4.40
CA SER A 53 -9.31 0.70 -4.39
C SER A 53 -8.40 1.31 -3.34
N VAL A 54 -8.11 2.57 -3.47
CA VAL A 54 -7.23 3.25 -2.48
C VAL A 54 -7.59 2.79 -1.07
N GLN A 55 -8.86 2.72 -0.77
CA GLN A 55 -9.27 2.27 0.59
C GLN A 55 -8.69 0.87 0.86
N LYS A 56 -8.84 -0.03 -0.08
CA LYS A 56 -8.30 -1.41 0.12
C LYS A 56 -6.77 -1.38 0.22
N LEU A 57 -6.12 -0.41 -0.37
CA LEU A 57 -4.64 -0.37 -0.27
C LEU A 57 -4.25 -0.01 1.17
N THR A 58 -4.75 1.09 1.65
CA THR A 58 -4.46 1.51 3.04
C THR A 58 -5.05 0.46 4.00
N LYS A 59 -6.01 -0.29 3.52
CA LYS A 59 -6.62 -1.33 4.39
C LYS A 59 -5.75 -2.58 4.36
N ALA A 60 -5.00 -2.77 3.30
CA ALA A 60 -4.13 -3.97 3.25
C ALA A 60 -2.99 -3.80 4.23
N THR A 61 -2.43 -2.61 4.31
CA THR A 61 -1.35 -2.38 5.31
C THR A 61 -2.01 -2.28 6.67
N ALA A 62 -3.14 -1.63 6.72
CA ALA A 62 -3.87 -1.52 8.00
C ALA A 62 -4.11 -2.93 8.53
N ASP A 63 -4.29 -3.88 7.65
CA ASP A 63 -4.50 -5.28 8.10
C ASP A 63 -3.15 -5.96 8.31
N ALA A 64 -2.12 -5.46 7.69
CA ALA A 64 -0.78 -6.08 7.89
C ALA A 64 -0.26 -5.69 9.27
N GLY A 65 -0.90 -4.74 9.90
CA GLY A 65 -0.45 -4.30 11.25
C GLY A 65 0.25 -2.97 11.09
N TYR A 66 -0.18 -2.18 10.15
CA TYR A 66 0.45 -0.87 9.92
C TYR A 66 -0.61 0.20 9.63
N PRO A 67 -1.08 0.84 10.67
CA PRO A 67 -2.10 1.89 10.52
C PRO A 67 -1.59 2.95 9.53
N SER A 68 -1.93 2.82 8.28
CA SER A 68 -1.44 3.81 7.28
C SER A 68 -2.58 4.72 6.79
N SER A 69 -2.32 5.46 5.75
CA SER A 69 -3.35 6.37 5.18
C SER A 69 -3.04 6.56 3.70
N VAL A 70 -3.80 7.34 2.99
CA VAL A 70 -3.51 7.50 1.55
C VAL A 70 -3.55 8.96 1.11
N LYS A 71 -2.88 9.29 0.05
CA LYS A 71 -2.90 10.71 -0.41
C LYS A 71 -2.43 10.83 -1.86
N GLN A 72 -2.88 9.94 -2.70
CA GLN A 72 -2.49 9.99 -4.14
C GLN A 72 -0.95 9.97 -4.29
HG HG B . 10.67 -1.61 10.37
N ALA A 1 -12.12 1.94 -14.06
CA ALA A 1 -11.66 1.67 -12.66
C ALA A 1 -10.15 1.41 -12.65
N THR A 2 -9.37 2.46 -12.62
CA THR A 2 -7.89 2.33 -12.61
C THR A 2 -7.35 3.52 -11.82
N GLN A 3 -7.26 3.38 -10.54
CA GLN A 3 -6.79 4.53 -9.71
C GLN A 3 -5.40 4.30 -9.14
N THR A 4 -4.71 5.36 -8.82
CA THR A 4 -3.35 5.25 -8.23
C THR A 4 -3.23 6.21 -7.05
N VAL A 5 -3.06 5.70 -5.87
CA VAL A 5 -2.94 6.59 -4.68
C VAL A 5 -1.61 6.36 -3.97
N THR A 6 -1.26 7.21 -3.07
CA THR A 6 0.00 7.04 -2.32
C THR A 6 -0.37 6.63 -0.91
N LEU A 7 0.53 6.02 -0.19
CA LEU A 7 0.17 5.59 1.18
C LEU A 7 1.23 6.00 2.20
N ALA A 8 0.81 6.19 3.41
CA ALA A 8 1.77 6.60 4.49
C ALA A 8 1.71 5.58 5.63
N VAL A 9 2.71 4.75 5.74
CA VAL A 9 2.68 3.71 6.83
C VAL A 9 3.75 3.97 7.89
N PRO A 10 3.38 4.74 8.90
CA PRO A 10 4.31 5.05 10.00
C PRO A 10 4.60 3.82 10.86
N GLY A 11 4.00 2.70 10.56
CA GLY A 11 4.25 1.47 11.38
C GLY A 11 5.54 0.79 10.92
N MET A 12 6.32 1.47 10.11
CA MET A 12 7.59 0.87 9.62
C MET A 12 8.80 1.51 10.32
N THR A 13 9.98 1.33 9.79
CA THR A 13 11.18 1.97 10.44
C THR A 13 12.52 1.67 9.72
N CYS A 14 12.55 0.84 8.68
CA CYS A 14 13.86 0.58 8.01
C CYS A 14 13.65 -0.24 6.73
N ALA A 15 14.67 -0.90 6.26
CA ALA A 15 14.50 -1.73 5.03
C ALA A 15 13.97 -3.11 5.43
N ALA A 16 12.80 -3.16 6.00
CA ALA A 16 12.24 -4.48 6.42
C ALA A 16 10.73 -4.40 6.65
N CYS A 17 10.24 -3.34 7.28
CA CYS A 17 8.77 -3.27 7.53
C CYS A 17 8.01 -2.23 6.66
N PRO A 18 8.65 -1.19 6.16
CA PRO A 18 7.91 -0.24 5.30
C PRO A 18 7.80 -0.89 3.93
N ILE A 19 8.85 -1.56 3.54
CA ILE A 19 8.85 -2.27 2.23
C ILE A 19 7.78 -3.38 2.26
N THR A 20 7.53 -3.92 3.42
CA THR A 20 6.49 -4.99 3.53
C THR A 20 5.14 -4.38 3.21
N VAL A 21 5.04 -3.09 3.32
CA VAL A 21 3.77 -2.43 2.99
C VAL A 21 3.58 -2.52 1.49
N LYS A 22 4.67 -2.49 0.76
CA LYS A 22 4.58 -2.61 -0.71
C LYS A 22 4.11 -4.01 -1.04
N LYS A 23 4.58 -4.96 -0.30
CA LYS A 23 4.15 -6.36 -0.57
C LYS A 23 2.65 -6.47 -0.34
N ALA A 24 2.13 -5.70 0.57
CA ALA A 24 0.68 -5.72 0.85
C ALA A 24 -0.12 -5.29 -0.37
N LEU A 25 0.15 -4.13 -0.90
CA LEU A 25 -0.61 -3.66 -2.11
C LEU A 25 -0.32 -4.58 -3.29
N SER A 26 0.81 -5.23 -3.28
CA SER A 26 1.16 -6.13 -4.40
C SER A 26 0.37 -7.43 -4.28
N LYS A 27 -0.10 -7.72 -3.09
CA LYS A 27 -0.88 -8.96 -2.90
C LYS A 27 -2.34 -8.63 -2.61
N VAL A 28 -2.68 -7.36 -2.58
CA VAL A 28 -4.09 -6.98 -2.31
C VAL A 28 -5.03 -7.84 -3.16
N GLU A 29 -5.26 -7.45 -4.39
CA GLU A 29 -6.16 -8.26 -5.27
C GLU A 29 -6.30 -7.60 -6.65
N GLY A 30 -6.42 -6.30 -6.70
CA GLY A 30 -6.58 -5.62 -8.01
C GLY A 30 -5.34 -4.77 -8.31
N VAL A 31 -4.49 -4.59 -7.34
CA VAL A 31 -3.26 -3.77 -7.57
C VAL A 31 -2.54 -4.25 -8.83
N SER A 32 -2.31 -3.34 -9.74
CA SER A 32 -1.61 -3.71 -10.99
C SER A 32 -0.20 -3.14 -10.99
N LYS A 33 0.05 -2.25 -10.08
CA LYS A 33 1.42 -1.63 -10.00
C LYS A 33 1.65 -1.15 -8.57
N VAL A 34 2.88 -0.94 -8.17
CA VAL A 34 3.14 -0.48 -6.79
C VAL A 34 4.47 0.26 -6.65
N ASP A 35 4.63 0.98 -5.58
CA ASP A 35 5.90 1.72 -5.33
C ASP A 35 6.28 1.53 -3.86
N VAL A 36 7.55 1.42 -3.56
CA VAL A 36 7.95 1.18 -2.14
C VAL A 36 8.61 2.41 -1.52
N GLY A 37 8.11 2.81 -0.38
CA GLY A 37 8.72 3.97 0.34
C GLY A 37 9.30 3.43 1.65
N PHE A 38 10.07 2.37 1.55
CA PHE A 38 10.69 1.70 2.73
C PHE A 38 10.90 2.65 3.95
N GLU A 39 12.12 2.85 4.36
CA GLU A 39 12.38 3.73 5.54
C GLU A 39 11.49 4.98 5.48
N LYS A 40 11.23 5.49 4.32
CA LYS A 40 10.37 6.72 4.21
C LYS A 40 8.89 6.32 4.15
N ARG A 41 8.51 5.32 4.91
CA ARG A 41 7.09 4.83 4.95
C ARG A 41 6.21 5.47 3.88
N GLU A 42 6.19 4.92 2.70
CA GLU A 42 5.34 5.51 1.64
C GLU A 42 5.11 4.52 0.51
N ALA A 43 3.91 4.02 0.36
CA ALA A 43 3.64 3.04 -0.73
C ALA A 43 2.72 3.67 -1.79
N VAL A 44 3.18 3.76 -3.01
CA VAL A 44 2.32 4.34 -4.07
C VAL A 44 1.86 3.22 -4.99
N VAL A 45 0.59 3.03 -5.14
CA VAL A 45 0.14 1.88 -5.98
C VAL A 45 -0.95 2.26 -6.98
N THR A 46 -0.97 1.53 -8.06
CA THR A 46 -2.01 1.72 -9.11
C THR A 46 -2.85 0.46 -9.12
N PHE A 47 -4.07 0.52 -9.55
CA PHE A 47 -4.86 -0.73 -9.53
C PHE A 47 -6.19 -0.55 -10.23
N ASP A 48 -6.97 -1.60 -10.24
CA ASP A 48 -8.30 -1.52 -10.87
C ASP A 48 -9.33 -1.51 -9.74
N ASP A 49 -10.07 -0.45 -9.63
CA ASP A 49 -11.05 -0.38 -8.51
C ASP A 49 -12.22 -1.35 -8.72
N THR A 50 -12.21 -2.10 -9.79
CA THR A 50 -13.32 -3.06 -10.03
C THR A 50 -13.30 -4.13 -8.93
N LYS A 51 -12.20 -4.26 -8.23
CA LYS A 51 -12.12 -5.27 -7.14
C LYS A 51 -11.43 -4.68 -5.92
N ALA A 52 -10.38 -3.96 -6.14
CA ALA A 52 -9.63 -3.32 -5.01
C ALA A 52 -9.94 -1.83 -4.97
N SER A 53 -9.22 -1.09 -4.18
CA SER A 53 -9.47 0.37 -4.09
C SER A 53 -8.49 1.04 -3.14
N VAL A 54 -8.29 2.32 -3.29
CA VAL A 54 -7.35 3.04 -2.38
C VAL A 54 -7.54 2.54 -0.95
N GLN A 55 -8.76 2.37 -0.53
CA GLN A 55 -9.01 1.87 0.86
C GLN A 55 -8.37 0.49 1.00
N LYS A 56 -8.59 -0.36 0.03
CA LYS A 56 -8.00 -1.73 0.11
C LYS A 56 -6.47 -1.68 0.05
N LEU A 57 -5.89 -0.64 -0.49
CA LEU A 57 -4.40 -0.57 -0.51
C LEU A 57 -3.91 -0.28 0.90
N THR A 58 -4.38 0.80 1.48
CA THR A 58 -3.99 1.14 2.87
C THR A 58 -4.47 0.02 3.80
N LYS A 59 -5.43 -0.74 3.35
CA LYS A 59 -5.95 -1.86 4.17
C LYS A 59 -5.01 -3.06 4.02
N ALA A 60 -4.37 -3.18 2.89
CA ALA A 60 -3.43 -4.32 2.70
C ALA A 60 -2.22 -4.14 3.61
N THR A 61 -1.73 -2.93 3.72
CA THR A 61 -0.58 -2.70 4.64
C THR A 61 -1.11 -2.74 6.06
N ALA A 62 -2.25 -2.14 6.26
CA ALA A 62 -2.86 -2.17 7.62
C ALA A 62 -3.04 -3.63 8.01
N ASP A 63 -3.18 -4.50 7.04
CA ASP A 63 -3.35 -5.94 7.34
C ASP A 63 -1.98 -6.62 7.38
N ALA A 64 -0.99 -6.04 6.76
CA ALA A 64 0.36 -6.65 6.78
C ALA A 64 0.96 -6.46 8.17
N GLY A 65 0.41 -5.53 8.92
CA GLY A 65 0.94 -5.27 10.28
C GLY A 65 1.52 -3.87 10.33
N TYR A 66 1.06 -3.01 9.46
CA TYR A 66 1.58 -1.62 9.44
C TYR A 66 0.42 -0.63 9.23
N PRO A 67 -0.15 -0.22 10.33
CA PRO A 67 -1.29 0.75 10.27
C PRO A 67 -0.88 1.98 9.48
N SER A 68 -1.19 2.03 8.22
CA SER A 68 -0.81 3.21 7.40
C SER A 68 -2.04 4.05 7.04
N SER A 69 -1.91 4.89 6.06
CA SER A 69 -3.05 5.76 5.65
C SER A 69 -2.93 6.03 4.16
N VAL A 70 -3.74 6.89 3.63
CA VAL A 70 -3.65 7.16 2.17
C VAL A 70 -3.79 8.65 1.85
N LYS A 71 -3.22 9.08 0.75
CA LYS A 71 -3.32 10.52 0.40
C LYS A 71 -3.16 10.71 -1.11
N GLN A 72 -3.73 9.82 -1.88
CA GLN A 72 -3.65 9.91 -3.37
C GLN A 72 -2.36 10.60 -3.82
HG HG B . 11.84 -1.95 9.33
N ALA A 1 -12.34 1.90 -13.76
CA ALA A 1 -11.98 1.03 -12.61
C ALA A 1 -10.47 0.84 -12.55
N THR A 2 -9.73 1.93 -12.50
CA THR A 2 -8.27 1.86 -12.43
C THR A 2 -7.78 3.09 -11.69
N GLN A 3 -7.70 3.02 -10.40
CA GLN A 3 -7.29 4.23 -9.62
C GLN A 3 -5.89 4.06 -9.02
N THR A 4 -5.23 5.15 -8.73
CA THR A 4 -3.87 5.08 -8.13
C THR A 4 -3.79 6.10 -6.98
N VAL A 5 -3.20 5.71 -5.89
CA VAL A 5 -3.10 6.65 -4.74
C VAL A 5 -1.81 6.41 -3.98
N THR A 6 -1.55 7.23 -3.00
CA THR A 6 -0.33 7.06 -2.19
C THR A 6 -0.74 6.60 -0.80
N LEU A 7 0.15 6.07 -0.04
CA LEU A 7 -0.26 5.60 1.31
C LEU A 7 0.68 6.13 2.39
N ALA A 8 0.12 6.53 3.48
CA ALA A 8 0.96 7.06 4.60
C ALA A 8 0.89 6.10 5.79
N VAL A 9 1.83 5.20 5.90
CA VAL A 9 1.80 4.24 7.04
C VAL A 9 3.02 4.42 7.96
N PRO A 10 2.80 5.08 9.07
CA PRO A 10 3.88 5.32 10.05
C PRO A 10 4.18 4.05 10.86
N GLY A 11 3.57 2.96 10.53
CA GLY A 11 3.83 1.69 11.29
C GLY A 11 5.10 1.03 10.76
N MET A 12 5.81 1.71 9.90
CA MET A 12 7.07 1.14 9.35
C MET A 12 8.14 2.23 9.26
N THR A 13 9.38 1.84 9.23
CA THR A 13 10.48 2.85 9.15
C THR A 13 11.84 2.15 9.16
N CYS A 14 11.95 1.04 8.49
CA CYS A 14 13.25 0.30 8.47
C CYS A 14 13.20 -0.83 7.44
N ALA A 15 14.25 -1.60 7.32
CA ALA A 15 14.23 -2.72 6.33
C ALA A 15 13.46 -3.90 6.92
N ALA A 16 12.16 -3.84 6.94
CA ALA A 16 11.38 -4.98 7.50
C ALA A 16 9.86 -4.70 7.44
N CYS A 17 9.42 -3.57 7.93
CA CYS A 17 7.95 -3.28 7.91
C CYS A 17 7.54 -2.56 6.63
N PRO A 18 8.29 -1.55 6.24
CA PRO A 18 7.95 -0.81 5.00
C PRO A 18 7.93 -1.74 3.80
N ILE A 19 9.06 -2.29 3.45
CA ILE A 19 9.09 -3.22 2.29
C ILE A 19 7.91 -4.21 2.35
N THR A 20 7.43 -4.51 3.52
CA THR A 20 6.29 -5.46 3.64
C THR A 20 5.04 -4.79 3.11
N VAL A 21 4.90 -3.53 3.38
CA VAL A 21 3.73 -2.80 2.87
C VAL A 21 3.73 -2.86 1.35
N LYS A 22 4.89 -3.02 0.77
CA LYS A 22 4.97 -3.10 -0.69
C LYS A 22 4.40 -4.45 -1.13
N LYS A 23 4.75 -5.48 -0.44
CA LYS A 23 4.21 -6.81 -0.83
C LYS A 23 2.71 -6.84 -0.58
N ALA A 24 2.24 -6.06 0.34
CA ALA A 24 0.79 -6.02 0.64
C ALA A 24 -0.01 -5.45 -0.55
N LEU A 25 0.43 -4.34 -1.08
CA LEU A 25 -0.32 -3.74 -2.23
C LEU A 25 -0.08 -4.55 -3.51
N SER A 26 1.13 -4.98 -3.71
CA SER A 26 1.45 -5.77 -4.93
C SER A 26 0.65 -7.06 -4.89
N LYS A 27 0.26 -7.50 -3.73
CA LYS A 27 -0.53 -8.75 -3.66
C LYS A 27 -1.88 -8.50 -2.98
N VAL A 28 -2.21 -7.26 -2.71
CA VAL A 28 -3.51 -6.98 -2.04
C VAL A 28 -4.66 -7.67 -2.78
N GLU A 29 -4.71 -7.55 -4.09
CA GLU A 29 -5.81 -8.22 -4.86
C GLU A 29 -5.87 -7.67 -6.30
N GLY A 30 -6.55 -6.57 -6.48
CA GLY A 30 -6.69 -5.99 -7.86
C GLY A 30 -5.49 -5.11 -8.18
N VAL A 31 -4.55 -4.96 -7.29
CA VAL A 31 -3.37 -4.10 -7.58
C VAL A 31 -2.87 -4.38 -8.99
N SER A 32 -2.72 -3.35 -9.77
CA SER A 32 -2.22 -3.53 -11.16
C SER A 32 -0.82 -2.95 -11.26
N LYS A 33 -0.42 -2.18 -10.29
CA LYS A 33 0.94 -1.59 -10.32
C LYS A 33 1.32 -1.10 -8.91
N VAL A 34 2.58 -0.90 -8.65
CA VAL A 34 2.98 -0.45 -7.30
C VAL A 34 4.25 0.39 -7.37
N ASP A 35 4.45 1.26 -6.40
CA ASP A 35 5.66 2.11 -6.38
C ASP A 35 5.72 2.78 -5.02
N VAL A 36 6.24 2.09 -4.05
CA VAL A 36 6.28 2.67 -2.68
C VAL A 36 7.70 3.03 -2.26
N GLY A 37 7.90 3.22 -1.00
CA GLY A 37 9.25 3.56 -0.48
C GLY A 37 9.36 2.97 0.92
N PHE A 38 9.89 1.78 1.01
CA PHE A 38 10.00 1.13 2.33
C PHE A 38 10.75 2.06 3.30
N GLU A 39 11.92 2.47 2.92
CA GLU A 39 12.70 3.39 3.80
C GLU A 39 12.01 4.76 3.89
N LYS A 40 11.23 5.11 2.89
CA LYS A 40 10.54 6.42 2.92
C LYS A 40 9.14 6.28 3.53
N ARG A 41 8.78 5.08 3.93
CA ARG A 41 7.44 4.86 4.54
C ARG A 41 6.34 5.53 3.71
N GLU A 42 6.07 5.01 2.56
CA GLU A 42 5.00 5.61 1.70
C GLU A 42 4.68 4.67 0.53
N ALA A 43 3.46 4.20 0.43
CA ALA A 43 3.13 3.26 -0.67
C ALA A 43 2.26 3.92 -1.76
N VAL A 44 2.74 3.99 -2.97
CA VAL A 44 1.93 4.56 -4.07
C VAL A 44 1.55 3.43 -5.00
N VAL A 45 0.31 3.06 -5.03
CA VAL A 45 -0.07 1.90 -5.88
C VAL A 45 -1.27 2.18 -6.79
N THR A 46 -1.29 1.52 -7.91
CA THR A 46 -2.41 1.64 -8.87
C THR A 46 -3.18 0.33 -8.83
N PHE A 47 -4.41 0.32 -9.25
CA PHE A 47 -5.18 -0.94 -9.20
C PHE A 47 -6.50 -0.81 -9.92
N ASP A 48 -7.29 -1.83 -9.84
CA ASP A 48 -8.62 -1.79 -10.46
C ASP A 48 -9.63 -1.66 -9.34
N ASP A 49 -10.49 -0.70 -9.40
CA ASP A 49 -11.46 -0.51 -8.28
C ASP A 49 -12.58 -1.58 -8.33
N THR A 50 -12.44 -2.59 -9.15
CA THR A 50 -13.48 -3.64 -9.20
C THR A 50 -13.20 -4.71 -8.15
N LYS A 51 -11.94 -5.01 -7.93
CA LYS A 51 -11.59 -6.04 -6.91
C LYS A 51 -10.74 -5.42 -5.80
N ALA A 52 -10.28 -4.22 -6.00
CA ALA A 52 -9.45 -3.54 -4.97
C ALA A 52 -9.91 -2.08 -4.82
N SER A 53 -9.21 -1.32 -4.03
CA SER A 53 -9.60 0.10 -3.83
C SER A 53 -8.61 0.79 -2.90
N VAL A 54 -8.46 2.08 -3.00
CA VAL A 54 -7.53 2.80 -2.11
C VAL A 54 -7.66 2.27 -0.68
N GLN A 55 -8.86 1.96 -0.28
CA GLN A 55 -9.06 1.41 1.09
C GLN A 55 -8.35 0.06 1.18
N LYS A 56 -8.55 -0.80 0.21
CA LYS A 56 -7.89 -2.12 0.23
C LYS A 56 -6.36 -1.97 0.19
N LEU A 57 -5.87 -0.90 -0.37
CA LEU A 57 -4.39 -0.71 -0.40
C LEU A 57 -3.91 -0.44 1.02
N THR A 58 -4.48 0.54 1.65
CA THR A 58 -4.11 0.85 3.06
C THR A 58 -4.53 -0.32 3.94
N LYS A 59 -5.40 -1.15 3.44
CA LYS A 59 -5.86 -2.33 4.22
C LYS A 59 -4.88 -3.48 4.02
N ALA A 60 -4.14 -3.45 2.94
CA ALA A 60 -3.16 -4.54 2.70
C ALA A 60 -1.96 -4.32 3.61
N THR A 61 -1.54 -3.09 3.75
CA THR A 61 -0.41 -2.80 4.67
C THR A 61 -0.95 -2.78 6.09
N ALA A 62 -2.15 -2.28 6.24
CA ALA A 62 -2.76 -2.28 7.58
C ALA A 62 -2.97 -3.73 7.99
N ASP A 63 -3.13 -4.60 7.02
CA ASP A 63 -3.30 -6.04 7.34
C ASP A 63 -1.92 -6.67 7.50
N ALA A 64 -0.91 -6.05 6.96
CA ALA A 64 0.47 -6.60 7.12
C ALA A 64 0.91 -6.35 8.55
N GLY A 65 0.27 -5.42 9.20
CA GLY A 65 0.64 -5.09 10.61
C GLY A 65 1.19 -3.68 10.65
N TYR A 66 0.76 -2.85 9.75
CA TYR A 66 1.28 -1.45 9.72
C TYR A 66 0.13 -0.46 9.54
N PRO A 67 -0.22 0.21 10.61
CA PRO A 67 -1.30 1.22 10.54
C PRO A 67 -1.03 2.13 9.36
N SER A 68 -1.71 1.91 8.26
CA SER A 68 -1.44 2.73 7.06
C SER A 68 -2.58 3.72 6.76
N SER A 69 -2.27 4.75 6.04
CA SER A 69 -3.30 5.76 5.68
C SER A 69 -3.28 5.94 4.17
N VAL A 70 -4.09 6.80 3.64
CA VAL A 70 -4.11 6.97 2.17
C VAL A 70 -4.31 8.44 1.78
N LYS A 71 -3.78 8.85 0.65
CA LYS A 71 -3.95 10.29 0.26
C LYS A 71 -3.53 10.53 -1.19
N GLN A 72 -4.05 9.75 -2.09
CA GLN A 72 -3.72 9.92 -3.54
C GLN A 72 -2.26 10.37 -3.73
HG HG B . 10.88 -2.46 10.29
N ALA A 1 -12.29 1.75 -13.46
CA ALA A 1 -11.92 1.00 -12.22
C ALA A 1 -10.41 0.82 -12.15
N THR A 2 -9.67 1.89 -12.24
CA THR A 2 -8.19 1.83 -12.17
C THR A 2 -7.73 3.07 -11.42
N GLN A 3 -7.70 2.99 -10.13
CA GLN A 3 -7.30 4.20 -9.33
C GLN A 3 -5.93 4.01 -8.71
N THR A 4 -5.24 5.10 -8.45
CA THR A 4 -3.89 5.01 -7.84
C THR A 4 -3.77 6.04 -6.72
N VAL A 5 -3.27 5.63 -5.59
CA VAL A 5 -3.12 6.58 -4.45
C VAL A 5 -1.77 6.40 -3.79
N THR A 6 -1.43 7.27 -2.89
CA THR A 6 -0.15 7.17 -2.19
C THR A 6 -0.44 6.71 -0.77
N LEU A 7 0.49 6.10 -0.11
CA LEU A 7 0.18 5.65 1.27
C LEU A 7 1.26 6.08 2.24
N ALA A 8 0.90 6.16 3.48
CA ALA A 8 1.88 6.57 4.54
C ALA A 8 1.87 5.53 5.65
N VAL A 9 2.94 4.81 5.82
CA VAL A 9 2.97 3.77 6.88
C VAL A 9 4.05 4.08 7.94
N PRO A 10 3.77 5.05 8.77
CA PRO A 10 4.73 5.45 9.84
C PRO A 10 4.88 4.33 10.88
N GLY A 11 4.10 3.28 10.78
CA GLY A 11 4.22 2.18 11.78
C GLY A 11 5.66 1.70 11.85
N MET A 12 6.42 1.92 10.81
CA MET A 12 7.84 1.47 10.80
C MET A 12 8.68 2.50 10.04
N THR A 13 9.95 2.27 9.90
CA THR A 13 10.80 3.23 9.16
C THR A 13 12.26 2.79 9.17
N CYS A 14 12.64 1.80 8.39
CA CYS A 14 14.07 1.39 8.42
C CYS A 14 14.52 0.83 7.06
N ALA A 15 13.88 -0.18 6.54
CA ALA A 15 14.33 -0.71 5.23
C ALA A 15 13.51 -1.93 4.82
N ALA A 16 12.97 -2.66 5.75
CA ALA A 16 12.19 -3.88 5.38
C ALA A 16 10.72 -3.74 5.76
N CYS A 17 10.43 -3.18 6.91
CA CYS A 17 8.99 -3.05 7.33
C CYS A 17 8.23 -2.09 6.41
N PRO A 18 8.79 -0.93 6.13
CA PRO A 18 8.08 0.01 5.24
C PRO A 18 7.94 -0.67 3.87
N ILE A 19 8.96 -1.38 3.48
CA ILE A 19 8.90 -2.13 2.19
C ILE A 19 7.87 -3.26 2.33
N THR A 20 7.63 -3.71 3.53
CA THR A 20 6.63 -4.79 3.74
C THR A 20 5.28 -4.24 3.31
N VAL A 21 5.18 -2.94 3.26
CA VAL A 21 3.92 -2.32 2.83
C VAL A 21 3.78 -2.49 1.32
N LYS A 22 4.89 -2.47 0.64
CA LYS A 22 4.84 -2.67 -0.83
C LYS A 22 4.29 -4.07 -1.07
N LYS A 23 4.64 -4.98 -0.22
CA LYS A 23 4.14 -6.37 -0.37
C LYS A 23 2.63 -6.40 -0.14
N ALA A 24 2.19 -5.74 0.88
CA ALA A 24 0.75 -5.70 1.21
C ALA A 24 -0.09 -5.17 0.03
N LEU A 25 0.26 -4.04 -0.50
CA LEU A 25 -0.52 -3.49 -1.65
C LEU A 25 -0.42 -4.41 -2.84
N SER A 26 0.75 -4.94 -3.09
CA SER A 26 0.91 -5.87 -4.23
C SER A 26 0.05 -7.09 -3.97
N LYS A 27 -0.28 -7.31 -2.72
CA LYS A 27 -1.12 -8.48 -2.37
C LYS A 27 -2.52 -8.03 -1.97
N VAL A 28 -2.76 -6.75 -1.95
CA VAL A 28 -4.11 -6.26 -1.55
C VAL A 28 -5.18 -7.07 -2.29
N GLU A 29 -5.07 -7.14 -3.60
CA GLU A 29 -6.06 -7.90 -4.43
C GLU A 29 -6.10 -7.33 -5.85
N GLY A 30 -6.68 -6.17 -5.98
CA GLY A 30 -6.78 -5.52 -7.32
C GLY A 30 -5.50 -4.76 -7.65
N VAL A 31 -4.68 -4.50 -6.67
CA VAL A 31 -3.41 -3.75 -6.95
C VAL A 31 -2.79 -4.22 -8.25
N SER A 32 -2.58 -3.32 -9.16
CA SER A 32 -1.98 -3.69 -10.46
C SER A 32 -0.60 -3.06 -10.54
N LYS A 33 -0.32 -2.14 -9.65
CA LYS A 33 1.01 -1.49 -9.66
C LYS A 33 1.48 -1.22 -8.24
N VAL A 34 2.76 -1.12 -8.05
CA VAL A 34 3.29 -0.87 -6.68
C VAL A 34 4.61 -0.10 -6.74
N ASP A 35 4.71 0.96 -5.99
CA ASP A 35 5.96 1.77 -5.96
C ASP A 35 6.03 2.50 -4.63
N VAL A 36 6.62 1.89 -3.64
CA VAL A 36 6.68 2.55 -2.30
C VAL A 36 8.10 3.00 -1.95
N GLY A 37 8.33 3.20 -0.68
CA GLY A 37 9.67 3.62 -0.21
C GLY A 37 9.89 3.07 1.19
N PHE A 38 10.82 2.17 1.35
CA PHE A 38 11.09 1.56 2.68
C PHE A 38 11.23 2.62 3.78
N GLU A 39 12.43 2.81 4.30
CA GLU A 39 12.65 3.82 5.38
C GLU A 39 11.73 5.03 5.21
N LYS A 40 11.43 5.40 4.00
CA LYS A 40 10.53 6.57 3.79
C LYS A 40 9.08 6.10 3.75
N ARG A 41 8.69 5.34 4.74
CA ARG A 41 7.29 4.79 4.83
C ARG A 41 6.33 5.46 3.84
N GLU A 42 6.35 5.03 2.61
CA GLU A 42 5.42 5.65 1.62
C GLU A 42 5.09 4.64 0.52
N ALA A 43 3.87 4.19 0.44
CA ALA A 43 3.52 3.20 -0.62
C ALA A 43 2.59 3.81 -1.67
N VAL A 44 3.04 3.91 -2.88
CA VAL A 44 2.17 4.49 -3.94
C VAL A 44 1.73 3.36 -4.86
N VAL A 45 0.46 3.08 -4.92
CA VAL A 45 0.04 1.94 -5.78
C VAL A 45 -1.15 2.27 -6.67
N THR A 46 -1.33 1.46 -7.68
CA THR A 46 -2.48 1.61 -8.60
C THR A 46 -3.28 0.33 -8.47
N PHE A 47 -4.50 0.31 -8.90
CA PHE A 47 -5.26 -0.97 -8.75
C PHE A 47 -6.60 -0.90 -9.45
N ASP A 48 -7.37 -1.94 -9.30
CA ASP A 48 -8.71 -1.97 -9.92
C ASP A 48 -9.73 -1.77 -8.80
N ASP A 49 -10.48 -0.71 -8.86
CA ASP A 49 -11.45 -0.44 -7.76
C ASP A 49 -12.59 -1.47 -7.76
N THR A 50 -12.59 -2.39 -8.69
CA THR A 50 -13.67 -3.41 -8.73
C THR A 50 -13.42 -4.51 -7.69
N LYS A 51 -12.20 -4.71 -7.31
CA LYS A 51 -11.90 -5.78 -6.30
C LYS A 51 -11.11 -5.18 -5.12
N ALA A 52 -10.77 -3.93 -5.19
CA ALA A 52 -10.01 -3.29 -4.08
C ALA A 52 -10.23 -1.79 -4.09
N SER A 53 -9.46 -1.06 -3.34
CA SER A 53 -9.63 0.43 -3.32
C SER A 53 -8.64 1.07 -2.37
N VAL A 54 -8.46 2.36 -2.47
CA VAL A 54 -7.51 3.05 -1.56
C VAL A 54 -7.69 2.52 -0.14
N GLN A 55 -8.90 2.18 0.23
CA GLN A 55 -9.15 1.63 1.58
C GLN A 55 -8.45 0.29 1.72
N LYS A 56 -8.61 -0.56 0.75
CA LYS A 56 -7.96 -1.90 0.81
C LYS A 56 -6.43 -1.77 0.73
N LEU A 57 -5.92 -0.70 0.17
CA LEU A 57 -4.45 -0.54 0.11
C LEU A 57 -3.92 -0.24 1.51
N THR A 58 -4.45 0.78 2.13
CA THR A 58 -4.03 1.12 3.51
C THR A 58 -4.45 -0.03 4.42
N LYS A 59 -5.38 -0.83 3.97
CA LYS A 59 -5.83 -1.98 4.79
C LYS A 59 -4.84 -3.12 4.61
N ALA A 60 -4.17 -3.16 3.49
CA ALA A 60 -3.17 -4.25 3.26
C ALA A 60 -1.97 -4.02 4.18
N THR A 61 -1.52 -2.80 4.29
CA THR A 61 -0.37 -2.54 5.20
C THR A 61 -0.92 -2.57 6.62
N ALA A 62 -2.11 -2.05 6.79
CA ALA A 62 -2.74 -2.09 8.13
C ALA A 62 -2.87 -3.54 8.56
N ASP A 63 -2.96 -4.43 7.59
CA ASP A 63 -3.06 -5.87 7.93
C ASP A 63 -1.65 -6.46 8.03
N ALA A 64 -0.70 -5.80 7.42
CA ALA A 64 0.70 -6.31 7.50
C ALA A 64 1.21 -6.03 8.91
N GLY A 65 0.54 -5.17 9.62
CA GLY A 65 0.98 -4.84 11.00
C GLY A 65 1.55 -3.43 11.00
N TYR A 66 1.06 -2.58 10.15
CA TYR A 66 1.58 -1.19 10.10
C TYR A 66 0.44 -0.19 9.94
N PRO A 67 0.09 0.47 11.02
CA PRO A 67 -0.99 1.48 10.98
C PRO A 67 -0.62 2.56 9.98
N SER A 68 -1.15 2.49 8.79
CA SER A 68 -0.81 3.52 7.76
C SER A 68 -1.97 4.48 7.50
N SER A 69 -1.88 5.23 6.43
CA SER A 69 -2.95 6.20 6.08
C SER A 69 -2.75 6.62 4.62
N VAL A 70 -3.75 6.51 3.80
CA VAL A 70 -3.58 6.86 2.38
C VAL A 70 -3.94 8.31 2.13
N LYS A 71 -3.49 8.85 1.03
CA LYS A 71 -3.83 10.27 0.76
C LYS A 71 -4.01 10.50 -0.74
N GLN A 72 -4.69 9.59 -1.40
CA GLN A 72 -4.91 9.73 -2.86
C GLN A 72 -3.66 10.29 -3.56
HG HG B . 12.33 -2.44 9.38
N ALA A 1 -12.53 0.66 -14.09
CA ALA A 1 -12.11 0.66 -12.66
C ALA A 1 -10.60 0.45 -12.55
N THR A 2 -9.85 1.52 -12.57
CA THR A 2 -8.38 1.43 -12.47
C THR A 2 -7.91 2.69 -11.75
N GLN A 3 -7.82 2.63 -10.46
CA GLN A 3 -7.42 3.84 -9.69
C GLN A 3 -6.03 3.68 -9.08
N THR A 4 -5.40 4.78 -8.77
CA THR A 4 -4.05 4.73 -8.16
C THR A 4 -3.96 5.75 -7.02
N VAL A 5 -3.29 5.41 -5.96
CA VAL A 5 -3.18 6.36 -4.82
C VAL A 5 -1.83 6.21 -4.14
N THR A 6 -1.47 7.14 -3.33
CA THR A 6 -0.18 7.04 -2.62
C THR A 6 -0.49 6.72 -1.17
N LEU A 7 0.39 6.06 -0.48
CA LEU A 7 0.10 5.70 0.92
C LEU A 7 1.22 6.18 1.84
N ALA A 8 0.89 6.37 3.08
CA ALA A 8 1.91 6.83 4.06
C ALA A 8 1.77 6.05 5.37
N VAL A 9 2.69 5.17 5.63
CA VAL A 9 2.60 4.37 6.90
C VAL A 9 3.68 4.82 7.91
N PRO A 10 3.25 5.59 8.88
CA PRO A 10 4.19 6.09 9.93
C PRO A 10 4.67 4.97 10.88
N GLY A 11 4.39 3.74 10.59
CA GLY A 11 4.84 2.64 11.51
C GLY A 11 6.05 1.92 10.91
N MET A 12 6.42 2.24 9.71
CA MET A 12 7.58 1.55 9.07
C MET A 12 8.87 2.35 9.30
N THR A 13 10.00 1.71 9.35
CA THR A 13 11.28 2.46 9.58
C THR A 13 12.49 1.51 9.57
N CYS A 14 12.58 0.60 8.64
CA CYS A 14 13.76 -0.32 8.61
C CYS A 14 13.61 -1.30 7.44
N ALA A 15 14.67 -1.95 7.04
CA ALA A 15 14.56 -2.92 5.90
C ALA A 15 13.80 -4.18 6.35
N ALA A 16 12.49 -4.12 6.39
CA ALA A 16 11.71 -5.30 6.81
C ALA A 16 10.21 -5.01 6.83
N CYS A 17 9.79 -4.01 7.58
CA CYS A 17 8.33 -3.69 7.66
C CYS A 17 7.89 -2.74 6.54
N PRO A 18 8.64 -1.70 6.27
CA PRO A 18 8.26 -0.76 5.19
C PRO A 18 8.08 -1.54 3.89
N ILE A 19 9.06 -2.33 3.54
CA ILE A 19 8.94 -3.15 2.30
C ILE A 19 7.73 -4.10 2.40
N THR A 20 7.31 -4.41 3.60
CA THR A 20 6.13 -5.31 3.75
C THR A 20 4.90 -4.61 3.20
N VAL A 21 4.92 -3.32 3.23
CA VAL A 21 3.78 -2.56 2.67
C VAL A 21 3.78 -2.73 1.17
N LYS A 22 4.93 -2.98 0.60
CA LYS A 22 5.01 -3.19 -0.86
C LYS A 22 4.31 -4.51 -1.17
N LYS A 23 4.60 -5.51 -0.38
CA LYS A 23 3.96 -6.82 -0.62
C LYS A 23 2.47 -6.72 -0.32
N ALA A 24 2.12 -5.85 0.58
CA ALA A 24 0.69 -5.66 0.93
C ALA A 24 -0.11 -5.24 -0.31
N LEU A 25 0.41 -4.33 -1.08
CA LEU A 25 -0.31 -3.88 -2.31
C LEU A 25 -0.35 -5.03 -3.32
N SER A 26 0.77 -5.64 -3.56
CA SER A 26 0.80 -6.77 -4.53
C SER A 26 -0.03 -7.93 -3.98
N LYS A 27 -0.40 -7.85 -2.73
CA LYS A 27 -1.21 -8.93 -2.14
C LYS A 27 -2.63 -8.45 -1.86
N VAL A 28 -2.85 -7.18 -2.00
CA VAL A 28 -4.21 -6.63 -1.76
C VAL A 28 -5.23 -7.47 -2.52
N GLU A 29 -5.07 -7.56 -3.82
CA GLU A 29 -6.00 -8.37 -4.68
C GLU A 29 -6.00 -7.83 -6.11
N GLY A 30 -6.72 -6.77 -6.34
CA GLY A 30 -6.79 -6.19 -7.71
C GLY A 30 -5.55 -5.34 -8.00
N VAL A 31 -4.72 -5.11 -7.03
CA VAL A 31 -3.51 -4.28 -7.28
C VAL A 31 -2.87 -4.72 -8.60
N SER A 32 -2.72 -3.81 -9.51
CA SER A 32 -2.13 -4.14 -10.82
C SER A 32 -0.73 -3.55 -10.94
N LYS A 33 -0.38 -2.69 -10.02
CA LYS A 33 0.99 -2.08 -10.08
C LYS A 33 1.40 -1.60 -8.69
N VAL A 34 2.67 -1.40 -8.46
CA VAL A 34 3.13 -0.94 -7.12
C VAL A 34 4.39 -0.08 -7.22
N ASP A 35 4.58 0.81 -6.29
CA ASP A 35 5.77 1.70 -6.31
C ASP A 35 5.87 2.40 -4.95
N VAL A 36 6.44 1.74 -3.98
CA VAL A 36 6.52 2.35 -2.62
C VAL A 36 7.96 2.73 -2.26
N GLY A 37 8.19 3.00 -1.01
CA GLY A 37 9.55 3.38 -0.55
C GLY A 37 9.71 2.95 0.91
N PHE A 38 10.27 1.80 1.14
CA PHE A 38 10.46 1.29 2.52
C PHE A 38 11.03 2.39 3.44
N GLU A 39 12.31 2.32 3.75
CA GLU A 39 12.98 3.32 4.66
C GLU A 39 11.98 4.35 5.19
N LYS A 40 11.59 5.30 4.39
CA LYS A 40 10.61 6.30 4.86
C LYS A 40 9.30 5.59 5.22
N ARG A 41 8.47 5.32 4.24
CA ARG A 41 7.16 4.60 4.44
C ARG A 41 6.10 5.16 3.51
N GLU A 42 6.29 5.04 2.23
CA GLU A 42 5.27 5.59 1.29
C GLU A 42 4.96 4.57 0.20
N ALA A 43 3.74 4.09 0.13
CA ALA A 43 3.41 3.08 -0.92
C ALA A 43 2.48 3.66 -1.99
N VAL A 44 2.94 3.76 -3.20
CA VAL A 44 2.07 4.29 -4.28
C VAL A 44 1.66 3.13 -5.17
N VAL A 45 0.39 2.91 -5.35
CA VAL A 45 -0.03 1.73 -6.13
C VAL A 45 -1.20 2.00 -7.08
N THR A 46 -1.36 1.13 -8.05
CA THR A 46 -2.48 1.24 -9.01
C THR A 46 -3.27 -0.05 -8.92
N PHE A 47 -4.51 -0.05 -9.30
CA PHE A 47 -5.28 -1.31 -9.19
C PHE A 47 -6.63 -1.18 -9.87
N ASP A 48 -7.44 -2.17 -9.75
CA ASP A 48 -8.80 -2.12 -10.34
C ASP A 48 -9.78 -1.94 -9.19
N ASP A 49 -10.57 -0.91 -9.23
CA ASP A 49 -11.51 -0.67 -8.10
C ASP A 49 -12.64 -1.71 -8.10
N THR A 50 -12.62 -2.64 -9.01
CA THR A 50 -13.69 -3.67 -9.04
C THR A 50 -13.41 -4.74 -7.98
N LYS A 51 -12.16 -4.95 -7.65
CA LYS A 51 -11.83 -5.98 -6.62
C LYS A 51 -11.06 -5.35 -5.45
N ALA A 52 -10.51 -4.19 -5.66
CA ALA A 52 -9.75 -3.52 -4.56
C ALA A 52 -10.08 -2.02 -4.54
N SER A 53 -9.34 -1.27 -3.77
CA SER A 53 -9.61 0.20 -3.70
C SER A 53 -8.60 0.89 -2.79
N VAL A 54 -8.44 2.17 -2.93
CA VAL A 54 -7.48 2.90 -2.07
C VAL A 54 -7.62 2.42 -0.61
N GLN A 55 -8.83 2.23 -0.16
CA GLN A 55 -9.03 1.74 1.23
C GLN A 55 -8.37 0.37 1.37
N LYS A 56 -8.58 -0.49 0.41
CA LYS A 56 -7.98 -1.85 0.47
C LYS A 56 -6.44 -1.78 0.39
N LEU A 57 -5.89 -0.73 -0.17
CA LEU A 57 -4.41 -0.65 -0.24
C LEU A 57 -3.88 -0.27 1.15
N THR A 58 -4.40 0.78 1.70
CA THR A 58 -3.99 1.19 3.07
C THR A 58 -4.47 0.12 4.05
N LYS A 59 -5.41 -0.68 3.63
CA LYS A 59 -5.92 -1.76 4.50
C LYS A 59 -5.00 -2.97 4.36
N ALA A 60 -4.34 -3.09 3.24
CA ALA A 60 -3.42 -4.25 3.06
C ALA A 60 -2.20 -4.05 3.96
N THR A 61 -1.69 -2.87 4.03
CA THR A 61 -0.53 -2.62 4.92
C THR A 61 -1.07 -2.53 6.34
N ALA A 62 -2.21 -1.90 6.48
CA ALA A 62 -2.82 -1.81 7.83
C ALA A 62 -3.08 -3.23 8.31
N ASP A 63 -3.23 -4.16 7.38
CA ASP A 63 -3.45 -5.57 7.78
C ASP A 63 -2.10 -6.22 8.04
N ALA A 64 -1.06 -5.72 7.42
CA ALA A 64 0.28 -6.29 7.66
C ALA A 64 0.76 -5.87 9.04
N GLY A 65 0.09 -4.91 9.61
CA GLY A 65 0.50 -4.43 10.96
C GLY A 65 1.12 -3.06 10.81
N TYR A 66 0.66 -2.29 9.87
CA TYR A 66 1.24 -0.94 9.65
C TYR A 66 0.12 0.09 9.45
N PRO A 67 -0.41 0.58 10.55
CA PRO A 67 -1.49 1.58 10.48
C PRO A 67 -1.04 2.75 9.61
N SER A 68 -1.42 2.76 8.36
CA SER A 68 -0.98 3.87 7.46
C SER A 68 -2.15 4.81 7.13
N SER A 69 -1.95 5.63 6.13
CA SER A 69 -3.00 6.60 5.71
C SER A 69 -2.79 6.91 4.23
N VAL A 70 -3.80 6.75 3.43
CA VAL A 70 -3.63 7.01 1.98
C VAL A 70 -4.06 8.42 1.64
N LYS A 71 -3.60 8.93 0.54
CA LYS A 71 -4.01 10.32 0.19
C LYS A 71 -4.03 10.52 -1.33
N GLN A 72 -4.69 9.67 -2.04
CA GLN A 72 -4.76 9.82 -3.52
C GLN A 72 -3.34 9.97 -4.10
HG HG B . 11.34 -3.39 10.09
N ALA A 1 -12.06 1.58 -12.94
CA ALA A 1 -11.01 2.64 -13.06
C ALA A 1 -9.63 2.03 -12.84
N THR A 2 -8.60 2.84 -12.92
CA THR A 2 -7.22 2.38 -12.72
C THR A 2 -6.43 3.54 -12.13
N GLN A 3 -6.43 3.64 -10.84
CA GLN A 3 -5.72 4.79 -10.20
C GLN A 3 -4.69 4.34 -9.18
N THR A 4 -3.68 5.14 -8.98
CA THR A 4 -2.61 4.80 -8.00
C THR A 4 -2.52 5.89 -6.93
N VAL A 5 -2.08 5.54 -5.77
CA VAL A 5 -1.95 6.54 -4.68
C VAL A 5 -0.70 6.22 -3.88
N THR A 6 -0.35 7.05 -2.97
CA THR A 6 0.85 6.77 -2.14
C THR A 6 0.36 6.38 -0.75
N LEU A 7 1.17 5.74 0.03
CA LEU A 7 0.66 5.35 1.37
C LEU A 7 1.63 5.73 2.47
N ALA A 8 1.10 6.16 3.58
CA ALA A 8 1.96 6.56 4.72
C ALA A 8 1.79 5.54 5.85
N VAL A 9 2.71 4.63 6.00
CA VAL A 9 2.59 3.60 7.08
C VAL A 9 3.66 3.81 8.16
N PRO A 10 3.42 4.75 9.04
CA PRO A 10 4.38 5.04 10.13
C PRO A 10 4.44 3.89 11.13
N GLY A 11 3.64 2.87 10.96
CA GLY A 11 3.67 1.74 11.91
C GLY A 11 5.08 1.17 11.98
N MET A 12 5.91 1.48 11.02
CA MET A 12 7.30 0.95 11.03
C MET A 12 8.22 1.91 10.25
N THR A 13 9.45 1.50 10.01
CA THR A 13 10.38 2.39 9.26
C THR A 13 11.75 1.71 9.10
N CYS A 14 11.80 0.56 8.50
CA CYS A 14 13.11 -0.14 8.31
C CYS A 14 12.99 -1.18 7.20
N ALA A 15 14.06 -1.80 6.81
CA ALA A 15 13.98 -2.81 5.73
C ALA A 15 13.33 -4.10 6.23
N ALA A 16 12.03 -4.13 6.35
CA ALA A 16 11.37 -5.37 6.84
C ALA A 16 9.84 -5.19 6.93
N CYS A 17 9.39 -4.16 7.60
CA CYS A 17 7.91 -3.96 7.74
C CYS A 17 7.33 -3.07 6.62
N PRO A 18 7.98 -1.97 6.31
CA PRO A 18 7.46 -1.10 5.25
C PRO A 18 7.41 -1.89 3.96
N ILE A 19 8.44 -2.62 3.67
CA ILE A 19 8.41 -3.47 2.43
C ILE A 19 7.20 -4.45 2.52
N THR A 20 6.82 -4.81 3.73
CA THR A 20 5.67 -5.73 3.90
C THR A 20 4.41 -5.03 3.42
N VAL A 21 4.41 -3.73 3.52
CA VAL A 21 3.25 -2.95 3.06
C VAL A 21 3.15 -3.06 1.55
N LYS A 22 4.27 -3.26 0.89
CA LYS A 22 4.23 -3.39 -0.58
C LYS A 22 3.55 -4.70 -0.91
N LYS A 23 3.90 -5.73 -0.20
CA LYS A 23 3.25 -7.04 -0.47
C LYS A 23 1.77 -6.95 -0.13
N ALA A 24 1.42 -6.05 0.73
CA ALA A 24 0.00 -5.88 1.12
C ALA A 24 -0.82 -5.32 -0.04
N LEU A 25 -0.29 -4.34 -0.74
CA LEU A 25 -1.06 -3.77 -1.89
C LEU A 25 -1.15 -4.80 -3.01
N SER A 26 -0.07 -5.48 -3.28
CA SER A 26 -0.09 -6.51 -4.35
C SER A 26 -0.99 -7.65 -3.92
N LYS A 27 -1.26 -7.74 -2.65
CA LYS A 27 -2.13 -8.82 -2.15
C LYS A 27 -3.55 -8.30 -1.95
N VAL A 28 -3.72 -7.01 -2.04
CA VAL A 28 -5.09 -6.44 -1.86
C VAL A 28 -6.08 -7.27 -2.66
N GLU A 29 -5.92 -7.28 -3.97
CA GLU A 29 -6.84 -8.07 -4.85
C GLU A 29 -6.76 -7.54 -6.30
N GLY A 30 -7.18 -6.32 -6.51
CA GLY A 30 -7.15 -5.75 -7.89
C GLY A 30 -5.85 -4.99 -8.12
N VAL A 31 -5.05 -4.81 -7.12
CA VAL A 31 -3.75 -4.09 -7.30
C VAL A 31 -3.10 -4.52 -8.61
N SER A 32 -2.74 -3.58 -9.42
CA SER A 32 -2.09 -3.92 -10.72
C SER A 32 -0.61 -3.56 -10.66
N LYS A 33 -0.22 -2.86 -9.64
CA LYS A 33 1.23 -2.50 -9.50
C LYS A 33 1.49 -2.02 -8.07
N VAL A 34 2.73 -2.04 -7.64
CA VAL A 34 3.01 -1.60 -6.24
C VAL A 34 4.39 -0.94 -6.13
N ASP A 35 4.57 -0.18 -5.09
CA ASP A 35 5.88 0.50 -4.86
C ASP A 35 6.23 0.37 -3.38
N VAL A 36 7.45 0.04 -3.06
CA VAL A 36 7.80 -0.13 -1.62
C VAL A 36 8.70 0.99 -1.12
N GLY A 37 8.32 1.61 -0.04
CA GLY A 37 9.16 2.67 0.56
C GLY A 37 9.69 2.08 1.86
N PHE A 38 10.40 0.99 1.74
CA PHE A 38 10.95 0.26 2.94
C PHE A 38 11.23 1.21 4.12
N GLU A 39 12.47 1.43 4.45
CA GLU A 39 12.81 2.32 5.60
C GLU A 39 12.08 3.68 5.53
N LYS A 40 12.14 4.36 4.42
CA LYS A 40 11.47 5.69 4.31
C LYS A 40 9.98 5.61 4.67
N ARG A 41 9.45 4.42 4.73
CA ARG A 41 8.01 4.24 5.08
C ARG A 41 7.10 4.92 4.06
N GLU A 42 6.81 4.26 2.98
CA GLU A 42 5.91 4.85 1.95
C GLU A 42 5.57 3.82 0.89
N ALA A 43 4.30 3.52 0.71
CA ALA A 43 3.93 2.51 -0.33
C ALA A 43 3.13 3.18 -1.46
N VAL A 44 3.63 3.14 -2.66
CA VAL A 44 2.89 3.75 -3.79
C VAL A 44 2.31 2.61 -4.65
N VAL A 45 1.03 2.60 -4.86
CA VAL A 45 0.45 1.46 -5.62
C VAL A 45 -0.54 1.89 -6.70
N THR A 46 -0.66 1.09 -7.73
CA THR A 46 -1.63 1.35 -8.82
C THR A 46 -2.66 0.23 -8.75
N PHE A 47 -3.87 0.47 -9.18
CA PHE A 47 -4.88 -0.61 -9.12
C PHE A 47 -6.14 -0.21 -9.87
N ASP A 48 -7.09 -1.07 -9.89
CA ASP A 48 -8.37 -0.75 -10.58
C ASP A 48 -9.40 -0.51 -9.49
N ASP A 49 -10.03 0.63 -9.50
CA ASP A 49 -11.01 0.93 -8.42
C ASP A 49 -12.24 0.02 -8.51
N THR A 50 -12.30 -0.83 -9.51
CA THR A 50 -13.48 -1.75 -9.63
C THR A 50 -13.30 -2.96 -8.70
N LYS A 51 -12.09 -3.28 -8.35
CA LYS A 51 -11.85 -4.45 -7.45
C LYS A 51 -11.03 -4.03 -6.23
N ALA A 52 -10.57 -2.81 -6.20
CA ALA A 52 -9.77 -2.33 -5.04
C ALA A 52 -9.90 -0.81 -4.92
N SER A 53 -9.11 -0.20 -4.09
CA SER A 53 -9.20 1.27 -3.92
C SER A 53 -8.18 1.75 -2.89
N VAL A 54 -7.83 3.00 -2.93
CA VAL A 54 -6.86 3.55 -1.94
C VAL A 54 -7.16 2.99 -0.55
N GLN A 55 -8.41 2.92 -0.18
CA GLN A 55 -8.76 2.38 1.16
C GLN A 55 -8.27 0.94 1.26
N LYS A 56 -8.51 0.15 0.26
CA LYS A 56 -8.06 -1.27 0.29
C LYS A 56 -6.53 -1.36 0.28
N LEU A 57 -5.86 -0.36 -0.24
CA LEU A 57 -4.37 -0.41 -0.24
C LEU A 57 -3.89 -0.16 1.19
N THR A 58 -4.29 0.93 1.76
CA THR A 58 -3.90 1.24 3.16
C THR A 58 -4.54 0.20 4.07
N LYS A 59 -5.52 -0.50 3.59
CA LYS A 59 -6.17 -1.55 4.40
C LYS A 59 -5.33 -2.81 4.33
N ALA A 60 -4.61 -2.99 3.26
CA ALA A 60 -3.75 -4.20 3.14
C ALA A 60 -2.57 -4.06 4.09
N THR A 61 -1.97 -2.89 4.13
CA THR A 61 -0.83 -2.70 5.08
C THR A 61 -1.42 -2.58 6.47
N ALA A 62 -2.56 -1.96 6.57
CA ALA A 62 -3.22 -1.84 7.89
C ALA A 62 -3.50 -3.24 8.41
N ASP A 63 -3.71 -4.17 7.51
CA ASP A 63 -3.97 -5.56 7.94
C ASP A 63 -2.65 -6.32 8.02
N ALA A 64 -1.61 -5.78 7.43
CA ALA A 64 -0.29 -6.46 7.51
C ALA A 64 0.30 -6.21 8.89
N GLY A 65 -0.19 -5.22 9.57
CA GLY A 65 0.33 -4.92 10.94
C GLY A 65 0.96 -3.53 10.94
N TYR A 66 0.55 -2.68 10.03
CA TYR A 66 1.11 -1.32 9.98
C TYR A 66 0.02 -0.30 9.62
N PRO A 67 -0.62 0.23 10.64
CA PRO A 67 -1.70 1.22 10.42
C PRO A 67 -1.17 2.39 9.59
N SER A 68 -1.42 2.36 8.31
CA SER A 68 -0.92 3.48 7.44
C SER A 68 -2.07 4.37 6.97
N SER A 69 -1.82 5.15 5.95
CA SER A 69 -2.88 6.05 5.42
C SER A 69 -2.67 6.20 3.92
N VAL A 70 -3.44 7.03 3.27
CA VAL A 70 -3.28 7.16 1.80
C VAL A 70 -3.40 8.61 1.34
N LYS A 71 -2.59 8.98 0.39
CA LYS A 71 -2.64 10.37 -0.13
C LYS A 71 -2.70 10.34 -1.66
N GLN A 72 -3.85 10.10 -2.22
CA GLN A 72 -3.97 10.07 -3.70
C GLN A 72 -3.19 11.22 -4.32
HG HG B . 10.55 -2.29 10.62
N ALA A 1 -12.87 1.29 -12.40
CA ALA A 1 -12.32 0.25 -11.47
C ALA A 1 -10.80 0.19 -11.60
N THR A 2 -10.15 1.31 -11.51
CA THR A 2 -8.68 1.35 -11.63
C THR A 2 -8.19 2.62 -10.95
N GLN A 3 -7.89 2.55 -9.69
CA GLN A 3 -7.45 3.79 -8.97
C GLN A 3 -6.00 3.69 -8.52
N THR A 4 -5.37 4.81 -8.29
CA THR A 4 -3.96 4.81 -7.83
C THR A 4 -3.80 5.86 -6.70
N VAL A 5 -3.37 5.43 -5.55
CA VAL A 5 -3.20 6.40 -4.43
C VAL A 5 -1.84 6.22 -3.76
N THR A 6 -1.52 7.09 -2.86
CA THR A 6 -0.22 6.99 -2.15
C THR A 6 -0.51 6.56 -0.72
N LEU A 7 0.43 5.98 -0.05
CA LEU A 7 0.15 5.54 1.35
C LEU A 7 1.17 6.11 2.32
N ALA A 8 0.79 6.20 3.55
CA ALA A 8 1.71 6.72 4.60
C ALA A 8 1.68 5.79 5.80
N VAL A 9 2.69 4.99 5.96
CA VAL A 9 2.68 4.03 7.11
C VAL A 9 3.71 4.46 8.18
N PRO A 10 3.23 5.05 9.24
CA PRO A 10 4.12 5.51 10.33
C PRO A 10 4.72 4.35 11.13
N GLY A 11 4.43 3.13 10.76
CA GLY A 11 4.98 1.97 11.51
C GLY A 11 6.25 1.44 10.82
N MET A 12 6.64 2.04 9.73
CA MET A 12 7.86 1.56 9.01
C MET A 12 9.00 2.56 9.21
N THR A 13 10.22 2.15 8.99
CA THR A 13 11.36 3.08 9.16
C THR A 13 12.70 2.39 8.88
N CYS A 14 12.74 1.46 7.96
CA CYS A 14 14.03 0.78 7.67
C CYS A 14 13.86 -0.16 6.46
N ALA A 15 14.94 -0.69 5.95
CA ALA A 15 14.82 -1.61 4.77
C ALA A 15 14.34 -2.99 5.24
N ALA A 16 13.07 -3.14 5.49
CA ALA A 16 12.55 -4.46 5.95
C ALA A 16 11.03 -4.40 6.18
N CYS A 17 10.56 -3.41 6.90
CA CYS A 17 9.09 -3.33 7.17
C CYS A 17 8.35 -2.46 6.14
N PRO A 18 8.90 -1.31 5.81
CA PRO A 18 8.21 -0.44 4.81
C PRO A 18 8.23 -1.16 3.47
N ILE A 19 9.32 -1.83 3.19
CA ILE A 19 9.41 -2.64 1.94
C ILE A 19 8.29 -3.70 1.95
N THR A 20 8.00 -4.21 3.11
CA THR A 20 6.93 -5.23 3.24
C THR A 20 5.61 -4.59 2.84
N VAL A 21 5.57 -3.29 2.90
CA VAL A 21 4.33 -2.59 2.51
C VAL A 21 4.17 -2.72 1.01
N LYS A 22 5.27 -2.76 0.31
CA LYS A 22 5.19 -2.92 -1.16
C LYS A 22 4.63 -4.31 -1.45
N LYS A 23 5.07 -5.27 -0.70
CA LYS A 23 4.54 -6.64 -0.92
C LYS A 23 3.07 -6.68 -0.51
N ALA A 24 2.70 -5.82 0.37
CA ALA A 24 1.29 -5.77 0.84
C ALA A 24 0.36 -5.28 -0.28
N LEU A 25 0.63 -4.13 -0.83
CA LEU A 25 -0.24 -3.61 -1.91
C LEU A 25 -0.22 -4.57 -3.09
N SER A 26 0.91 -5.15 -3.37
CA SER A 26 0.98 -6.11 -4.51
C SER A 26 0.22 -7.37 -4.14
N LYS A 27 0.01 -7.60 -2.87
CA LYS A 27 -0.72 -8.81 -2.44
C LYS A 27 -2.07 -8.41 -1.82
N VAL A 28 -2.45 -7.17 -1.95
CA VAL A 28 -3.75 -6.73 -1.36
C VAL A 28 -4.92 -7.41 -2.08
N GLU A 29 -4.89 -7.46 -3.40
CA GLU A 29 -5.99 -8.12 -4.15
C GLU A 29 -5.97 -7.71 -5.64
N GLY A 30 -6.55 -6.59 -5.96
CA GLY A 30 -6.61 -6.16 -7.39
C GLY A 30 -5.39 -5.29 -7.75
N VAL A 31 -4.49 -5.07 -6.83
CA VAL A 31 -3.30 -4.24 -7.14
C VAL A 31 -2.74 -4.63 -8.51
N SER A 32 -2.54 -3.66 -9.35
CA SER A 32 -2.00 -3.94 -10.71
C SER A 32 -0.62 -3.32 -10.84
N LYS A 33 -0.27 -2.45 -9.95
CA LYS A 33 1.07 -1.80 -10.01
C LYS A 33 1.45 -1.30 -8.61
N VAL A 34 2.72 -1.07 -8.37
CA VAL A 34 3.14 -0.60 -7.02
C VAL A 34 4.43 0.22 -7.09
N ASP A 35 4.64 1.05 -6.11
CA ASP A 35 5.88 1.88 -6.09
C ASP A 35 5.95 2.56 -4.72
N VAL A 36 6.52 1.90 -3.75
CA VAL A 36 6.56 2.49 -2.39
C VAL A 36 7.97 2.96 -2.01
N GLY A 37 8.21 3.09 -0.74
CA GLY A 37 9.54 3.53 -0.26
C GLY A 37 9.83 2.81 1.06
N PHE A 38 10.84 1.97 1.06
CA PHE A 38 11.19 1.21 2.28
C PHE A 38 11.46 2.18 3.44
N GLU A 39 12.69 2.39 3.82
CA GLU A 39 12.97 3.33 4.94
C GLU A 39 12.21 4.65 4.74
N LYS A 40 12.04 5.07 3.51
CA LYS A 40 11.31 6.35 3.26
C LYS A 40 9.94 6.34 3.96
N ARG A 41 9.25 5.22 3.89
CA ARG A 41 7.90 5.09 4.53
C ARG A 41 6.81 5.69 3.64
N GLU A 42 6.52 5.07 2.53
CA GLU A 42 5.45 5.61 1.64
C GLU A 42 5.12 4.61 0.53
N ALA A 43 3.89 4.18 0.45
CA ALA A 43 3.54 3.19 -0.61
C ALA A 43 2.59 3.79 -1.67
N VAL A 44 3.05 3.90 -2.88
CA VAL A 44 2.17 4.45 -3.95
C VAL A 44 1.77 3.29 -4.86
N VAL A 45 0.51 2.98 -4.93
CA VAL A 45 0.14 1.80 -5.76
C VAL A 45 -1.12 2.05 -6.61
N THR A 46 -1.21 1.31 -7.67
CA THR A 46 -2.39 1.41 -8.58
C THR A 46 -3.12 0.07 -8.51
N PHE A 47 -4.35 0.02 -8.89
CA PHE A 47 -5.06 -1.28 -8.82
C PHE A 47 -6.42 -1.19 -9.48
N ASP A 48 -7.16 -2.25 -9.42
CA ASP A 48 -8.51 -2.26 -10.00
C ASP A 48 -9.51 -2.21 -8.86
N ASP A 49 -10.26 -1.14 -8.76
CA ASP A 49 -11.22 -1.03 -7.63
C ASP A 49 -12.28 -2.13 -7.70
N THR A 50 -12.31 -2.88 -8.77
CA THR A 50 -13.32 -3.97 -8.88
C THR A 50 -12.98 -5.06 -7.86
N LYS A 51 -11.74 -5.19 -7.51
CA LYS A 51 -11.33 -6.22 -6.52
C LYS A 51 -10.50 -5.59 -5.39
N ALA A 52 -10.25 -4.32 -5.47
CA ALA A 52 -9.45 -3.65 -4.41
C ALA A 52 -9.91 -2.21 -4.24
N SER A 53 -9.17 -1.42 -3.51
CA SER A 53 -9.56 0.00 -3.30
C SER A 53 -8.53 0.69 -2.41
N VAL A 54 -8.43 1.98 -2.50
CA VAL A 54 -7.45 2.71 -1.65
C VAL A 54 -7.52 2.16 -0.22
N GLN A 55 -8.70 1.88 0.26
CA GLN A 55 -8.83 1.33 1.63
C GLN A 55 -8.14 -0.03 1.69
N LYS A 56 -8.35 -0.84 0.69
CA LYS A 56 -7.70 -2.19 0.68
C LYS A 56 -6.18 -2.06 0.57
N LEU A 57 -5.68 -0.98 0.03
CA LEU A 57 -4.20 -0.82 -0.08
C LEU A 57 -3.64 -0.62 1.33
N THR A 58 -4.12 0.37 2.03
CA THR A 58 -3.64 0.61 3.41
C THR A 58 -4.05 -0.58 4.27
N LYS A 59 -5.03 -1.31 3.84
CA LYS A 59 -5.47 -2.50 4.61
C LYS A 59 -4.54 -3.67 4.29
N ALA A 60 -3.90 -3.64 3.16
CA ALA A 60 -2.97 -4.75 2.81
C ALA A 60 -1.70 -4.60 3.65
N THR A 61 -1.19 -3.41 3.77
CA THR A 61 0.01 -3.22 4.62
C THR A 61 -0.44 -3.27 6.06
N ALA A 62 -1.61 -2.76 6.31
CA ALA A 62 -2.15 -2.81 7.70
C ALA A 62 -2.30 -4.28 8.07
N ASP A 63 -2.54 -5.11 7.08
CA ASP A 63 -2.66 -6.56 7.35
C ASP A 63 -1.25 -7.14 7.50
N ALA A 64 -0.29 -6.47 6.91
CA ALA A 64 1.11 -6.95 7.03
C ALA A 64 1.63 -6.58 8.41
N GLY A 65 0.93 -5.72 9.10
CA GLY A 65 1.38 -5.29 10.45
C GLY A 65 1.88 -3.87 10.36
N TYR A 66 1.30 -3.08 9.49
CA TYR A 66 1.75 -1.68 9.34
C TYR A 66 0.55 -0.75 9.22
N PRO A 67 0.02 -0.35 10.36
CA PRO A 67 -1.14 0.56 10.37
C PRO A 67 -0.81 1.82 9.56
N SER A 68 -1.22 1.86 8.32
CA SER A 68 -0.89 3.03 7.47
C SER A 68 -2.11 3.92 7.20
N SER A 69 -1.95 4.89 6.34
CA SER A 69 -3.06 5.81 5.99
C SER A 69 -2.89 6.25 4.54
N VAL A 70 -3.86 5.99 3.71
CA VAL A 70 -3.71 6.37 2.28
C VAL A 70 -4.28 7.75 2.03
N LYS A 71 -3.84 8.40 1.00
CA LYS A 71 -4.39 9.75 0.74
C LYS A 71 -4.27 10.10 -0.74
N GLN A 72 -4.63 9.18 -1.60
CA GLN A 72 -4.57 9.40 -3.08
C GLN A 72 -3.61 10.54 -3.45
HG HG B . 12.29 -2.66 9.22
N ALA A 1 -12.15 0.86 -14.36
CA ALA A 1 -11.60 1.68 -13.23
C ALA A 1 -10.16 1.26 -12.94
N THR A 2 -9.29 2.21 -12.70
CA THR A 2 -7.89 1.90 -12.41
C THR A 2 -7.16 3.20 -12.13
N GLN A 3 -6.84 3.40 -10.90
CA GLN A 3 -6.14 4.66 -10.51
C GLN A 3 -4.91 4.36 -9.66
N THR A 4 -4.14 5.36 -9.36
CA THR A 4 -2.92 5.17 -8.53
C THR A 4 -2.95 6.13 -7.34
N VAL A 5 -2.58 5.65 -6.19
CA VAL A 5 -2.58 6.53 -4.98
C VAL A 5 -1.28 6.35 -4.23
N THR A 6 -1.02 7.21 -3.30
CA THR A 6 0.23 7.09 -2.51
C THR A 6 -0.16 6.61 -1.13
N LEU A 7 0.73 6.00 -0.42
CA LEU A 7 0.35 5.49 0.92
C LEU A 7 1.43 5.81 1.95
N ALA A 8 1.03 5.94 3.17
CA ALA A 8 2.01 6.24 4.25
C ALA A 8 1.90 5.19 5.36
N VAL A 9 2.94 4.43 5.60
CA VAL A 9 2.84 3.38 6.66
C VAL A 9 3.75 3.69 7.86
N PRO A 10 3.34 4.62 8.69
CA PRO A 10 4.14 4.98 9.89
C PRO A 10 4.11 3.83 10.90
N GLY A 11 3.21 2.89 10.72
CA GLY A 11 3.13 1.76 11.68
C GLY A 11 4.53 1.26 12.00
N MET A 12 5.37 1.16 11.01
CA MET A 12 6.77 0.68 11.26
C MET A 12 7.71 1.25 10.19
N THR A 13 8.90 1.64 10.58
CA THR A 13 9.86 2.21 9.59
C THR A 13 11.26 1.61 9.78
N CYS A 14 11.48 0.40 9.31
CA CYS A 14 12.83 -0.22 9.47
C CYS A 14 13.10 -1.12 8.26
N ALA A 15 13.72 -2.25 8.45
CA ALA A 15 13.98 -3.16 7.31
C ALA A 15 13.11 -4.41 7.45
N ALA A 16 11.81 -4.27 7.38
CA ALA A 16 10.94 -5.46 7.53
C ALA A 16 9.45 -5.08 7.40
N CYS A 17 8.97 -4.14 8.17
CA CYS A 17 7.53 -3.78 8.08
C CYS A 17 7.23 -2.92 6.84
N PRO A 18 8.01 -1.88 6.64
CA PRO A 18 7.80 -0.99 5.47
C PRO A 18 7.70 -1.82 4.19
N ILE A 19 8.70 -2.62 3.94
CA ILE A 19 8.69 -3.49 2.72
C ILE A 19 7.46 -4.41 2.74
N THR A 20 6.95 -4.75 3.90
CA THR A 20 5.75 -5.64 3.95
C THR A 20 4.57 -4.90 3.36
N VAL A 21 4.63 -3.61 3.39
CA VAL A 21 3.53 -2.79 2.83
C VAL A 21 3.55 -2.95 1.33
N LYS A 22 4.71 -3.15 0.75
CA LYS A 22 4.78 -3.32 -0.71
C LYS A 22 4.17 -4.68 -1.06
N LYS A 23 4.46 -5.66 -0.26
CA LYS A 23 3.89 -7.01 -0.53
C LYS A 23 2.38 -6.97 -0.30
N ALA A 24 1.92 -6.02 0.44
CA ALA A 24 0.47 -5.90 0.72
C ALA A 24 -0.27 -5.41 -0.52
N LEU A 25 0.15 -4.31 -1.08
CA LEU A 25 -0.53 -3.79 -2.31
C LEU A 25 -0.41 -4.82 -3.43
N SER A 26 0.65 -5.58 -3.43
CA SER A 26 0.83 -6.62 -4.48
C SER A 26 -0.12 -7.78 -4.21
N LYS A 27 -0.47 -7.98 -2.97
CA LYS A 27 -1.41 -9.09 -2.65
C LYS A 27 -2.81 -8.55 -2.38
N VAL A 28 -3.02 -7.27 -2.58
CA VAL A 28 -4.37 -6.70 -2.34
C VAL A 28 -5.42 -7.46 -3.16
N GLU A 29 -5.49 -7.19 -4.44
CA GLU A 29 -6.50 -7.89 -5.29
C GLU A 29 -6.45 -7.38 -6.73
N GLY A 30 -7.09 -6.26 -6.99
CA GLY A 30 -7.08 -5.71 -8.37
C GLY A 30 -5.78 -4.94 -8.63
N VAL A 31 -4.91 -4.87 -7.67
CA VAL A 31 -3.62 -4.15 -7.86
C VAL A 31 -3.04 -4.46 -9.24
N SER A 32 -2.61 -3.46 -9.93
CA SER A 32 -2.01 -3.67 -11.27
C SER A 32 -0.52 -3.38 -11.19
N LYS A 33 -0.11 -2.69 -10.17
CA LYS A 33 1.33 -2.38 -10.00
C LYS A 33 1.57 -1.83 -8.59
N VAL A 34 2.78 -1.90 -8.10
CA VAL A 34 3.03 -1.39 -6.72
C VAL A 34 4.48 -0.96 -6.54
N ASP A 35 4.69 0.07 -5.77
CA ASP A 35 6.07 0.56 -5.50
C ASP A 35 6.13 0.98 -4.03
N VAL A 36 7.26 0.97 -3.42
CA VAL A 36 7.27 1.36 -1.98
C VAL A 36 8.62 1.89 -1.53
N GLY A 37 8.61 2.63 -0.47
CA GLY A 37 9.86 3.18 0.10
C GLY A 37 9.91 2.74 1.55
N PHE A 38 10.36 1.52 1.77
CA PHE A 38 10.39 0.95 3.14
C PHE A 38 10.75 2.01 4.19
N GLU A 39 11.97 2.06 4.64
CA GLU A 39 12.38 3.06 5.68
C GLU A 39 11.55 4.33 5.58
N LYS A 40 11.33 4.81 4.39
CA LYS A 40 10.50 6.05 4.24
C LYS A 40 9.03 5.64 4.07
N ARG A 41 8.55 4.80 4.97
CA ARG A 41 7.14 4.30 4.93
C ARG A 41 6.26 5.02 3.92
N GLU A 42 6.42 4.72 2.66
CA GLU A 42 5.58 5.38 1.61
C GLU A 42 5.36 4.44 0.43
N ALA A 43 4.15 3.94 0.24
CA ALA A 43 3.90 3.01 -0.89
C ALA A 43 3.03 3.66 -1.98
N VAL A 44 3.49 3.64 -3.20
CA VAL A 44 2.68 4.23 -4.31
C VAL A 44 2.15 3.07 -5.15
N VAL A 45 0.86 2.96 -5.28
CA VAL A 45 0.30 1.80 -6.03
C VAL A 45 -0.65 2.19 -7.15
N THR A 46 -0.76 1.31 -8.10
CA THR A 46 -1.69 1.50 -9.24
C THR A 46 -2.64 0.31 -9.21
N PHE A 47 -3.83 0.43 -9.71
CA PHE A 47 -4.71 -0.75 -9.65
C PHE A 47 -6.00 -0.51 -10.43
N ASP A 48 -6.84 -1.51 -10.44
CA ASP A 48 -8.15 -1.39 -11.14
C ASP A 48 -9.22 -1.26 -10.06
N ASP A 49 -9.85 -0.12 -9.98
CA ASP A 49 -10.88 0.08 -8.93
C ASP A 49 -12.05 -0.91 -9.10
N THR A 50 -12.08 -1.63 -10.19
CA THR A 50 -13.20 -2.60 -10.39
C THR A 50 -13.04 -3.79 -9.44
N LYS A 51 -11.92 -3.89 -8.78
CA LYS A 51 -11.70 -5.03 -7.84
C LYS A 51 -11.15 -4.52 -6.51
N ALA A 52 -10.27 -3.57 -6.57
CA ALA A 52 -9.69 -3.00 -5.33
C ALA A 52 -9.92 -1.49 -5.30
N SER A 53 -9.29 -0.80 -4.39
CA SER A 53 -9.48 0.68 -4.31
C SER A 53 -8.48 1.30 -3.36
N VAL A 54 -8.15 2.55 -3.55
CA VAL A 54 -7.18 3.22 -2.65
C VAL A 54 -7.44 2.82 -1.20
N GLN A 55 -8.68 2.53 -0.87
CA GLN A 55 -8.98 2.10 0.51
C GLN A 55 -8.39 0.71 0.75
N LYS A 56 -8.66 -0.21 -0.14
CA LYS A 56 -8.12 -1.59 0.02
C LYS A 56 -6.58 -1.58 -0.01
N LEU A 57 -5.97 -0.57 -0.58
CA LEU A 57 -4.48 -0.55 -0.60
C LEU A 57 -4.00 -0.23 0.82
N THR A 58 -4.52 0.82 1.39
CA THR A 58 -4.15 1.17 2.79
C THR A 58 -4.66 0.07 3.71
N LYS A 59 -5.61 -0.70 3.24
CA LYS A 59 -6.15 -1.80 4.06
C LYS A 59 -5.22 -3.01 3.95
N ALA A 60 -4.48 -3.08 2.87
CA ALA A 60 -3.53 -4.22 2.71
C ALA A 60 -2.37 -4.04 3.67
N THR A 61 -1.85 -2.85 3.77
CA THR A 61 -0.74 -2.61 4.72
C THR A 61 -1.34 -2.55 6.12
N ALA A 62 -2.50 -1.95 6.22
CA ALA A 62 -3.16 -1.89 7.54
C ALA A 62 -3.45 -3.32 7.97
N ASP A 63 -3.58 -4.21 7.00
CA ASP A 63 -3.83 -5.63 7.33
C ASP A 63 -2.50 -6.31 7.62
N ALA A 64 -1.43 -5.78 7.08
CA ALA A 64 -0.10 -6.39 7.34
C ALA A 64 0.25 -6.10 8.80
N GLY A 65 -0.39 -5.12 9.37
CA GLY A 65 -0.10 -4.77 10.78
C GLY A 65 0.54 -3.38 10.82
N TYR A 66 0.22 -2.56 9.86
CA TYR A 66 0.83 -1.20 9.82
C TYR A 66 -0.25 -0.16 9.53
N PRO A 67 -0.89 0.32 10.58
CA PRO A 67 -1.94 1.32 10.42
C PRO A 67 -1.41 2.48 9.58
N SER A 68 -1.73 2.51 8.33
CA SER A 68 -1.20 3.59 7.44
C SER A 68 -2.30 4.60 7.08
N SER A 69 -2.00 5.44 6.13
CA SER A 69 -2.98 6.47 5.69
C SER A 69 -2.71 6.76 4.21
N VAL A 70 -3.71 6.72 3.39
CA VAL A 70 -3.47 6.96 1.95
C VAL A 70 -3.81 8.39 1.58
N LYS A 71 -3.26 8.86 0.49
CA LYS A 71 -3.57 10.26 0.10
C LYS A 71 -3.81 10.37 -1.40
N GLN A 72 -4.58 9.48 -1.94
CA GLN A 72 -4.89 9.52 -3.40
C GLN A 72 -3.59 9.57 -4.21
HG HG B . 9.70 -2.18 11.42
#